data_3J1A
# 
_entry.id   3J1A 
# 
_audit_conform.dict_name       mmcif_pdbx.dic 
_audit_conform.dict_version    5.387 
_audit_conform.dict_location   http://mmcif.pdb.org/dictionaries/ascii/mmcif_pdbx.dic 
# 
loop_
_database_2.database_id 
_database_2.database_code 
_database_2.pdbx_database_accession 
_database_2.pdbx_DOI 
PDB   3J1A         pdb_00003j1a 10.2210/pdb3j1a/pdb 
RCSB  RCSB160124   ?            ?                   
WWPDB D_1000160124 ?            ?                   
# 
loop_
_pdbx_audit_revision_history.ordinal 
_pdbx_audit_revision_history.data_content_type 
_pdbx_audit_revision_history.major_revision 
_pdbx_audit_revision_history.minor_revision 
_pdbx_audit_revision_history.revision_date 
1 'Structure model' 1 0 2012-05-30 
2 'Structure model' 1 1 2012-07-25 
3 'Structure model' 1 2 2018-07-18 
4 'Structure model' 1 3 2024-02-21 
# 
_pdbx_audit_revision_details.ordinal             1 
_pdbx_audit_revision_details.revision_ordinal    1 
_pdbx_audit_revision_details.data_content_type   'Structure model' 
_pdbx_audit_revision_details.provider            repository 
_pdbx_audit_revision_details.type                'Initial release' 
_pdbx_audit_revision_details.description         ? 
_pdbx_audit_revision_details.details             ? 
# 
loop_
_pdbx_audit_revision_group.ordinal 
_pdbx_audit_revision_group.revision_ordinal 
_pdbx_audit_revision_group.data_content_type 
_pdbx_audit_revision_group.group 
1 2 'Structure model' 'Database references'    
2 3 'Structure model' 'Data collection'        
3 3 'Structure model' 'Database references'    
4 4 'Structure model' 'Data collection'        
5 4 'Structure model' 'Database references'    
6 4 'Structure model' 'Derived calculations'   
7 4 'Structure model' 'Refinement description' 
# 
loop_
_pdbx_audit_revision_category.ordinal 
_pdbx_audit_revision_category.revision_ordinal 
_pdbx_audit_revision_category.data_content_type 
_pdbx_audit_revision_category.category 
1 3 'Structure model' em_image_scans                
2 3 'Structure model' em_software                   
3 3 'Structure model' struct_ref_seq                
4 4 'Structure model' chem_comp_atom                
5 4 'Structure model' chem_comp_bond                
6 4 'Structure model' database_2                    
7 4 'Structure model' em_3d_fitting_list            
8 4 'Structure model' pdbx_initial_refinement_model 
9 4 'Structure model' pdbx_struct_oper_list         
# 
loop_
_pdbx_audit_revision_item.ordinal 
_pdbx_audit_revision_item.revision_ordinal 
_pdbx_audit_revision_item.data_content_type 
_pdbx_audit_revision_item.item 
1  3 'Structure model' '_em_software.image_processing_id'                
2  3 'Structure model' '_struct_ref_seq.db_align_beg'                    
3  3 'Structure model' '_struct_ref_seq.db_align_end'                    
4  4 'Structure model' '_database_2.pdbx_DOI'                            
5  4 'Structure model' '_database_2.pdbx_database_accession'             
6  4 'Structure model' '_em_3d_fitting_list.accession_code'              
7  4 'Structure model' '_em_3d_fitting_list.initial_refinement_model_id' 
8  4 'Structure model' '_em_3d_fitting_list.source_name'                 
9  4 'Structure model' '_em_3d_fitting_list.type'                        
10 4 'Structure model' '_pdbx_struct_oper_list.name'                     
11 4 'Structure model' '_pdbx_struct_oper_list.symmetry_operation'       
12 4 'Structure model' '_pdbx_struct_oper_list.type'                     
# 
_pdbx_database_status.status_code                     REL 
_pdbx_database_status.entry_id                        3J1A 
_pdbx_database_status.recvd_initial_deposition_date   2012-01-31 
_pdbx_database_status.deposit_site                    RCSB 
_pdbx_database_status.process_site                    RCSB 
_pdbx_database_status.status_code_sf                  ? 
_pdbx_database_status.status_code_mr                  ? 
_pdbx_database_status.SG_entry                        ? 
_pdbx_database_status.status_code_cs                  ? 
_pdbx_database_status.methods_development_category    ? 
_pdbx_database_status.pdb_format_compatible           Y 
_pdbx_database_status.status_code_nmr_data            ? 
# 
_pdbx_database_related.db_name        EMDB 
_pdbx_database_related.db_id          EMD-5388 
_pdbx_database_related.content_type   'associated EM volume' 
_pdbx_database_related.details        . 
# 
loop_
_audit_author.name 
_audit_author.pdbx_ordinal 
'Shen, P.S.'      1 
'Domek, M.J.'     2 
'Sanz-Garcia, E.' 3 
'Makaju, A.'      4 
'Taylor, R.'      5 
'Culumber, M.'    6 
'Breakwell, D.P.' 7 
'Prince, J.T.'    8 
'Belnap, D.M.'    9 
# 
_citation.id                        primary 
_citation.title                     
'Sequence and Structural Characterization of Great Salt Lake Bacteriophage CW02, a Member of the T7-Like Supergroup.' 
_citation.journal_abbrev            J.Virol. 
_citation.journal_volume            86 
_citation.page_first                7907 
_citation.page_last                 7917 
_citation.year                      2012 
_citation.journal_id_ASTM           JOVIAM 
_citation.country                   US 
_citation.journal_id_ISSN           0022-538X 
_citation.journal_id_CSD            0825 
_citation.book_publisher            ? 
_citation.pdbx_database_id_PubMed   22593163 
_citation.pdbx_database_id_DOI      10.1128/JVI.00407-12 
# 
loop_
_citation_author.citation_id 
_citation_author.name 
_citation_author.ordinal 
_citation_author.identifier_ORCID 
primary 'Shen, P.S.'      1  ? 
primary 'Domek, M.J.'     2  ? 
primary 'Sanz-Garcia, E.' 3  ? 
primary 'Makaju, A.'      4  ? 
primary 'Taylor, R.M.'    5  ? 
primary 'Hoggan, R.'      6  ? 
primary 'Culumber, M.D.'  7  ? 
primary 'Oberg, C.J.'     8  ? 
primary 'Breakwell, D.P.' 9  ? 
primary 'Prince, J.T.'    10 ? 
primary 'Belnap, D.M.'    11 ? 
# 
_entity.id                         1 
_entity.type                       polymer 
_entity.src_method                 nat 
_entity.pdbx_description           'capsid protein' 
_entity.formula_weight             21944.676 
_entity.pdbx_number_of_molecules   7 
_entity.pdbx_ec                    ? 
_entity.pdbx_mutation              ? 
_entity.pdbx_fragment              'SEE REMARK 999' 
_entity.details                    ? 
# 
_entity_name_com.entity_id   1 
_entity_name_com.name        'HK97 fold' 
# 
_entity_poly.entity_id                      1 
_entity_poly.type                           'polypeptide(L)' 
_entity_poly.nstd_linkage                   no 
_entity_poly.nstd_monomer                   no 
_entity_poly.pdbx_seq_one_letter_code       
;NVKTIAHWVQASRQVMDDAPMLQSYINNRLMYGLALKEEGQLLNGDGTGDNLEGLNKVATAYDTSLNATGDTRADIIAHA
IYQVTESEFSASGIVLNPRDWHNIALLKDNEGRYIFGGPQAFTSNIMWGLPVVPTKAQAAGTFTVGGFDMASQVWDRMDA
TVEVSREDRDNFVKNMLTILCEERLALAHYRPTAIIKGT
;
_entity_poly.pdbx_seq_one_letter_code_can   
;NVKTIAHWVQASRQVMDDAPMLQSYINNRLMYGLALKEEGQLLNGDGTGDNLEGLNKVATAYDTSLNATGDTRADIIAHA
IYQVTESEFSASGIVLNPRDWHNIALLKDNEGRYIFGGPQAFTSNIMWGLPVVPTKAQAAGTFTVGGFDMASQVWDRMDA
TVEVSREDRDNFVKNMLTILCEERLALAHYRPTAIIKGT
;
_entity_poly.pdbx_strand_id                 A,B,C,D,E,F,G 
_entity_poly.pdbx_target_identifier         ? 
# 
loop_
_entity_poly_seq.entity_id 
_entity_poly_seq.num 
_entity_poly_seq.mon_id 
_entity_poly_seq.hetero 
1 1   ASN n 
1 2   VAL n 
1 3   LYS n 
1 4   THR n 
1 5   ILE n 
1 6   ALA n 
1 7   HIS n 
1 8   TRP n 
1 9   VAL n 
1 10  GLN n 
1 11  ALA n 
1 12  SER n 
1 13  ARG n 
1 14  GLN n 
1 15  VAL n 
1 16  MET n 
1 17  ASP n 
1 18  ASP n 
1 19  ALA n 
1 20  PRO n 
1 21  MET n 
1 22  LEU n 
1 23  GLN n 
1 24  SER n 
1 25  TYR n 
1 26  ILE n 
1 27  ASN n 
1 28  ASN n 
1 29  ARG n 
1 30  LEU n 
1 31  MET n 
1 32  TYR n 
1 33  GLY n 
1 34  LEU n 
1 35  ALA n 
1 36  LEU n 
1 37  LYS n 
1 38  GLU n 
1 39  GLU n 
1 40  GLY n 
1 41  GLN n 
1 42  LEU n 
1 43  LEU n 
1 44  ASN n 
1 45  GLY n 
1 46  ASP n 
1 47  GLY n 
1 48  THR n 
1 49  GLY n 
1 50  ASP n 
1 51  ASN n 
1 52  LEU n 
1 53  GLU n 
1 54  GLY n 
1 55  LEU n 
1 56  ASN n 
1 57  LYS n 
1 58  VAL n 
1 59  ALA n 
1 60  THR n 
1 61  ALA n 
1 62  TYR n 
1 63  ASP n 
1 64  THR n 
1 65  SER n 
1 66  LEU n 
1 67  ASN n 
1 68  ALA n 
1 69  THR n 
1 70  GLY n 
1 71  ASP n 
1 72  THR n 
1 73  ARG n 
1 74  ALA n 
1 75  ASP n 
1 76  ILE n 
1 77  ILE n 
1 78  ALA n 
1 79  HIS n 
1 80  ALA n 
1 81  ILE n 
1 82  TYR n 
1 83  GLN n 
1 84  VAL n 
1 85  THR n 
1 86  GLU n 
1 87  SER n 
1 88  GLU n 
1 89  PHE n 
1 90  SER n 
1 91  ALA n 
1 92  SER n 
1 93  GLY n 
1 94  ILE n 
1 95  VAL n 
1 96  LEU n 
1 97  ASN n 
1 98  PRO n 
1 99  ARG n 
1 100 ASP n 
1 101 TRP n 
1 102 HIS n 
1 103 ASN n 
1 104 ILE n 
1 105 ALA n 
1 106 LEU n 
1 107 LEU n 
1 108 LYS n 
1 109 ASP n 
1 110 ASN n 
1 111 GLU n 
1 112 GLY n 
1 113 ARG n 
1 114 TYR n 
1 115 ILE n 
1 116 PHE n 
1 117 GLY n 
1 118 GLY n 
1 119 PRO n 
1 120 GLN n 
1 121 ALA n 
1 122 PHE n 
1 123 THR n 
1 124 SER n 
1 125 ASN n 
1 126 ILE n 
1 127 MET n 
1 128 TRP n 
1 129 GLY n 
1 130 LEU n 
1 131 PRO n 
1 132 VAL n 
1 133 VAL n 
1 134 PRO n 
1 135 THR n 
1 136 LYS n 
1 137 ALA n 
1 138 GLN n 
1 139 ALA n 
1 140 ALA n 
1 141 GLY n 
1 142 THR n 
1 143 PHE n 
1 144 THR n 
1 145 VAL n 
1 146 GLY n 
1 147 GLY n 
1 148 PHE n 
1 149 ASP n 
1 150 MET n 
1 151 ALA n 
1 152 SER n 
1 153 GLN n 
1 154 VAL n 
1 155 TRP n 
1 156 ASP n 
1 157 ARG n 
1 158 MET n 
1 159 ASP n 
1 160 ALA n 
1 161 THR n 
1 162 VAL n 
1 163 GLU n 
1 164 VAL n 
1 165 SER n 
1 166 ARG n 
1 167 GLU n 
1 168 ASP n 
1 169 ARG n 
1 170 ASP n 
1 171 ASN n 
1 172 PHE n 
1 173 VAL n 
1 174 LYS n 
1 175 ASN n 
1 176 MET n 
1 177 LEU n 
1 178 THR n 
1 179 ILE n 
1 180 LEU n 
1 181 CYS n 
1 182 GLU n 
1 183 GLU n 
1 184 ARG n 
1 185 LEU n 
1 186 ALA n 
1 187 LEU n 
1 188 ALA n 
1 189 HIS n 
1 190 TYR n 
1 191 ARG n 
1 192 PRO n 
1 193 THR n 
1 194 ALA n 
1 195 ILE n 
1 196 ILE n 
1 197 LYS n 
1 198 GLY n 
1 199 THR n 
# 
_entity_src_nat.entity_id                  1 
_entity_src_nat.pdbx_src_id                1 
_entity_src_nat.pdbx_alt_source_flag       sample 
_entity_src_nat.pdbx_beg_seq_num           ? 
_entity_src_nat.pdbx_end_seq_num           ? 
_entity_src_nat.common_name                ? 
_entity_src_nat.pdbx_organism_scientific   'Great Salt Lake bacteriophage CW02' 
_entity_src_nat.pdbx_ncbi_taxonomy_id      32644 
_entity_src_nat.genus                      ? 
_entity_src_nat.species                    ? 
_entity_src_nat.strain                     ? 
_entity_src_nat.tissue                     ? 
_entity_src_nat.tissue_fraction            ? 
_entity_src_nat.pdbx_secretion             ? 
_entity_src_nat.pdbx_fragment              ? 
_entity_src_nat.pdbx_variant               ? 
_entity_src_nat.pdbx_cell_line             ? 
_entity_src_nat.pdbx_atcc                  ? 
_entity_src_nat.pdbx_cellular_location     ? 
_entity_src_nat.pdbx_organ                 ? 
_entity_src_nat.pdbx_organelle             ? 
_entity_src_nat.pdbx_cell                  ? 
_entity_src_nat.pdbx_plasmid_name          ? 
_entity_src_nat.pdbx_plasmid_details       ? 
_entity_src_nat.details                    ? 
# 
loop_
_chem_comp.id 
_chem_comp.type 
_chem_comp.mon_nstd_flag 
_chem_comp.name 
_chem_comp.pdbx_synonyms 
_chem_comp.formula 
_chem_comp.formula_weight 
ALA 'L-peptide linking' y ALANINE         ? 'C3 H7 N O2'     89.093  
ARG 'L-peptide linking' y ARGININE        ? 'C6 H15 N4 O2 1' 175.209 
ASN 'L-peptide linking' y ASPARAGINE      ? 'C4 H8 N2 O3'    132.118 
ASP 'L-peptide linking' y 'ASPARTIC ACID' ? 'C4 H7 N O4'     133.103 
CYS 'L-peptide linking' y CYSTEINE        ? 'C3 H7 N O2 S'   121.158 
GLN 'L-peptide linking' y GLUTAMINE       ? 'C5 H10 N2 O3'   146.144 
GLU 'L-peptide linking' y 'GLUTAMIC ACID' ? 'C5 H9 N O4'     147.129 
GLY 'peptide linking'   y GLYCINE         ? 'C2 H5 N O2'     75.067  
HIS 'L-peptide linking' y HISTIDINE       ? 'C6 H10 N3 O2 1' 156.162 
ILE 'L-peptide linking' y ISOLEUCINE      ? 'C6 H13 N O2'    131.173 
LEU 'L-peptide linking' y LEUCINE         ? 'C6 H13 N O2'    131.173 
LYS 'L-peptide linking' y LYSINE          ? 'C6 H15 N2 O2 1' 147.195 
MET 'L-peptide linking' y METHIONINE      ? 'C5 H11 N O2 S'  149.211 
PHE 'L-peptide linking' y PHENYLALANINE   ? 'C9 H11 N O2'    165.189 
PRO 'L-peptide linking' y PROLINE         ? 'C5 H9 N O2'     115.130 
SER 'L-peptide linking' y SERINE          ? 'C3 H7 N O3'     105.093 
THR 'L-peptide linking' y THREONINE       ? 'C4 H9 N O3'     119.119 
TRP 'L-peptide linking' y TRYPTOPHAN      ? 'C11 H12 N2 O2'  204.225 
TYR 'L-peptide linking' y TYROSINE        ? 'C9 H11 N O3'    181.189 
VAL 'L-peptide linking' y VALINE          ? 'C5 H11 N O2'    117.146 
# 
loop_
_pdbx_poly_seq_scheme.asym_id 
_pdbx_poly_seq_scheme.entity_id 
_pdbx_poly_seq_scheme.seq_id 
_pdbx_poly_seq_scheme.mon_id 
_pdbx_poly_seq_scheme.ndb_seq_num 
_pdbx_poly_seq_scheme.pdb_seq_num 
_pdbx_poly_seq_scheme.auth_seq_num 
_pdbx_poly_seq_scheme.pdb_mon_id 
_pdbx_poly_seq_scheme.auth_mon_id 
_pdbx_poly_seq_scheme.pdb_strand_id 
_pdbx_poly_seq_scheme.pdb_ins_code 
_pdbx_poly_seq_scheme.hetero 
A 1 1   ASN 1   182 ?   ?   ?   A . n 
A 1 2   VAL 2   183 ?   ?   ?   A . n 
A 1 3   LYS 3   184 184 LYS LYS A . n 
A 1 4   THR 4   185 185 THR THR A . n 
A 1 5   ILE 5   186 186 ILE ILE A . n 
A 1 6   ALA 6   187 187 ALA ALA A . n 
A 1 7   HIS 7   188 188 HIS HIS A . n 
A 1 8   TRP 8   189 189 TRP TRP A . n 
A 1 9   VAL 9   190 190 VAL VAL A . n 
A 1 10  GLN 10  191 191 GLN GLN A . n 
A 1 11  ALA 11  192 192 ALA ALA A . n 
A 1 12  SER 12  193 193 SER SER A . n 
A 1 13  ARG 13  194 194 ARG ARG A . n 
A 1 14  GLN 14  195 195 GLN GLN A . n 
A 1 15  VAL 15  196 196 VAL VAL A . n 
A 1 16  MET 16  197 197 MET MET A . n 
A 1 17  ASP 17  198 198 ASP ASP A . n 
A 1 18  ASP 18  199 199 ASP ASP A . n 
A 1 19  ALA 19  200 200 ALA ALA A . n 
A 1 20  PRO 20  201 201 PRO PRO A . n 
A 1 21  MET 21  202 202 MET MET A . n 
A 1 22  LEU 22  203 203 LEU LEU A . n 
A 1 23  GLN 23  204 204 GLN GLN A . n 
A 1 24  SER 24  205 205 SER SER A . n 
A 1 25  TYR 25  206 206 TYR TYR A . n 
A 1 26  ILE 26  207 207 ILE ILE A . n 
A 1 27  ASN 27  208 208 ASN ASN A . n 
A 1 28  ASN 28  209 209 ASN ASN A . n 
A 1 29  ARG 29  210 210 ARG ARG A . n 
A 1 30  LEU 30  211 211 LEU LEU A . n 
A 1 31  MET 31  212 212 MET MET A . n 
A 1 32  TYR 32  213 213 TYR TYR A . n 
A 1 33  GLY 33  214 214 GLY GLY A . n 
A 1 34  LEU 34  215 215 LEU LEU A . n 
A 1 35  ALA 35  216 216 ALA ALA A . n 
A 1 36  LEU 36  217 217 LEU LEU A . n 
A 1 37  LYS 37  218 218 LYS LYS A . n 
A 1 38  GLU 38  219 219 GLU GLU A . n 
A 1 39  GLU 39  220 220 GLU GLU A . n 
A 1 40  GLY 40  221 221 GLY GLY A . n 
A 1 41  GLN 41  222 222 GLN GLN A . n 
A 1 42  LEU 42  223 223 LEU LEU A . n 
A 1 43  LEU 43  224 224 LEU LEU A . n 
A 1 44  ASN 44  225 225 ASN ASN A . n 
A 1 45  GLY 45  226 ?   ?   ?   A . n 
A 1 46  ASP 46  227 ?   ?   ?   A . n 
A 1 47  GLY 47  228 ?   ?   ?   A . n 
A 1 48  THR 48  229 ?   ?   ?   A . n 
A 1 49  GLY 49  230 ?   ?   ?   A . n 
A 1 50  ASP 50  231 ?   ?   ?   A . n 
A 1 51  ASN 51  232 ?   ?   ?   A . n 
A 1 52  LEU 52  233 ?   ?   ?   A . n 
A 1 53  GLU 53  234 ?   ?   ?   A . n 
A 1 54  GLY 54  235 ?   ?   ?   A . n 
A 1 55  LEU 55  236 ?   ?   ?   A . n 
A 1 56  ASN 56  237 ?   ?   ?   A . n 
A 1 57  LYS 57  238 ?   ?   ?   A . n 
A 1 58  VAL 58  239 ?   ?   ?   A . n 
A 1 59  ALA 59  240 ?   ?   ?   A . n 
A 1 60  THR 60  241 ?   ?   ?   A . n 
A 1 61  ALA 61  242 ?   ?   ?   A . n 
A 1 62  TYR 62  243 ?   ?   ?   A . n 
A 1 63  ASP 63  244 ?   ?   ?   A . n 
A 1 64  THR 64  245 ?   ?   ?   A . n 
A 1 65  SER 65  246 ?   ?   ?   A . n 
A 1 66  LEU 66  247 ?   ?   ?   A . n 
A 1 67  ASN 67  248 ?   ?   ?   A . n 
A 1 68  ALA 68  249 ?   ?   ?   A . n 
A 1 69  THR 69  250 ?   ?   ?   A . n 
A 1 70  GLY 70  251 ?   ?   ?   A . n 
A 1 71  ASP 71  252 ?   ?   ?   A . n 
A 1 72  THR 72  253 ?   ?   ?   A . n 
A 1 73  ARG 73  254 ?   ?   ?   A . n 
A 1 74  ALA 74  255 255 ALA ALA A . n 
A 1 75  ASP 75  256 256 ASP ASP A . n 
A 1 76  ILE 76  257 257 ILE ILE A . n 
A 1 77  ILE 77  258 258 ILE ILE A . n 
A 1 78  ALA 78  259 259 ALA ALA A . n 
A 1 79  HIS 79  260 260 HIS HIS A . n 
A 1 80  ALA 80  261 261 ALA ALA A . n 
A 1 81  ILE 81  262 262 ILE ILE A . n 
A 1 82  TYR 82  263 263 TYR TYR A . n 
A 1 83  GLN 83  264 264 GLN GLN A . n 
A 1 84  VAL 84  265 265 VAL VAL A . n 
A 1 85  THR 85  266 266 THR THR A . n 
A 1 86  GLU 86  267 267 GLU GLU A . n 
A 1 87  SER 87  268 268 SER SER A . n 
A 1 88  GLU 88  269 269 GLU GLU A . n 
A 1 89  PHE 89  270 ?   ?   ?   A . n 
A 1 90  SER 90  271 ?   ?   ?   A . n 
A 1 91  ALA 91  272 ?   ?   ?   A . n 
A 1 92  SER 92  273 ?   ?   ?   A . n 
A 1 93  GLY 93  274 274 GLY GLY A . n 
A 1 94  ILE 94  275 275 ILE ILE A . n 
A 1 95  VAL 95  276 276 VAL VAL A . n 
A 1 96  LEU 96  277 277 LEU LEU A . n 
A 1 97  ASN 97  278 278 ASN ASN A . n 
A 1 98  PRO 98  279 279 PRO PRO A . n 
A 1 99  ARG 99  280 280 ARG ARG A . n 
A 1 100 ASP 100 281 281 ASP ASP A . n 
A 1 101 TRP 101 282 282 TRP TRP A . n 
A 1 102 HIS 102 283 283 HIS HIS A . n 
A 1 103 ASN 103 284 284 ASN ASN A . n 
A 1 104 ILE 104 285 285 ILE ILE A . n 
A 1 105 ALA 105 286 286 ALA ALA A . n 
A 1 106 LEU 106 287 287 LEU LEU A . n 
A 1 107 LEU 107 288 ?   ?   ?   A . n 
A 1 108 LYS 108 289 ?   ?   ?   A . n 
A 1 109 ASP 109 290 ?   ?   ?   A . n 
A 1 110 ASN 110 291 ?   ?   ?   A . n 
A 1 111 GLU 111 292 ?   ?   ?   A . n 
A 1 112 GLY 112 293 ?   ?   ?   A . n 
A 1 113 ARG 113 294 ?   ?   ?   A . n 
A 1 114 TYR 114 295 ?   ?   ?   A . n 
A 1 115 ILE 115 296 ?   ?   ?   A . n 
A 1 116 PHE 116 297 ?   ?   ?   A . n 
A 1 117 GLY 117 298 ?   ?   ?   A . n 
A 1 118 GLY 118 299 ?   ?   ?   A . n 
A 1 119 PRO 119 300 ?   ?   ?   A . n 
A 1 120 GLN 120 301 ?   ?   ?   A . n 
A 1 121 ALA 121 302 ?   ?   ?   A . n 
A 1 122 PHE 122 303 ?   ?   ?   A . n 
A 1 123 THR 123 304 ?   ?   ?   A . n 
A 1 124 SER 124 305 ?   ?   ?   A . n 
A 1 125 ASN 125 306 ?   ?   ?   A . n 
A 1 126 ILE 126 307 307 ILE ILE A . n 
A 1 127 MET 127 308 308 MET MET A . n 
A 1 128 TRP 128 309 309 TRP TRP A . n 
A 1 129 GLY 129 310 310 GLY GLY A . n 
A 1 130 LEU 130 311 311 LEU LEU A . n 
A 1 131 PRO 131 312 312 PRO PRO A . n 
A 1 132 VAL 132 313 313 VAL VAL A . n 
A 1 133 VAL 133 314 314 VAL VAL A . n 
A 1 134 PRO 134 315 315 PRO PRO A . n 
A 1 135 THR 135 316 ?   ?   ?   A . n 
A 1 136 LYS 136 317 ?   ?   ?   A . n 
A 1 137 ALA 137 318 ?   ?   ?   A . n 
A 1 138 GLN 138 319 ?   ?   ?   A . n 
A 1 139 ALA 139 320 ?   ?   ?   A . n 
A 1 140 ALA 140 321 ?   ?   ?   A . n 
A 1 141 GLY 141 322 ?   ?   ?   A . n 
A 1 142 THR 142 323 323 THR THR A . n 
A 1 143 PHE 143 324 324 PHE PHE A . n 
A 1 144 THR 144 325 325 THR THR A . n 
A 1 145 VAL 145 326 326 VAL VAL A . n 
A 1 146 GLY 146 327 327 GLY GLY A . n 
A 1 147 GLY 147 328 328 GLY GLY A . n 
A 1 148 PHE 148 329 329 PHE PHE A . n 
A 1 149 ASP 149 330 330 ASP ASP A . n 
A 1 150 MET 150 331 331 MET MET A . n 
A 1 151 ALA 151 332 332 ALA ALA A . n 
A 1 152 SER 152 333 333 SER SER A . n 
A 1 153 GLN 153 334 334 GLN GLN A . n 
A 1 154 VAL 154 335 335 VAL VAL A . n 
A 1 155 TRP 155 336 336 TRP TRP A . n 
A 1 156 ASP 156 337 337 ASP ASP A . n 
A 1 157 ARG 157 338 338 ARG ARG A . n 
A 1 158 MET 158 339 339 MET MET A . n 
A 1 159 ASP 159 340 340 ASP ASP A . n 
A 1 160 ALA 160 341 341 ALA ALA A . n 
A 1 161 THR 161 342 342 THR THR A . n 
A 1 162 VAL 162 343 343 VAL VAL A . n 
A 1 163 GLU 163 344 344 GLU GLU A . n 
A 1 164 VAL 164 345 345 VAL VAL A . n 
A 1 165 SER 165 346 346 SER SER A . n 
A 1 166 ARG 166 347 ?   ?   ?   A . n 
A 1 167 GLU 167 348 ?   ?   ?   A . n 
A 1 168 ASP 168 349 ?   ?   ?   A . n 
A 1 169 ARG 169 350 ?   ?   ?   A . n 
A 1 170 ASP 170 351 ?   ?   ?   A . n 
A 1 171 ASN 171 352 ?   ?   ?   A . n 
A 1 172 PHE 172 353 ?   ?   ?   A . n 
A 1 173 VAL 173 354 ?   ?   ?   A . n 
A 1 174 LYS 174 355 ?   ?   ?   A . n 
A 1 175 ASN 175 356 ?   ?   ?   A . n 
A 1 176 MET 176 357 357 MET MET A . n 
A 1 177 LEU 177 358 358 LEU LEU A . n 
A 1 178 THR 178 359 359 THR THR A . n 
A 1 179 ILE 179 360 360 ILE ILE A . n 
A 1 180 LEU 180 361 361 LEU LEU A . n 
A 1 181 CYS 181 362 362 CYS CYS A . n 
A 1 182 GLU 182 363 363 GLU GLU A . n 
A 1 183 GLU 183 364 364 GLU GLU A . n 
A 1 184 ARG 184 365 365 ARG ARG A . n 
A 1 185 LEU 185 366 366 LEU LEU A . n 
A 1 186 ALA 186 367 367 ALA ALA A . n 
A 1 187 LEU 187 368 368 LEU LEU A . n 
A 1 188 ALA 188 369 369 ALA ALA A . n 
A 1 189 HIS 189 370 370 HIS HIS A . n 
A 1 190 TYR 190 371 371 TYR TYR A . n 
A 1 191 ARG 191 372 372 ARG ARG A . n 
A 1 192 PRO 192 373 373 PRO PRO A . n 
A 1 193 THR 193 374 374 THR THR A . n 
A 1 194 ALA 194 375 375 ALA ALA A . n 
A 1 195 ILE 195 376 376 ILE ILE A . n 
A 1 196 ILE 196 377 377 ILE ILE A . n 
A 1 197 LYS 197 378 378 LYS LYS A . n 
A 1 198 GLY 198 379 379 GLY GLY A . n 
A 1 199 THR 199 380 380 THR THR A . n 
B 1 1   ASN 1   182 ?   ?   ?   B . n 
B 1 2   VAL 2   183 ?   ?   ?   B . n 
B 1 3   LYS 3   184 184 LYS LYS B . n 
B 1 4   THR 4   185 185 THR THR B . n 
B 1 5   ILE 5   186 186 ILE ILE B . n 
B 1 6   ALA 6   187 187 ALA ALA B . n 
B 1 7   HIS 7   188 188 HIS HIS B . n 
B 1 8   TRP 8   189 189 TRP TRP B . n 
B 1 9   VAL 9   190 190 VAL VAL B . n 
B 1 10  GLN 10  191 191 GLN GLN B . n 
B 1 11  ALA 11  192 192 ALA ALA B . n 
B 1 12  SER 12  193 193 SER SER B . n 
B 1 13  ARG 13  194 194 ARG ARG B . n 
B 1 14  GLN 14  195 195 GLN GLN B . n 
B 1 15  VAL 15  196 196 VAL VAL B . n 
B 1 16  MET 16  197 197 MET MET B . n 
B 1 17  ASP 17  198 198 ASP ASP B . n 
B 1 18  ASP 18  199 199 ASP ASP B . n 
B 1 19  ALA 19  200 200 ALA ALA B . n 
B 1 20  PRO 20  201 201 PRO PRO B . n 
B 1 21  MET 21  202 202 MET MET B . n 
B 1 22  LEU 22  203 203 LEU LEU B . n 
B 1 23  GLN 23  204 204 GLN GLN B . n 
B 1 24  SER 24  205 205 SER SER B . n 
B 1 25  TYR 25  206 206 TYR TYR B . n 
B 1 26  ILE 26  207 207 ILE ILE B . n 
B 1 27  ASN 27  208 208 ASN ASN B . n 
B 1 28  ASN 28  209 209 ASN ASN B . n 
B 1 29  ARG 29  210 210 ARG ARG B . n 
B 1 30  LEU 30  211 211 LEU LEU B . n 
B 1 31  MET 31  212 212 MET MET B . n 
B 1 32  TYR 32  213 213 TYR TYR B . n 
B 1 33  GLY 33  214 214 GLY GLY B . n 
B 1 34  LEU 34  215 215 LEU LEU B . n 
B 1 35  ALA 35  216 216 ALA ALA B . n 
B 1 36  LEU 36  217 217 LEU LEU B . n 
B 1 37  LYS 37  218 218 LYS LYS B . n 
B 1 38  GLU 38  219 219 GLU GLU B . n 
B 1 39  GLU 39  220 220 GLU GLU B . n 
B 1 40  GLY 40  221 221 GLY GLY B . n 
B 1 41  GLN 41  222 222 GLN GLN B . n 
B 1 42  LEU 42  223 223 LEU LEU B . n 
B 1 43  LEU 43  224 224 LEU LEU B . n 
B 1 44  ASN 44  225 225 ASN ASN B . n 
B 1 45  GLY 45  226 ?   ?   ?   B . n 
B 1 46  ASP 46  227 ?   ?   ?   B . n 
B 1 47  GLY 47  228 ?   ?   ?   B . n 
B 1 48  THR 48  229 ?   ?   ?   B . n 
B 1 49  GLY 49  230 ?   ?   ?   B . n 
B 1 50  ASP 50  231 ?   ?   ?   B . n 
B 1 51  ASN 51  232 ?   ?   ?   B . n 
B 1 52  LEU 52  233 ?   ?   ?   B . n 
B 1 53  GLU 53  234 ?   ?   ?   B . n 
B 1 54  GLY 54  235 ?   ?   ?   B . n 
B 1 55  LEU 55  236 ?   ?   ?   B . n 
B 1 56  ASN 56  237 ?   ?   ?   B . n 
B 1 57  LYS 57  238 ?   ?   ?   B . n 
B 1 58  VAL 58  239 ?   ?   ?   B . n 
B 1 59  ALA 59  240 ?   ?   ?   B . n 
B 1 60  THR 60  241 ?   ?   ?   B . n 
B 1 61  ALA 61  242 ?   ?   ?   B . n 
B 1 62  TYR 62  243 ?   ?   ?   B . n 
B 1 63  ASP 63  244 ?   ?   ?   B . n 
B 1 64  THR 64  245 ?   ?   ?   B . n 
B 1 65  SER 65  246 ?   ?   ?   B . n 
B 1 66  LEU 66  247 ?   ?   ?   B . n 
B 1 67  ASN 67  248 ?   ?   ?   B . n 
B 1 68  ALA 68  249 ?   ?   ?   B . n 
B 1 69  THR 69  250 ?   ?   ?   B . n 
B 1 70  GLY 70  251 ?   ?   ?   B . n 
B 1 71  ASP 71  252 ?   ?   ?   B . n 
B 1 72  THR 72  253 ?   ?   ?   B . n 
B 1 73  ARG 73  254 ?   ?   ?   B . n 
B 1 74  ALA 74  255 255 ALA ALA B . n 
B 1 75  ASP 75  256 256 ASP ASP B . n 
B 1 76  ILE 76  257 257 ILE ILE B . n 
B 1 77  ILE 77  258 258 ILE ILE B . n 
B 1 78  ALA 78  259 259 ALA ALA B . n 
B 1 79  HIS 79  260 260 HIS HIS B . n 
B 1 80  ALA 80  261 261 ALA ALA B . n 
B 1 81  ILE 81  262 262 ILE ILE B . n 
B 1 82  TYR 82  263 263 TYR TYR B . n 
B 1 83  GLN 83  264 264 GLN GLN B . n 
B 1 84  VAL 84  265 265 VAL VAL B . n 
B 1 85  THR 85  266 266 THR THR B . n 
B 1 86  GLU 86  267 267 GLU GLU B . n 
B 1 87  SER 87  268 268 SER SER B . n 
B 1 88  GLU 88  269 269 GLU GLU B . n 
B 1 89  PHE 89  270 ?   ?   ?   B . n 
B 1 90  SER 90  271 ?   ?   ?   B . n 
B 1 91  ALA 91  272 ?   ?   ?   B . n 
B 1 92  SER 92  273 ?   ?   ?   B . n 
B 1 93  GLY 93  274 274 GLY GLY B . n 
B 1 94  ILE 94  275 275 ILE ILE B . n 
B 1 95  VAL 95  276 276 VAL VAL B . n 
B 1 96  LEU 96  277 277 LEU LEU B . n 
B 1 97  ASN 97  278 278 ASN ASN B . n 
B 1 98  PRO 98  279 279 PRO PRO B . n 
B 1 99  ARG 99  280 280 ARG ARG B . n 
B 1 100 ASP 100 281 281 ASP ASP B . n 
B 1 101 TRP 101 282 282 TRP TRP B . n 
B 1 102 HIS 102 283 283 HIS HIS B . n 
B 1 103 ASN 103 284 284 ASN ASN B . n 
B 1 104 ILE 104 285 285 ILE ILE B . n 
B 1 105 ALA 105 286 286 ALA ALA B . n 
B 1 106 LEU 106 287 287 LEU LEU B . n 
B 1 107 LEU 107 288 ?   ?   ?   B . n 
B 1 108 LYS 108 289 ?   ?   ?   B . n 
B 1 109 ASP 109 290 ?   ?   ?   B . n 
B 1 110 ASN 110 291 ?   ?   ?   B . n 
B 1 111 GLU 111 292 ?   ?   ?   B . n 
B 1 112 GLY 112 293 ?   ?   ?   B . n 
B 1 113 ARG 113 294 ?   ?   ?   B . n 
B 1 114 TYR 114 295 ?   ?   ?   B . n 
B 1 115 ILE 115 296 ?   ?   ?   B . n 
B 1 116 PHE 116 297 ?   ?   ?   B . n 
B 1 117 GLY 117 298 ?   ?   ?   B . n 
B 1 118 GLY 118 299 ?   ?   ?   B . n 
B 1 119 PRO 119 300 ?   ?   ?   B . n 
B 1 120 GLN 120 301 ?   ?   ?   B . n 
B 1 121 ALA 121 302 ?   ?   ?   B . n 
B 1 122 PHE 122 303 ?   ?   ?   B . n 
B 1 123 THR 123 304 ?   ?   ?   B . n 
B 1 124 SER 124 305 ?   ?   ?   B . n 
B 1 125 ASN 125 306 ?   ?   ?   B . n 
B 1 126 ILE 126 307 307 ILE ILE B . n 
B 1 127 MET 127 308 308 MET MET B . n 
B 1 128 TRP 128 309 309 TRP TRP B . n 
B 1 129 GLY 129 310 310 GLY GLY B . n 
B 1 130 LEU 130 311 311 LEU LEU B . n 
B 1 131 PRO 131 312 312 PRO PRO B . n 
B 1 132 VAL 132 313 313 VAL VAL B . n 
B 1 133 VAL 133 314 314 VAL VAL B . n 
B 1 134 PRO 134 315 315 PRO PRO B . n 
B 1 135 THR 135 316 ?   ?   ?   B . n 
B 1 136 LYS 136 317 ?   ?   ?   B . n 
B 1 137 ALA 137 318 ?   ?   ?   B . n 
B 1 138 GLN 138 319 ?   ?   ?   B . n 
B 1 139 ALA 139 320 ?   ?   ?   B . n 
B 1 140 ALA 140 321 ?   ?   ?   B . n 
B 1 141 GLY 141 322 ?   ?   ?   B . n 
B 1 142 THR 142 323 323 THR THR B . n 
B 1 143 PHE 143 324 324 PHE PHE B . n 
B 1 144 THR 144 325 325 THR THR B . n 
B 1 145 VAL 145 326 326 VAL VAL B . n 
B 1 146 GLY 146 327 327 GLY GLY B . n 
B 1 147 GLY 147 328 328 GLY GLY B . n 
B 1 148 PHE 148 329 329 PHE PHE B . n 
B 1 149 ASP 149 330 330 ASP ASP B . n 
B 1 150 MET 150 331 331 MET MET B . n 
B 1 151 ALA 151 332 332 ALA ALA B . n 
B 1 152 SER 152 333 333 SER SER B . n 
B 1 153 GLN 153 334 334 GLN GLN B . n 
B 1 154 VAL 154 335 335 VAL VAL B . n 
B 1 155 TRP 155 336 336 TRP TRP B . n 
B 1 156 ASP 156 337 337 ASP ASP B . n 
B 1 157 ARG 157 338 338 ARG ARG B . n 
B 1 158 MET 158 339 339 MET MET B . n 
B 1 159 ASP 159 340 340 ASP ASP B . n 
B 1 160 ALA 160 341 341 ALA ALA B . n 
B 1 161 THR 161 342 342 THR THR B . n 
B 1 162 VAL 162 343 343 VAL VAL B . n 
B 1 163 GLU 163 344 344 GLU GLU B . n 
B 1 164 VAL 164 345 345 VAL VAL B . n 
B 1 165 SER 165 346 346 SER SER B . n 
B 1 166 ARG 166 347 ?   ?   ?   B . n 
B 1 167 GLU 167 348 ?   ?   ?   B . n 
B 1 168 ASP 168 349 ?   ?   ?   B . n 
B 1 169 ARG 169 350 ?   ?   ?   B . n 
B 1 170 ASP 170 351 ?   ?   ?   B . n 
B 1 171 ASN 171 352 ?   ?   ?   B . n 
B 1 172 PHE 172 353 ?   ?   ?   B . n 
B 1 173 VAL 173 354 ?   ?   ?   B . n 
B 1 174 LYS 174 355 ?   ?   ?   B . n 
B 1 175 ASN 175 356 ?   ?   ?   B . n 
B 1 176 MET 176 357 357 MET MET B . n 
B 1 177 LEU 177 358 358 LEU LEU B . n 
B 1 178 THR 178 359 359 THR THR B . n 
B 1 179 ILE 179 360 360 ILE ILE B . n 
B 1 180 LEU 180 361 361 LEU LEU B . n 
B 1 181 CYS 181 362 362 CYS CYS B . n 
B 1 182 GLU 182 363 363 GLU GLU B . n 
B 1 183 GLU 183 364 364 GLU GLU B . n 
B 1 184 ARG 184 365 365 ARG ARG B . n 
B 1 185 LEU 185 366 366 LEU LEU B . n 
B 1 186 ALA 186 367 367 ALA ALA B . n 
B 1 187 LEU 187 368 368 LEU LEU B . n 
B 1 188 ALA 188 369 369 ALA ALA B . n 
B 1 189 HIS 189 370 370 HIS HIS B . n 
B 1 190 TYR 190 371 371 TYR TYR B . n 
B 1 191 ARG 191 372 372 ARG ARG B . n 
B 1 192 PRO 192 373 373 PRO PRO B . n 
B 1 193 THR 193 374 374 THR THR B . n 
B 1 194 ALA 194 375 375 ALA ALA B . n 
B 1 195 ILE 195 376 376 ILE ILE B . n 
B 1 196 ILE 196 377 377 ILE ILE B . n 
B 1 197 LYS 197 378 378 LYS LYS B . n 
B 1 198 GLY 198 379 379 GLY GLY B . n 
B 1 199 THR 199 380 380 THR THR B . n 
C 1 1   ASN 1   182 ?   ?   ?   C . n 
C 1 2   VAL 2   183 ?   ?   ?   C . n 
C 1 3   LYS 3   184 184 LYS LYS C . n 
C 1 4   THR 4   185 185 THR THR C . n 
C 1 5   ILE 5   186 186 ILE ILE C . n 
C 1 6   ALA 6   187 187 ALA ALA C . n 
C 1 7   HIS 7   188 188 HIS HIS C . n 
C 1 8   TRP 8   189 189 TRP TRP C . n 
C 1 9   VAL 9   190 190 VAL VAL C . n 
C 1 10  GLN 10  191 191 GLN GLN C . n 
C 1 11  ALA 11  192 192 ALA ALA C . n 
C 1 12  SER 12  193 193 SER SER C . n 
C 1 13  ARG 13  194 194 ARG ARG C . n 
C 1 14  GLN 14  195 195 GLN GLN C . n 
C 1 15  VAL 15  196 196 VAL VAL C . n 
C 1 16  MET 16  197 197 MET MET C . n 
C 1 17  ASP 17  198 198 ASP ASP C . n 
C 1 18  ASP 18  199 199 ASP ASP C . n 
C 1 19  ALA 19  200 200 ALA ALA C . n 
C 1 20  PRO 20  201 201 PRO PRO C . n 
C 1 21  MET 21  202 202 MET MET C . n 
C 1 22  LEU 22  203 203 LEU LEU C . n 
C 1 23  GLN 23  204 204 GLN GLN C . n 
C 1 24  SER 24  205 205 SER SER C . n 
C 1 25  TYR 25  206 206 TYR TYR C . n 
C 1 26  ILE 26  207 207 ILE ILE C . n 
C 1 27  ASN 27  208 208 ASN ASN C . n 
C 1 28  ASN 28  209 209 ASN ASN C . n 
C 1 29  ARG 29  210 210 ARG ARG C . n 
C 1 30  LEU 30  211 211 LEU LEU C . n 
C 1 31  MET 31  212 212 MET MET C . n 
C 1 32  TYR 32  213 213 TYR TYR C . n 
C 1 33  GLY 33  214 214 GLY GLY C . n 
C 1 34  LEU 34  215 215 LEU LEU C . n 
C 1 35  ALA 35  216 216 ALA ALA C . n 
C 1 36  LEU 36  217 217 LEU LEU C . n 
C 1 37  LYS 37  218 218 LYS LYS C . n 
C 1 38  GLU 38  219 219 GLU GLU C . n 
C 1 39  GLU 39  220 220 GLU GLU C . n 
C 1 40  GLY 40  221 221 GLY GLY C . n 
C 1 41  GLN 41  222 222 GLN GLN C . n 
C 1 42  LEU 42  223 223 LEU LEU C . n 
C 1 43  LEU 43  224 224 LEU LEU C . n 
C 1 44  ASN 44  225 225 ASN ASN C . n 
C 1 45  GLY 45  226 ?   ?   ?   C . n 
C 1 46  ASP 46  227 ?   ?   ?   C . n 
C 1 47  GLY 47  228 ?   ?   ?   C . n 
C 1 48  THR 48  229 ?   ?   ?   C . n 
C 1 49  GLY 49  230 ?   ?   ?   C . n 
C 1 50  ASP 50  231 ?   ?   ?   C . n 
C 1 51  ASN 51  232 ?   ?   ?   C . n 
C 1 52  LEU 52  233 ?   ?   ?   C . n 
C 1 53  GLU 53  234 ?   ?   ?   C . n 
C 1 54  GLY 54  235 ?   ?   ?   C . n 
C 1 55  LEU 55  236 ?   ?   ?   C . n 
C 1 56  ASN 56  237 ?   ?   ?   C . n 
C 1 57  LYS 57  238 ?   ?   ?   C . n 
C 1 58  VAL 58  239 ?   ?   ?   C . n 
C 1 59  ALA 59  240 ?   ?   ?   C . n 
C 1 60  THR 60  241 ?   ?   ?   C . n 
C 1 61  ALA 61  242 ?   ?   ?   C . n 
C 1 62  TYR 62  243 ?   ?   ?   C . n 
C 1 63  ASP 63  244 ?   ?   ?   C . n 
C 1 64  THR 64  245 ?   ?   ?   C . n 
C 1 65  SER 65  246 ?   ?   ?   C . n 
C 1 66  LEU 66  247 ?   ?   ?   C . n 
C 1 67  ASN 67  248 ?   ?   ?   C . n 
C 1 68  ALA 68  249 ?   ?   ?   C . n 
C 1 69  THR 69  250 ?   ?   ?   C . n 
C 1 70  GLY 70  251 ?   ?   ?   C . n 
C 1 71  ASP 71  252 ?   ?   ?   C . n 
C 1 72  THR 72  253 ?   ?   ?   C . n 
C 1 73  ARG 73  254 ?   ?   ?   C . n 
C 1 74  ALA 74  255 255 ALA ALA C . n 
C 1 75  ASP 75  256 256 ASP ASP C . n 
C 1 76  ILE 76  257 257 ILE ILE C . n 
C 1 77  ILE 77  258 258 ILE ILE C . n 
C 1 78  ALA 78  259 259 ALA ALA C . n 
C 1 79  HIS 79  260 260 HIS HIS C . n 
C 1 80  ALA 80  261 261 ALA ALA C . n 
C 1 81  ILE 81  262 262 ILE ILE C . n 
C 1 82  TYR 82  263 263 TYR TYR C . n 
C 1 83  GLN 83  264 264 GLN GLN C . n 
C 1 84  VAL 84  265 265 VAL VAL C . n 
C 1 85  THR 85  266 266 THR THR C . n 
C 1 86  GLU 86  267 267 GLU GLU C . n 
C 1 87  SER 87  268 268 SER SER C . n 
C 1 88  GLU 88  269 269 GLU GLU C . n 
C 1 89  PHE 89  270 ?   ?   ?   C . n 
C 1 90  SER 90  271 ?   ?   ?   C . n 
C 1 91  ALA 91  272 ?   ?   ?   C . n 
C 1 92  SER 92  273 ?   ?   ?   C . n 
C 1 93  GLY 93  274 274 GLY GLY C . n 
C 1 94  ILE 94  275 275 ILE ILE C . n 
C 1 95  VAL 95  276 276 VAL VAL C . n 
C 1 96  LEU 96  277 277 LEU LEU C . n 
C 1 97  ASN 97  278 278 ASN ASN C . n 
C 1 98  PRO 98  279 279 PRO PRO C . n 
C 1 99  ARG 99  280 280 ARG ARG C . n 
C 1 100 ASP 100 281 281 ASP ASP C . n 
C 1 101 TRP 101 282 282 TRP TRP C . n 
C 1 102 HIS 102 283 283 HIS HIS C . n 
C 1 103 ASN 103 284 284 ASN ASN C . n 
C 1 104 ILE 104 285 285 ILE ILE C . n 
C 1 105 ALA 105 286 286 ALA ALA C . n 
C 1 106 LEU 106 287 287 LEU LEU C . n 
C 1 107 LEU 107 288 ?   ?   ?   C . n 
C 1 108 LYS 108 289 ?   ?   ?   C . n 
C 1 109 ASP 109 290 ?   ?   ?   C . n 
C 1 110 ASN 110 291 ?   ?   ?   C . n 
C 1 111 GLU 111 292 ?   ?   ?   C . n 
C 1 112 GLY 112 293 ?   ?   ?   C . n 
C 1 113 ARG 113 294 ?   ?   ?   C . n 
C 1 114 TYR 114 295 ?   ?   ?   C . n 
C 1 115 ILE 115 296 ?   ?   ?   C . n 
C 1 116 PHE 116 297 ?   ?   ?   C . n 
C 1 117 GLY 117 298 ?   ?   ?   C . n 
C 1 118 GLY 118 299 ?   ?   ?   C . n 
C 1 119 PRO 119 300 ?   ?   ?   C . n 
C 1 120 GLN 120 301 ?   ?   ?   C . n 
C 1 121 ALA 121 302 ?   ?   ?   C . n 
C 1 122 PHE 122 303 ?   ?   ?   C . n 
C 1 123 THR 123 304 ?   ?   ?   C . n 
C 1 124 SER 124 305 ?   ?   ?   C . n 
C 1 125 ASN 125 306 ?   ?   ?   C . n 
C 1 126 ILE 126 307 307 ILE ILE C . n 
C 1 127 MET 127 308 308 MET MET C . n 
C 1 128 TRP 128 309 309 TRP TRP C . n 
C 1 129 GLY 129 310 310 GLY GLY C . n 
C 1 130 LEU 130 311 311 LEU LEU C . n 
C 1 131 PRO 131 312 312 PRO PRO C . n 
C 1 132 VAL 132 313 313 VAL VAL C . n 
C 1 133 VAL 133 314 314 VAL VAL C . n 
C 1 134 PRO 134 315 315 PRO PRO C . n 
C 1 135 THR 135 316 ?   ?   ?   C . n 
C 1 136 LYS 136 317 ?   ?   ?   C . n 
C 1 137 ALA 137 318 ?   ?   ?   C . n 
C 1 138 GLN 138 319 ?   ?   ?   C . n 
C 1 139 ALA 139 320 ?   ?   ?   C . n 
C 1 140 ALA 140 321 ?   ?   ?   C . n 
C 1 141 GLY 141 322 ?   ?   ?   C . n 
C 1 142 THR 142 323 323 THR THR C . n 
C 1 143 PHE 143 324 324 PHE PHE C . n 
C 1 144 THR 144 325 325 THR THR C . n 
C 1 145 VAL 145 326 326 VAL VAL C . n 
C 1 146 GLY 146 327 327 GLY GLY C . n 
C 1 147 GLY 147 328 328 GLY GLY C . n 
C 1 148 PHE 148 329 329 PHE PHE C . n 
C 1 149 ASP 149 330 330 ASP ASP C . n 
C 1 150 MET 150 331 331 MET MET C . n 
C 1 151 ALA 151 332 332 ALA ALA C . n 
C 1 152 SER 152 333 333 SER SER C . n 
C 1 153 GLN 153 334 334 GLN GLN C . n 
C 1 154 VAL 154 335 335 VAL VAL C . n 
C 1 155 TRP 155 336 336 TRP TRP C . n 
C 1 156 ASP 156 337 337 ASP ASP C . n 
C 1 157 ARG 157 338 338 ARG ARG C . n 
C 1 158 MET 158 339 339 MET MET C . n 
C 1 159 ASP 159 340 340 ASP ASP C . n 
C 1 160 ALA 160 341 341 ALA ALA C . n 
C 1 161 THR 161 342 342 THR THR C . n 
C 1 162 VAL 162 343 343 VAL VAL C . n 
C 1 163 GLU 163 344 344 GLU GLU C . n 
C 1 164 VAL 164 345 345 VAL VAL C . n 
C 1 165 SER 165 346 346 SER SER C . n 
C 1 166 ARG 166 347 ?   ?   ?   C . n 
C 1 167 GLU 167 348 ?   ?   ?   C . n 
C 1 168 ASP 168 349 ?   ?   ?   C . n 
C 1 169 ARG 169 350 ?   ?   ?   C . n 
C 1 170 ASP 170 351 ?   ?   ?   C . n 
C 1 171 ASN 171 352 ?   ?   ?   C . n 
C 1 172 PHE 172 353 ?   ?   ?   C . n 
C 1 173 VAL 173 354 ?   ?   ?   C . n 
C 1 174 LYS 174 355 ?   ?   ?   C . n 
C 1 175 ASN 175 356 ?   ?   ?   C . n 
C 1 176 MET 176 357 357 MET MET C . n 
C 1 177 LEU 177 358 358 LEU LEU C . n 
C 1 178 THR 178 359 359 THR THR C . n 
C 1 179 ILE 179 360 360 ILE ILE C . n 
C 1 180 LEU 180 361 361 LEU LEU C . n 
C 1 181 CYS 181 362 362 CYS CYS C . n 
C 1 182 GLU 182 363 363 GLU GLU C . n 
C 1 183 GLU 183 364 364 GLU GLU C . n 
C 1 184 ARG 184 365 365 ARG ARG C . n 
C 1 185 LEU 185 366 366 LEU LEU C . n 
C 1 186 ALA 186 367 367 ALA ALA C . n 
C 1 187 LEU 187 368 368 LEU LEU C . n 
C 1 188 ALA 188 369 369 ALA ALA C . n 
C 1 189 HIS 189 370 370 HIS HIS C . n 
C 1 190 TYR 190 371 371 TYR TYR C . n 
C 1 191 ARG 191 372 372 ARG ARG C . n 
C 1 192 PRO 192 373 373 PRO PRO C . n 
C 1 193 THR 193 374 374 THR THR C . n 
C 1 194 ALA 194 375 375 ALA ALA C . n 
C 1 195 ILE 195 376 376 ILE ILE C . n 
C 1 196 ILE 196 377 377 ILE ILE C . n 
C 1 197 LYS 197 378 378 LYS LYS C . n 
C 1 198 GLY 198 379 379 GLY GLY C . n 
C 1 199 THR 199 380 380 THR THR C . n 
D 1 1   ASN 1   182 ?   ?   ?   D . n 
D 1 2   VAL 2   183 ?   ?   ?   D . n 
D 1 3   LYS 3   184 184 LYS LYS D . n 
D 1 4   THR 4   185 185 THR THR D . n 
D 1 5   ILE 5   186 186 ILE ILE D . n 
D 1 6   ALA 6   187 187 ALA ALA D . n 
D 1 7   HIS 7   188 188 HIS HIS D . n 
D 1 8   TRP 8   189 189 TRP TRP D . n 
D 1 9   VAL 9   190 190 VAL VAL D . n 
D 1 10  GLN 10  191 191 GLN GLN D . n 
D 1 11  ALA 11  192 192 ALA ALA D . n 
D 1 12  SER 12  193 193 SER SER D . n 
D 1 13  ARG 13  194 194 ARG ARG D . n 
D 1 14  GLN 14  195 195 GLN GLN D . n 
D 1 15  VAL 15  196 196 VAL VAL D . n 
D 1 16  MET 16  197 197 MET MET D . n 
D 1 17  ASP 17  198 198 ASP ASP D . n 
D 1 18  ASP 18  199 199 ASP ASP D . n 
D 1 19  ALA 19  200 200 ALA ALA D . n 
D 1 20  PRO 20  201 201 PRO PRO D . n 
D 1 21  MET 21  202 202 MET MET D . n 
D 1 22  LEU 22  203 203 LEU LEU D . n 
D 1 23  GLN 23  204 204 GLN GLN D . n 
D 1 24  SER 24  205 205 SER SER D . n 
D 1 25  TYR 25  206 206 TYR TYR D . n 
D 1 26  ILE 26  207 207 ILE ILE D . n 
D 1 27  ASN 27  208 208 ASN ASN D . n 
D 1 28  ASN 28  209 209 ASN ASN D . n 
D 1 29  ARG 29  210 210 ARG ARG D . n 
D 1 30  LEU 30  211 211 LEU LEU D . n 
D 1 31  MET 31  212 212 MET MET D . n 
D 1 32  TYR 32  213 213 TYR TYR D . n 
D 1 33  GLY 33  214 214 GLY GLY D . n 
D 1 34  LEU 34  215 215 LEU LEU D . n 
D 1 35  ALA 35  216 216 ALA ALA D . n 
D 1 36  LEU 36  217 217 LEU LEU D . n 
D 1 37  LYS 37  218 218 LYS LYS D . n 
D 1 38  GLU 38  219 219 GLU GLU D . n 
D 1 39  GLU 39  220 220 GLU GLU D . n 
D 1 40  GLY 40  221 221 GLY GLY D . n 
D 1 41  GLN 41  222 222 GLN GLN D . n 
D 1 42  LEU 42  223 223 LEU LEU D . n 
D 1 43  LEU 43  224 224 LEU LEU D . n 
D 1 44  ASN 44  225 225 ASN ASN D . n 
D 1 45  GLY 45  226 ?   ?   ?   D . n 
D 1 46  ASP 46  227 ?   ?   ?   D . n 
D 1 47  GLY 47  228 ?   ?   ?   D . n 
D 1 48  THR 48  229 ?   ?   ?   D . n 
D 1 49  GLY 49  230 ?   ?   ?   D . n 
D 1 50  ASP 50  231 ?   ?   ?   D . n 
D 1 51  ASN 51  232 ?   ?   ?   D . n 
D 1 52  LEU 52  233 ?   ?   ?   D . n 
D 1 53  GLU 53  234 ?   ?   ?   D . n 
D 1 54  GLY 54  235 ?   ?   ?   D . n 
D 1 55  LEU 55  236 ?   ?   ?   D . n 
D 1 56  ASN 56  237 ?   ?   ?   D . n 
D 1 57  LYS 57  238 ?   ?   ?   D . n 
D 1 58  VAL 58  239 ?   ?   ?   D . n 
D 1 59  ALA 59  240 ?   ?   ?   D . n 
D 1 60  THR 60  241 ?   ?   ?   D . n 
D 1 61  ALA 61  242 ?   ?   ?   D . n 
D 1 62  TYR 62  243 ?   ?   ?   D . n 
D 1 63  ASP 63  244 ?   ?   ?   D . n 
D 1 64  THR 64  245 ?   ?   ?   D . n 
D 1 65  SER 65  246 ?   ?   ?   D . n 
D 1 66  LEU 66  247 ?   ?   ?   D . n 
D 1 67  ASN 67  248 ?   ?   ?   D . n 
D 1 68  ALA 68  249 ?   ?   ?   D . n 
D 1 69  THR 69  250 ?   ?   ?   D . n 
D 1 70  GLY 70  251 ?   ?   ?   D . n 
D 1 71  ASP 71  252 ?   ?   ?   D . n 
D 1 72  THR 72  253 ?   ?   ?   D . n 
D 1 73  ARG 73  254 ?   ?   ?   D . n 
D 1 74  ALA 74  255 255 ALA ALA D . n 
D 1 75  ASP 75  256 256 ASP ASP D . n 
D 1 76  ILE 76  257 257 ILE ILE D . n 
D 1 77  ILE 77  258 258 ILE ILE D . n 
D 1 78  ALA 78  259 259 ALA ALA D . n 
D 1 79  HIS 79  260 260 HIS HIS D . n 
D 1 80  ALA 80  261 261 ALA ALA D . n 
D 1 81  ILE 81  262 262 ILE ILE D . n 
D 1 82  TYR 82  263 263 TYR TYR D . n 
D 1 83  GLN 83  264 264 GLN GLN D . n 
D 1 84  VAL 84  265 265 VAL VAL D . n 
D 1 85  THR 85  266 266 THR THR D . n 
D 1 86  GLU 86  267 267 GLU GLU D . n 
D 1 87  SER 87  268 268 SER SER D . n 
D 1 88  GLU 88  269 269 GLU GLU D . n 
D 1 89  PHE 89  270 ?   ?   ?   D . n 
D 1 90  SER 90  271 ?   ?   ?   D . n 
D 1 91  ALA 91  272 ?   ?   ?   D . n 
D 1 92  SER 92  273 ?   ?   ?   D . n 
D 1 93  GLY 93  274 274 GLY GLY D . n 
D 1 94  ILE 94  275 275 ILE ILE D . n 
D 1 95  VAL 95  276 276 VAL VAL D . n 
D 1 96  LEU 96  277 277 LEU LEU D . n 
D 1 97  ASN 97  278 278 ASN ASN D . n 
D 1 98  PRO 98  279 279 PRO PRO D . n 
D 1 99  ARG 99  280 280 ARG ARG D . n 
D 1 100 ASP 100 281 281 ASP ASP D . n 
D 1 101 TRP 101 282 282 TRP TRP D . n 
D 1 102 HIS 102 283 283 HIS HIS D . n 
D 1 103 ASN 103 284 284 ASN ASN D . n 
D 1 104 ILE 104 285 285 ILE ILE D . n 
D 1 105 ALA 105 286 286 ALA ALA D . n 
D 1 106 LEU 106 287 287 LEU LEU D . n 
D 1 107 LEU 107 288 ?   ?   ?   D . n 
D 1 108 LYS 108 289 ?   ?   ?   D . n 
D 1 109 ASP 109 290 ?   ?   ?   D . n 
D 1 110 ASN 110 291 ?   ?   ?   D . n 
D 1 111 GLU 111 292 ?   ?   ?   D . n 
D 1 112 GLY 112 293 ?   ?   ?   D . n 
D 1 113 ARG 113 294 ?   ?   ?   D . n 
D 1 114 TYR 114 295 ?   ?   ?   D . n 
D 1 115 ILE 115 296 ?   ?   ?   D . n 
D 1 116 PHE 116 297 ?   ?   ?   D . n 
D 1 117 GLY 117 298 ?   ?   ?   D . n 
D 1 118 GLY 118 299 ?   ?   ?   D . n 
D 1 119 PRO 119 300 ?   ?   ?   D . n 
D 1 120 GLN 120 301 ?   ?   ?   D . n 
D 1 121 ALA 121 302 ?   ?   ?   D . n 
D 1 122 PHE 122 303 ?   ?   ?   D . n 
D 1 123 THR 123 304 ?   ?   ?   D . n 
D 1 124 SER 124 305 ?   ?   ?   D . n 
D 1 125 ASN 125 306 ?   ?   ?   D . n 
D 1 126 ILE 126 307 307 ILE ILE D . n 
D 1 127 MET 127 308 308 MET MET D . n 
D 1 128 TRP 128 309 309 TRP TRP D . n 
D 1 129 GLY 129 310 310 GLY GLY D . n 
D 1 130 LEU 130 311 311 LEU LEU D . n 
D 1 131 PRO 131 312 312 PRO PRO D . n 
D 1 132 VAL 132 313 313 VAL VAL D . n 
D 1 133 VAL 133 314 314 VAL VAL D . n 
D 1 134 PRO 134 315 315 PRO PRO D . n 
D 1 135 THR 135 316 ?   ?   ?   D . n 
D 1 136 LYS 136 317 ?   ?   ?   D . n 
D 1 137 ALA 137 318 ?   ?   ?   D . n 
D 1 138 GLN 138 319 ?   ?   ?   D . n 
D 1 139 ALA 139 320 ?   ?   ?   D . n 
D 1 140 ALA 140 321 ?   ?   ?   D . n 
D 1 141 GLY 141 322 ?   ?   ?   D . n 
D 1 142 THR 142 323 323 THR THR D . n 
D 1 143 PHE 143 324 324 PHE PHE D . n 
D 1 144 THR 144 325 325 THR THR D . n 
D 1 145 VAL 145 326 326 VAL VAL D . n 
D 1 146 GLY 146 327 327 GLY GLY D . n 
D 1 147 GLY 147 328 328 GLY GLY D . n 
D 1 148 PHE 148 329 329 PHE PHE D . n 
D 1 149 ASP 149 330 330 ASP ASP D . n 
D 1 150 MET 150 331 331 MET MET D . n 
D 1 151 ALA 151 332 332 ALA ALA D . n 
D 1 152 SER 152 333 333 SER SER D . n 
D 1 153 GLN 153 334 334 GLN GLN D . n 
D 1 154 VAL 154 335 335 VAL VAL D . n 
D 1 155 TRP 155 336 336 TRP TRP D . n 
D 1 156 ASP 156 337 337 ASP ASP D . n 
D 1 157 ARG 157 338 338 ARG ARG D . n 
D 1 158 MET 158 339 339 MET MET D . n 
D 1 159 ASP 159 340 340 ASP ASP D . n 
D 1 160 ALA 160 341 341 ALA ALA D . n 
D 1 161 THR 161 342 342 THR THR D . n 
D 1 162 VAL 162 343 343 VAL VAL D . n 
D 1 163 GLU 163 344 344 GLU GLU D . n 
D 1 164 VAL 164 345 345 VAL VAL D . n 
D 1 165 SER 165 346 346 SER SER D . n 
D 1 166 ARG 166 347 ?   ?   ?   D . n 
D 1 167 GLU 167 348 ?   ?   ?   D . n 
D 1 168 ASP 168 349 ?   ?   ?   D . n 
D 1 169 ARG 169 350 ?   ?   ?   D . n 
D 1 170 ASP 170 351 ?   ?   ?   D . n 
D 1 171 ASN 171 352 ?   ?   ?   D . n 
D 1 172 PHE 172 353 ?   ?   ?   D . n 
D 1 173 VAL 173 354 ?   ?   ?   D . n 
D 1 174 LYS 174 355 ?   ?   ?   D . n 
D 1 175 ASN 175 356 ?   ?   ?   D . n 
D 1 176 MET 176 357 357 MET MET D . n 
D 1 177 LEU 177 358 358 LEU LEU D . n 
D 1 178 THR 178 359 359 THR THR D . n 
D 1 179 ILE 179 360 360 ILE ILE D . n 
D 1 180 LEU 180 361 361 LEU LEU D . n 
D 1 181 CYS 181 362 362 CYS CYS D . n 
D 1 182 GLU 182 363 363 GLU GLU D . n 
D 1 183 GLU 183 364 364 GLU GLU D . n 
D 1 184 ARG 184 365 365 ARG ARG D . n 
D 1 185 LEU 185 366 366 LEU LEU D . n 
D 1 186 ALA 186 367 367 ALA ALA D . n 
D 1 187 LEU 187 368 368 LEU LEU D . n 
D 1 188 ALA 188 369 369 ALA ALA D . n 
D 1 189 HIS 189 370 370 HIS HIS D . n 
D 1 190 TYR 190 371 371 TYR TYR D . n 
D 1 191 ARG 191 372 372 ARG ARG D . n 
D 1 192 PRO 192 373 373 PRO PRO D . n 
D 1 193 THR 193 374 374 THR THR D . n 
D 1 194 ALA 194 375 375 ALA ALA D . n 
D 1 195 ILE 195 376 376 ILE ILE D . n 
D 1 196 ILE 196 377 377 ILE ILE D . n 
D 1 197 LYS 197 378 378 LYS LYS D . n 
D 1 198 GLY 198 379 379 GLY GLY D . n 
D 1 199 THR 199 380 380 THR THR D . n 
E 1 1   ASN 1   182 ?   ?   ?   E . n 
E 1 2   VAL 2   183 ?   ?   ?   E . n 
E 1 3   LYS 3   184 184 LYS LYS E . n 
E 1 4   THR 4   185 185 THR THR E . n 
E 1 5   ILE 5   186 186 ILE ILE E . n 
E 1 6   ALA 6   187 187 ALA ALA E . n 
E 1 7   HIS 7   188 188 HIS HIS E . n 
E 1 8   TRP 8   189 189 TRP TRP E . n 
E 1 9   VAL 9   190 190 VAL VAL E . n 
E 1 10  GLN 10  191 191 GLN GLN E . n 
E 1 11  ALA 11  192 192 ALA ALA E . n 
E 1 12  SER 12  193 193 SER SER E . n 
E 1 13  ARG 13  194 194 ARG ARG E . n 
E 1 14  GLN 14  195 195 GLN GLN E . n 
E 1 15  VAL 15  196 196 VAL VAL E . n 
E 1 16  MET 16  197 197 MET MET E . n 
E 1 17  ASP 17  198 198 ASP ASP E . n 
E 1 18  ASP 18  199 199 ASP ASP E . n 
E 1 19  ALA 19  200 200 ALA ALA E . n 
E 1 20  PRO 20  201 201 PRO PRO E . n 
E 1 21  MET 21  202 202 MET MET E . n 
E 1 22  LEU 22  203 203 LEU LEU E . n 
E 1 23  GLN 23  204 204 GLN GLN E . n 
E 1 24  SER 24  205 205 SER SER E . n 
E 1 25  TYR 25  206 206 TYR TYR E . n 
E 1 26  ILE 26  207 207 ILE ILE E . n 
E 1 27  ASN 27  208 208 ASN ASN E . n 
E 1 28  ASN 28  209 209 ASN ASN E . n 
E 1 29  ARG 29  210 210 ARG ARG E . n 
E 1 30  LEU 30  211 211 LEU LEU E . n 
E 1 31  MET 31  212 212 MET MET E . n 
E 1 32  TYR 32  213 213 TYR TYR E . n 
E 1 33  GLY 33  214 214 GLY GLY E . n 
E 1 34  LEU 34  215 215 LEU LEU E . n 
E 1 35  ALA 35  216 216 ALA ALA E . n 
E 1 36  LEU 36  217 217 LEU LEU E . n 
E 1 37  LYS 37  218 218 LYS LYS E . n 
E 1 38  GLU 38  219 219 GLU GLU E . n 
E 1 39  GLU 39  220 220 GLU GLU E . n 
E 1 40  GLY 40  221 221 GLY GLY E . n 
E 1 41  GLN 41  222 222 GLN GLN E . n 
E 1 42  LEU 42  223 223 LEU LEU E . n 
E 1 43  LEU 43  224 224 LEU LEU E . n 
E 1 44  ASN 44  225 225 ASN ASN E . n 
E 1 45  GLY 45  226 ?   ?   ?   E . n 
E 1 46  ASP 46  227 ?   ?   ?   E . n 
E 1 47  GLY 47  228 ?   ?   ?   E . n 
E 1 48  THR 48  229 ?   ?   ?   E . n 
E 1 49  GLY 49  230 ?   ?   ?   E . n 
E 1 50  ASP 50  231 ?   ?   ?   E . n 
E 1 51  ASN 51  232 ?   ?   ?   E . n 
E 1 52  LEU 52  233 ?   ?   ?   E . n 
E 1 53  GLU 53  234 ?   ?   ?   E . n 
E 1 54  GLY 54  235 ?   ?   ?   E . n 
E 1 55  LEU 55  236 ?   ?   ?   E . n 
E 1 56  ASN 56  237 ?   ?   ?   E . n 
E 1 57  LYS 57  238 ?   ?   ?   E . n 
E 1 58  VAL 58  239 ?   ?   ?   E . n 
E 1 59  ALA 59  240 ?   ?   ?   E . n 
E 1 60  THR 60  241 ?   ?   ?   E . n 
E 1 61  ALA 61  242 ?   ?   ?   E . n 
E 1 62  TYR 62  243 ?   ?   ?   E . n 
E 1 63  ASP 63  244 ?   ?   ?   E . n 
E 1 64  THR 64  245 ?   ?   ?   E . n 
E 1 65  SER 65  246 ?   ?   ?   E . n 
E 1 66  LEU 66  247 ?   ?   ?   E . n 
E 1 67  ASN 67  248 ?   ?   ?   E . n 
E 1 68  ALA 68  249 ?   ?   ?   E . n 
E 1 69  THR 69  250 ?   ?   ?   E . n 
E 1 70  GLY 70  251 ?   ?   ?   E . n 
E 1 71  ASP 71  252 ?   ?   ?   E . n 
E 1 72  THR 72  253 ?   ?   ?   E . n 
E 1 73  ARG 73  254 ?   ?   ?   E . n 
E 1 74  ALA 74  255 255 ALA ALA E . n 
E 1 75  ASP 75  256 256 ASP ASP E . n 
E 1 76  ILE 76  257 257 ILE ILE E . n 
E 1 77  ILE 77  258 258 ILE ILE E . n 
E 1 78  ALA 78  259 259 ALA ALA E . n 
E 1 79  HIS 79  260 260 HIS HIS E . n 
E 1 80  ALA 80  261 261 ALA ALA E . n 
E 1 81  ILE 81  262 262 ILE ILE E . n 
E 1 82  TYR 82  263 263 TYR TYR E . n 
E 1 83  GLN 83  264 264 GLN GLN E . n 
E 1 84  VAL 84  265 265 VAL VAL E . n 
E 1 85  THR 85  266 266 THR THR E . n 
E 1 86  GLU 86  267 267 GLU GLU E . n 
E 1 87  SER 87  268 268 SER SER E . n 
E 1 88  GLU 88  269 269 GLU GLU E . n 
E 1 89  PHE 89  270 ?   ?   ?   E . n 
E 1 90  SER 90  271 ?   ?   ?   E . n 
E 1 91  ALA 91  272 ?   ?   ?   E . n 
E 1 92  SER 92  273 ?   ?   ?   E . n 
E 1 93  GLY 93  274 274 GLY GLY E . n 
E 1 94  ILE 94  275 275 ILE ILE E . n 
E 1 95  VAL 95  276 276 VAL VAL E . n 
E 1 96  LEU 96  277 277 LEU LEU E . n 
E 1 97  ASN 97  278 278 ASN ASN E . n 
E 1 98  PRO 98  279 279 PRO PRO E . n 
E 1 99  ARG 99  280 280 ARG ARG E . n 
E 1 100 ASP 100 281 281 ASP ASP E . n 
E 1 101 TRP 101 282 282 TRP TRP E . n 
E 1 102 HIS 102 283 283 HIS HIS E . n 
E 1 103 ASN 103 284 284 ASN ASN E . n 
E 1 104 ILE 104 285 285 ILE ILE E . n 
E 1 105 ALA 105 286 286 ALA ALA E . n 
E 1 106 LEU 106 287 287 LEU LEU E . n 
E 1 107 LEU 107 288 ?   ?   ?   E . n 
E 1 108 LYS 108 289 ?   ?   ?   E . n 
E 1 109 ASP 109 290 ?   ?   ?   E . n 
E 1 110 ASN 110 291 ?   ?   ?   E . n 
E 1 111 GLU 111 292 ?   ?   ?   E . n 
E 1 112 GLY 112 293 ?   ?   ?   E . n 
E 1 113 ARG 113 294 ?   ?   ?   E . n 
E 1 114 TYR 114 295 ?   ?   ?   E . n 
E 1 115 ILE 115 296 ?   ?   ?   E . n 
E 1 116 PHE 116 297 ?   ?   ?   E . n 
E 1 117 GLY 117 298 ?   ?   ?   E . n 
E 1 118 GLY 118 299 ?   ?   ?   E . n 
E 1 119 PRO 119 300 ?   ?   ?   E . n 
E 1 120 GLN 120 301 ?   ?   ?   E . n 
E 1 121 ALA 121 302 ?   ?   ?   E . n 
E 1 122 PHE 122 303 ?   ?   ?   E . n 
E 1 123 THR 123 304 ?   ?   ?   E . n 
E 1 124 SER 124 305 ?   ?   ?   E . n 
E 1 125 ASN 125 306 ?   ?   ?   E . n 
E 1 126 ILE 126 307 307 ILE ILE E . n 
E 1 127 MET 127 308 308 MET MET E . n 
E 1 128 TRP 128 309 309 TRP TRP E . n 
E 1 129 GLY 129 310 310 GLY GLY E . n 
E 1 130 LEU 130 311 311 LEU LEU E . n 
E 1 131 PRO 131 312 312 PRO PRO E . n 
E 1 132 VAL 132 313 313 VAL VAL E . n 
E 1 133 VAL 133 314 314 VAL VAL E . n 
E 1 134 PRO 134 315 315 PRO PRO E . n 
E 1 135 THR 135 316 ?   ?   ?   E . n 
E 1 136 LYS 136 317 ?   ?   ?   E . n 
E 1 137 ALA 137 318 ?   ?   ?   E . n 
E 1 138 GLN 138 319 ?   ?   ?   E . n 
E 1 139 ALA 139 320 ?   ?   ?   E . n 
E 1 140 ALA 140 321 ?   ?   ?   E . n 
E 1 141 GLY 141 322 ?   ?   ?   E . n 
E 1 142 THR 142 323 323 THR THR E . n 
E 1 143 PHE 143 324 324 PHE PHE E . n 
E 1 144 THR 144 325 325 THR THR E . n 
E 1 145 VAL 145 326 326 VAL VAL E . n 
E 1 146 GLY 146 327 327 GLY GLY E . n 
E 1 147 GLY 147 328 328 GLY GLY E . n 
E 1 148 PHE 148 329 329 PHE PHE E . n 
E 1 149 ASP 149 330 330 ASP ASP E . n 
E 1 150 MET 150 331 331 MET MET E . n 
E 1 151 ALA 151 332 332 ALA ALA E . n 
E 1 152 SER 152 333 333 SER SER E . n 
E 1 153 GLN 153 334 334 GLN GLN E . n 
E 1 154 VAL 154 335 335 VAL VAL E . n 
E 1 155 TRP 155 336 336 TRP TRP E . n 
E 1 156 ASP 156 337 337 ASP ASP E . n 
E 1 157 ARG 157 338 338 ARG ARG E . n 
E 1 158 MET 158 339 339 MET MET E . n 
E 1 159 ASP 159 340 340 ASP ASP E . n 
E 1 160 ALA 160 341 341 ALA ALA E . n 
E 1 161 THR 161 342 342 THR THR E . n 
E 1 162 VAL 162 343 343 VAL VAL E . n 
E 1 163 GLU 163 344 344 GLU GLU E . n 
E 1 164 VAL 164 345 345 VAL VAL E . n 
E 1 165 SER 165 346 346 SER SER E . n 
E 1 166 ARG 166 347 ?   ?   ?   E . n 
E 1 167 GLU 167 348 ?   ?   ?   E . n 
E 1 168 ASP 168 349 ?   ?   ?   E . n 
E 1 169 ARG 169 350 ?   ?   ?   E . n 
E 1 170 ASP 170 351 ?   ?   ?   E . n 
E 1 171 ASN 171 352 ?   ?   ?   E . n 
E 1 172 PHE 172 353 ?   ?   ?   E . n 
E 1 173 VAL 173 354 ?   ?   ?   E . n 
E 1 174 LYS 174 355 ?   ?   ?   E . n 
E 1 175 ASN 175 356 ?   ?   ?   E . n 
E 1 176 MET 176 357 357 MET MET E . n 
E 1 177 LEU 177 358 358 LEU LEU E . n 
E 1 178 THR 178 359 359 THR THR E . n 
E 1 179 ILE 179 360 360 ILE ILE E . n 
E 1 180 LEU 180 361 361 LEU LEU E . n 
E 1 181 CYS 181 362 362 CYS CYS E . n 
E 1 182 GLU 182 363 363 GLU GLU E . n 
E 1 183 GLU 183 364 364 GLU GLU E . n 
E 1 184 ARG 184 365 365 ARG ARG E . n 
E 1 185 LEU 185 366 366 LEU LEU E . n 
E 1 186 ALA 186 367 367 ALA ALA E . n 
E 1 187 LEU 187 368 368 LEU LEU E . n 
E 1 188 ALA 188 369 369 ALA ALA E . n 
E 1 189 HIS 189 370 370 HIS HIS E . n 
E 1 190 TYR 190 371 371 TYR TYR E . n 
E 1 191 ARG 191 372 372 ARG ARG E . n 
E 1 192 PRO 192 373 373 PRO PRO E . n 
E 1 193 THR 193 374 374 THR THR E . n 
E 1 194 ALA 194 375 375 ALA ALA E . n 
E 1 195 ILE 195 376 376 ILE ILE E . n 
E 1 196 ILE 196 377 377 ILE ILE E . n 
E 1 197 LYS 197 378 378 LYS LYS E . n 
E 1 198 GLY 198 379 379 GLY GLY E . n 
E 1 199 THR 199 380 380 THR THR E . n 
F 1 1   ASN 1   182 ?   ?   ?   F . n 
F 1 2   VAL 2   183 ?   ?   ?   F . n 
F 1 3   LYS 3   184 184 LYS LYS F . n 
F 1 4   THR 4   185 185 THR THR F . n 
F 1 5   ILE 5   186 186 ILE ILE F . n 
F 1 6   ALA 6   187 187 ALA ALA F . n 
F 1 7   HIS 7   188 188 HIS HIS F . n 
F 1 8   TRP 8   189 189 TRP TRP F . n 
F 1 9   VAL 9   190 190 VAL VAL F . n 
F 1 10  GLN 10  191 191 GLN GLN F . n 
F 1 11  ALA 11  192 192 ALA ALA F . n 
F 1 12  SER 12  193 193 SER SER F . n 
F 1 13  ARG 13  194 194 ARG ARG F . n 
F 1 14  GLN 14  195 195 GLN GLN F . n 
F 1 15  VAL 15  196 196 VAL VAL F . n 
F 1 16  MET 16  197 197 MET MET F . n 
F 1 17  ASP 17  198 198 ASP ASP F . n 
F 1 18  ASP 18  199 199 ASP ASP F . n 
F 1 19  ALA 19  200 200 ALA ALA F . n 
F 1 20  PRO 20  201 201 PRO PRO F . n 
F 1 21  MET 21  202 202 MET MET F . n 
F 1 22  LEU 22  203 203 LEU LEU F . n 
F 1 23  GLN 23  204 204 GLN GLN F . n 
F 1 24  SER 24  205 205 SER SER F . n 
F 1 25  TYR 25  206 206 TYR TYR F . n 
F 1 26  ILE 26  207 207 ILE ILE F . n 
F 1 27  ASN 27  208 208 ASN ASN F . n 
F 1 28  ASN 28  209 209 ASN ASN F . n 
F 1 29  ARG 29  210 210 ARG ARG F . n 
F 1 30  LEU 30  211 211 LEU LEU F . n 
F 1 31  MET 31  212 212 MET MET F . n 
F 1 32  TYR 32  213 213 TYR TYR F . n 
F 1 33  GLY 33  214 214 GLY GLY F . n 
F 1 34  LEU 34  215 215 LEU LEU F . n 
F 1 35  ALA 35  216 216 ALA ALA F . n 
F 1 36  LEU 36  217 217 LEU LEU F . n 
F 1 37  LYS 37  218 218 LYS LYS F . n 
F 1 38  GLU 38  219 219 GLU GLU F . n 
F 1 39  GLU 39  220 220 GLU GLU F . n 
F 1 40  GLY 40  221 221 GLY GLY F . n 
F 1 41  GLN 41  222 222 GLN GLN F . n 
F 1 42  LEU 42  223 223 LEU LEU F . n 
F 1 43  LEU 43  224 224 LEU LEU F . n 
F 1 44  ASN 44  225 225 ASN ASN F . n 
F 1 45  GLY 45  226 ?   ?   ?   F . n 
F 1 46  ASP 46  227 ?   ?   ?   F . n 
F 1 47  GLY 47  228 ?   ?   ?   F . n 
F 1 48  THR 48  229 ?   ?   ?   F . n 
F 1 49  GLY 49  230 ?   ?   ?   F . n 
F 1 50  ASP 50  231 ?   ?   ?   F . n 
F 1 51  ASN 51  232 ?   ?   ?   F . n 
F 1 52  LEU 52  233 ?   ?   ?   F . n 
F 1 53  GLU 53  234 ?   ?   ?   F . n 
F 1 54  GLY 54  235 ?   ?   ?   F . n 
F 1 55  LEU 55  236 ?   ?   ?   F . n 
F 1 56  ASN 56  237 ?   ?   ?   F . n 
F 1 57  LYS 57  238 ?   ?   ?   F . n 
F 1 58  VAL 58  239 ?   ?   ?   F . n 
F 1 59  ALA 59  240 ?   ?   ?   F . n 
F 1 60  THR 60  241 ?   ?   ?   F . n 
F 1 61  ALA 61  242 ?   ?   ?   F . n 
F 1 62  TYR 62  243 ?   ?   ?   F . n 
F 1 63  ASP 63  244 ?   ?   ?   F . n 
F 1 64  THR 64  245 ?   ?   ?   F . n 
F 1 65  SER 65  246 ?   ?   ?   F . n 
F 1 66  LEU 66  247 ?   ?   ?   F . n 
F 1 67  ASN 67  248 ?   ?   ?   F . n 
F 1 68  ALA 68  249 ?   ?   ?   F . n 
F 1 69  THR 69  250 ?   ?   ?   F . n 
F 1 70  GLY 70  251 ?   ?   ?   F . n 
F 1 71  ASP 71  252 ?   ?   ?   F . n 
F 1 72  THR 72  253 ?   ?   ?   F . n 
F 1 73  ARG 73  254 ?   ?   ?   F . n 
F 1 74  ALA 74  255 255 ALA ALA F . n 
F 1 75  ASP 75  256 256 ASP ASP F . n 
F 1 76  ILE 76  257 257 ILE ILE F . n 
F 1 77  ILE 77  258 258 ILE ILE F . n 
F 1 78  ALA 78  259 259 ALA ALA F . n 
F 1 79  HIS 79  260 260 HIS HIS F . n 
F 1 80  ALA 80  261 261 ALA ALA F . n 
F 1 81  ILE 81  262 262 ILE ILE F . n 
F 1 82  TYR 82  263 263 TYR TYR F . n 
F 1 83  GLN 83  264 264 GLN GLN F . n 
F 1 84  VAL 84  265 265 VAL VAL F . n 
F 1 85  THR 85  266 266 THR THR F . n 
F 1 86  GLU 86  267 267 GLU GLU F . n 
F 1 87  SER 87  268 268 SER SER F . n 
F 1 88  GLU 88  269 269 GLU GLU F . n 
F 1 89  PHE 89  270 ?   ?   ?   F . n 
F 1 90  SER 90  271 ?   ?   ?   F . n 
F 1 91  ALA 91  272 ?   ?   ?   F . n 
F 1 92  SER 92  273 ?   ?   ?   F . n 
F 1 93  GLY 93  274 274 GLY GLY F . n 
F 1 94  ILE 94  275 275 ILE ILE F . n 
F 1 95  VAL 95  276 276 VAL VAL F . n 
F 1 96  LEU 96  277 277 LEU LEU F . n 
F 1 97  ASN 97  278 278 ASN ASN F . n 
F 1 98  PRO 98  279 279 PRO PRO F . n 
F 1 99  ARG 99  280 280 ARG ARG F . n 
F 1 100 ASP 100 281 281 ASP ASP F . n 
F 1 101 TRP 101 282 282 TRP TRP F . n 
F 1 102 HIS 102 283 283 HIS HIS F . n 
F 1 103 ASN 103 284 284 ASN ASN F . n 
F 1 104 ILE 104 285 285 ILE ILE F . n 
F 1 105 ALA 105 286 286 ALA ALA F . n 
F 1 106 LEU 106 287 287 LEU LEU F . n 
F 1 107 LEU 107 288 ?   ?   ?   F . n 
F 1 108 LYS 108 289 ?   ?   ?   F . n 
F 1 109 ASP 109 290 ?   ?   ?   F . n 
F 1 110 ASN 110 291 ?   ?   ?   F . n 
F 1 111 GLU 111 292 ?   ?   ?   F . n 
F 1 112 GLY 112 293 ?   ?   ?   F . n 
F 1 113 ARG 113 294 ?   ?   ?   F . n 
F 1 114 TYR 114 295 ?   ?   ?   F . n 
F 1 115 ILE 115 296 ?   ?   ?   F . n 
F 1 116 PHE 116 297 ?   ?   ?   F . n 
F 1 117 GLY 117 298 ?   ?   ?   F . n 
F 1 118 GLY 118 299 ?   ?   ?   F . n 
F 1 119 PRO 119 300 ?   ?   ?   F . n 
F 1 120 GLN 120 301 ?   ?   ?   F . n 
F 1 121 ALA 121 302 ?   ?   ?   F . n 
F 1 122 PHE 122 303 ?   ?   ?   F . n 
F 1 123 THR 123 304 ?   ?   ?   F . n 
F 1 124 SER 124 305 ?   ?   ?   F . n 
F 1 125 ASN 125 306 ?   ?   ?   F . n 
F 1 126 ILE 126 307 307 ILE ILE F . n 
F 1 127 MET 127 308 308 MET MET F . n 
F 1 128 TRP 128 309 309 TRP TRP F . n 
F 1 129 GLY 129 310 310 GLY GLY F . n 
F 1 130 LEU 130 311 311 LEU LEU F . n 
F 1 131 PRO 131 312 312 PRO PRO F . n 
F 1 132 VAL 132 313 313 VAL VAL F . n 
F 1 133 VAL 133 314 314 VAL VAL F . n 
F 1 134 PRO 134 315 315 PRO PRO F . n 
F 1 135 THR 135 316 ?   ?   ?   F . n 
F 1 136 LYS 136 317 ?   ?   ?   F . n 
F 1 137 ALA 137 318 ?   ?   ?   F . n 
F 1 138 GLN 138 319 ?   ?   ?   F . n 
F 1 139 ALA 139 320 ?   ?   ?   F . n 
F 1 140 ALA 140 321 ?   ?   ?   F . n 
F 1 141 GLY 141 322 ?   ?   ?   F . n 
F 1 142 THR 142 323 323 THR THR F . n 
F 1 143 PHE 143 324 324 PHE PHE F . n 
F 1 144 THR 144 325 325 THR THR F . n 
F 1 145 VAL 145 326 326 VAL VAL F . n 
F 1 146 GLY 146 327 327 GLY GLY F . n 
F 1 147 GLY 147 328 328 GLY GLY F . n 
F 1 148 PHE 148 329 329 PHE PHE F . n 
F 1 149 ASP 149 330 330 ASP ASP F . n 
F 1 150 MET 150 331 331 MET MET F . n 
F 1 151 ALA 151 332 332 ALA ALA F . n 
F 1 152 SER 152 333 333 SER SER F . n 
F 1 153 GLN 153 334 334 GLN GLN F . n 
F 1 154 VAL 154 335 335 VAL VAL F . n 
F 1 155 TRP 155 336 336 TRP TRP F . n 
F 1 156 ASP 156 337 337 ASP ASP F . n 
F 1 157 ARG 157 338 338 ARG ARG F . n 
F 1 158 MET 158 339 339 MET MET F . n 
F 1 159 ASP 159 340 340 ASP ASP F . n 
F 1 160 ALA 160 341 341 ALA ALA F . n 
F 1 161 THR 161 342 342 THR THR F . n 
F 1 162 VAL 162 343 343 VAL VAL F . n 
F 1 163 GLU 163 344 344 GLU GLU F . n 
F 1 164 VAL 164 345 345 VAL VAL F . n 
F 1 165 SER 165 346 346 SER SER F . n 
F 1 166 ARG 166 347 ?   ?   ?   F . n 
F 1 167 GLU 167 348 ?   ?   ?   F . n 
F 1 168 ASP 168 349 ?   ?   ?   F . n 
F 1 169 ARG 169 350 ?   ?   ?   F . n 
F 1 170 ASP 170 351 ?   ?   ?   F . n 
F 1 171 ASN 171 352 ?   ?   ?   F . n 
F 1 172 PHE 172 353 ?   ?   ?   F . n 
F 1 173 VAL 173 354 ?   ?   ?   F . n 
F 1 174 LYS 174 355 ?   ?   ?   F . n 
F 1 175 ASN 175 356 ?   ?   ?   F . n 
F 1 176 MET 176 357 357 MET MET F . n 
F 1 177 LEU 177 358 358 LEU LEU F . n 
F 1 178 THR 178 359 359 THR THR F . n 
F 1 179 ILE 179 360 360 ILE ILE F . n 
F 1 180 LEU 180 361 361 LEU LEU F . n 
F 1 181 CYS 181 362 362 CYS CYS F . n 
F 1 182 GLU 182 363 363 GLU GLU F . n 
F 1 183 GLU 183 364 364 GLU GLU F . n 
F 1 184 ARG 184 365 365 ARG ARG F . n 
F 1 185 LEU 185 366 366 LEU LEU F . n 
F 1 186 ALA 186 367 367 ALA ALA F . n 
F 1 187 LEU 187 368 368 LEU LEU F . n 
F 1 188 ALA 188 369 369 ALA ALA F . n 
F 1 189 HIS 189 370 370 HIS HIS F . n 
F 1 190 TYR 190 371 371 TYR TYR F . n 
F 1 191 ARG 191 372 372 ARG ARG F . n 
F 1 192 PRO 192 373 373 PRO PRO F . n 
F 1 193 THR 193 374 374 THR THR F . n 
F 1 194 ALA 194 375 375 ALA ALA F . n 
F 1 195 ILE 195 376 376 ILE ILE F . n 
F 1 196 ILE 196 377 377 ILE ILE F . n 
F 1 197 LYS 197 378 378 LYS LYS F . n 
F 1 198 GLY 198 379 379 GLY GLY F . n 
F 1 199 THR 199 380 380 THR THR F . n 
G 1 1   ASN 1   182 182 ASN ASN G . n 
G 1 2   VAL 2   183 183 VAL VAL G . n 
G 1 3   LYS 3   184 184 LYS LYS G . n 
G 1 4   THR 4   185 185 THR THR G . n 
G 1 5   ILE 5   186 186 ILE ILE G . n 
G 1 6   ALA 6   187 187 ALA ALA G . n 
G 1 7   HIS 7   188 188 HIS HIS G . n 
G 1 8   TRP 8   189 189 TRP TRP G . n 
G 1 9   VAL 9   190 190 VAL VAL G . n 
G 1 10  GLN 10  191 191 GLN GLN G . n 
G 1 11  ALA 11  192 192 ALA ALA G . n 
G 1 12  SER 12  193 193 SER SER G . n 
G 1 13  ARG 13  194 194 ARG ARG G . n 
G 1 14  GLN 14  195 195 GLN GLN G . n 
G 1 15  VAL 15  196 196 VAL VAL G . n 
G 1 16  MET 16  197 197 MET MET G . n 
G 1 17  ASP 17  198 198 ASP ASP G . n 
G 1 18  ASP 18  199 199 ASP ASP G . n 
G 1 19  ALA 19  200 200 ALA ALA G . n 
G 1 20  PRO 20  201 201 PRO PRO G . n 
G 1 21  MET 21  202 202 MET MET G . n 
G 1 22  LEU 22  203 203 LEU LEU G . n 
G 1 23  GLN 23  204 204 GLN GLN G . n 
G 1 24  SER 24  205 205 SER SER G . n 
G 1 25  TYR 25  206 206 TYR TYR G . n 
G 1 26  ILE 26  207 207 ILE ILE G . n 
G 1 27  ASN 27  208 208 ASN ASN G . n 
G 1 28  ASN 28  209 209 ASN ASN G . n 
G 1 29  ARG 29  210 210 ARG ARG G . n 
G 1 30  LEU 30  211 211 LEU LEU G . n 
G 1 31  MET 31  212 212 MET MET G . n 
G 1 32  TYR 32  213 213 TYR TYR G . n 
G 1 33  GLY 33  214 214 GLY GLY G . n 
G 1 34  LEU 34  215 215 LEU LEU G . n 
G 1 35  ALA 35  216 216 ALA ALA G . n 
G 1 36  LEU 36  217 217 LEU LEU G . n 
G 1 37  LYS 37  218 218 LYS LYS G . n 
G 1 38  GLU 38  219 219 GLU GLU G . n 
G 1 39  GLU 39  220 220 GLU GLU G . n 
G 1 40  GLY 40  221 221 GLY GLY G . n 
G 1 41  GLN 41  222 222 GLN GLN G . n 
G 1 42  LEU 42  223 223 LEU LEU G . n 
G 1 43  LEU 43  224 224 LEU LEU G . n 
G 1 44  ASN 44  225 225 ASN ASN G . n 
G 1 45  GLY 45  226 226 GLY GLY G . n 
G 1 46  ASP 46  227 ?   ?   ?   G . n 
G 1 47  GLY 47  228 ?   ?   ?   G . n 
G 1 48  THR 48  229 ?   ?   ?   G . n 
G 1 49  GLY 49  230 ?   ?   ?   G . n 
G 1 50  ASP 50  231 ?   ?   ?   G . n 
G 1 51  ASN 51  232 ?   ?   ?   G . n 
G 1 52  LEU 52  233 ?   ?   ?   G . n 
G 1 53  GLU 53  234 ?   ?   ?   G . n 
G 1 54  GLY 54  235 235 GLY GLY G . n 
G 1 55  LEU 55  236 236 LEU LEU G . n 
G 1 56  ASN 56  237 237 ASN ASN G . n 
G 1 57  LYS 57  238 238 LYS LYS G . n 
G 1 58  VAL 58  239 239 VAL VAL G . n 
G 1 59  ALA 59  240 240 ALA ALA G . n 
G 1 60  THR 60  241 241 THR THR G . n 
G 1 61  ALA 61  242 242 ALA ALA G . n 
G 1 62  TYR 62  243 ?   ?   ?   G . n 
G 1 63  ASP 63  244 ?   ?   ?   G . n 
G 1 64  THR 64  245 ?   ?   ?   G . n 
G 1 65  SER 65  246 ?   ?   ?   G . n 
G 1 66  LEU 66  247 ?   ?   ?   G . n 
G 1 67  ASN 67  248 ?   ?   ?   G . n 
G 1 68  ALA 68  249 ?   ?   ?   G . n 
G 1 69  THR 69  250 ?   ?   ?   G . n 
G 1 70  GLY 70  251 ?   ?   ?   G . n 
G 1 71  ASP 71  252 ?   ?   ?   G . n 
G 1 72  THR 72  253 ?   ?   ?   G . n 
G 1 73  ARG 73  254 ?   ?   ?   G . n 
G 1 74  ALA 74  255 255 ALA ALA G . n 
G 1 75  ASP 75  256 256 ASP ASP G . n 
G 1 76  ILE 76  257 257 ILE ILE G . n 
G 1 77  ILE 77  258 258 ILE ILE G . n 
G 1 78  ALA 78  259 259 ALA ALA G . n 
G 1 79  HIS 79  260 260 HIS HIS G . n 
G 1 80  ALA 80  261 261 ALA ALA G . n 
G 1 81  ILE 81  262 262 ILE ILE G . n 
G 1 82  TYR 82  263 263 TYR TYR G . n 
G 1 83  GLN 83  264 264 GLN GLN G . n 
G 1 84  VAL 84  265 265 VAL VAL G . n 
G 1 85  THR 85  266 266 THR THR G . n 
G 1 86  GLU 86  267 267 GLU GLU G . n 
G 1 87  SER 87  268 268 SER SER G . n 
G 1 88  GLU 88  269 269 GLU GLU G . n 
G 1 89  PHE 89  270 ?   ?   ?   G . n 
G 1 90  SER 90  271 ?   ?   ?   G . n 
G 1 91  ALA 91  272 ?   ?   ?   G . n 
G 1 92  SER 92  273 ?   ?   ?   G . n 
G 1 93  GLY 93  274 274 GLY GLY G . n 
G 1 94  ILE 94  275 275 ILE ILE G . n 
G 1 95  VAL 95  276 276 VAL VAL G . n 
G 1 96  LEU 96  277 277 LEU LEU G . n 
G 1 97  ASN 97  278 278 ASN ASN G . n 
G 1 98  PRO 98  279 279 PRO PRO G . n 
G 1 99  ARG 99  280 280 ARG ARG G . n 
G 1 100 ASP 100 281 281 ASP ASP G . n 
G 1 101 TRP 101 282 282 TRP TRP G . n 
G 1 102 HIS 102 283 283 HIS HIS G . n 
G 1 103 ASN 103 284 284 ASN ASN G . n 
G 1 104 ILE 104 285 285 ILE ILE G . n 
G 1 105 ALA 105 286 286 ALA ALA G . n 
G 1 106 LEU 106 287 287 LEU LEU G . n 
G 1 107 LEU 107 288 ?   ?   ?   G . n 
G 1 108 LYS 108 289 ?   ?   ?   G . n 
G 1 109 ASP 109 290 ?   ?   ?   G . n 
G 1 110 ASN 110 291 ?   ?   ?   G . n 
G 1 111 GLU 111 292 ?   ?   ?   G . n 
G 1 112 GLY 112 293 ?   ?   ?   G . n 
G 1 113 ARG 113 294 ?   ?   ?   G . n 
G 1 114 TYR 114 295 ?   ?   ?   G . n 
G 1 115 ILE 115 296 ?   ?   ?   G . n 
G 1 116 PHE 116 297 ?   ?   ?   G . n 
G 1 117 GLY 117 298 ?   ?   ?   G . n 
G 1 118 GLY 118 299 ?   ?   ?   G . n 
G 1 119 PRO 119 300 ?   ?   ?   G . n 
G 1 120 GLN 120 301 ?   ?   ?   G . n 
G 1 121 ALA 121 302 ?   ?   ?   G . n 
G 1 122 PHE 122 303 ?   ?   ?   G . n 
G 1 123 THR 123 304 ?   ?   ?   G . n 
G 1 124 SER 124 305 ?   ?   ?   G . n 
G 1 125 ASN 125 306 ?   ?   ?   G . n 
G 1 126 ILE 126 307 ?   ?   ?   G . n 
G 1 127 MET 127 308 ?   ?   ?   G . n 
G 1 128 TRP 128 309 ?   ?   ?   G . n 
G 1 129 GLY 129 310 ?   ?   ?   G . n 
G 1 130 LEU 130 311 311 LEU LEU G . n 
G 1 131 PRO 131 312 312 PRO PRO G . n 
G 1 132 VAL 132 313 313 VAL VAL G . n 
G 1 133 VAL 133 314 314 VAL VAL G . n 
G 1 134 PRO 134 315 315 PRO PRO G . n 
G 1 135 THR 135 316 ?   ?   ?   G . n 
G 1 136 LYS 136 317 ?   ?   ?   G . n 
G 1 137 ALA 137 318 ?   ?   ?   G . n 
G 1 138 GLN 138 319 ?   ?   ?   G . n 
G 1 139 ALA 139 320 ?   ?   ?   G . n 
G 1 140 ALA 140 321 ?   ?   ?   G . n 
G 1 141 GLY 141 322 ?   ?   ?   G . n 
G 1 142 THR 142 323 323 THR THR G . n 
G 1 143 PHE 143 324 324 PHE PHE G . n 
G 1 144 THR 144 325 325 THR THR G . n 
G 1 145 VAL 145 326 326 VAL VAL G . n 
G 1 146 GLY 146 327 327 GLY GLY G . n 
G 1 147 GLY 147 328 328 GLY GLY G . n 
G 1 148 PHE 148 329 329 PHE PHE G . n 
G 1 149 ASP 149 330 330 ASP ASP G . n 
G 1 150 MET 150 331 331 MET MET G . n 
G 1 151 ALA 151 332 332 ALA ALA G . n 
G 1 152 SER 152 333 333 SER SER G . n 
G 1 153 GLN 153 334 334 GLN GLN G . n 
G 1 154 VAL 154 335 335 VAL VAL G . n 
G 1 155 TRP 155 336 336 TRP TRP G . n 
G 1 156 ASP 156 337 337 ASP ASP G . n 
G 1 157 ARG 157 338 338 ARG ARG G . n 
G 1 158 MET 158 339 339 MET MET G . n 
G 1 159 ASP 159 340 340 ASP ASP G . n 
G 1 160 ALA 160 341 341 ALA ALA G . n 
G 1 161 THR 161 342 342 THR THR G . n 
G 1 162 VAL 162 343 343 VAL VAL G . n 
G 1 163 GLU 163 344 344 GLU GLU G . n 
G 1 164 VAL 164 345 345 VAL VAL G . n 
G 1 165 SER 165 346 346 SER SER G . n 
G 1 166 ARG 166 347 ?   ?   ?   G . n 
G 1 167 GLU 167 348 ?   ?   ?   G . n 
G 1 168 ASP 168 349 ?   ?   ?   G . n 
G 1 169 ARG 169 350 ?   ?   ?   G . n 
G 1 170 ASP 170 351 ?   ?   ?   G . n 
G 1 171 ASN 171 352 ?   ?   ?   G . n 
G 1 172 PHE 172 353 ?   ?   ?   G . n 
G 1 173 VAL 173 354 ?   ?   ?   G . n 
G 1 174 LYS 174 355 ?   ?   ?   G . n 
G 1 175 ASN 175 356 ?   ?   ?   G . n 
G 1 176 MET 176 357 357 MET MET G . n 
G 1 177 LEU 177 358 358 LEU LEU G . n 
G 1 178 THR 178 359 359 THR THR G . n 
G 1 179 ILE 179 360 360 ILE ILE G . n 
G 1 180 LEU 180 361 361 LEU LEU G . n 
G 1 181 CYS 181 362 362 CYS CYS G . n 
G 1 182 GLU 182 363 363 GLU GLU G . n 
G 1 183 GLU 183 364 364 GLU GLU G . n 
G 1 184 ARG 184 365 365 ARG ARG G . n 
G 1 185 LEU 185 366 366 LEU LEU G . n 
G 1 186 ALA 186 367 367 ALA ALA G . n 
G 1 187 LEU 187 368 368 LEU LEU G . n 
G 1 188 ALA 188 369 369 ALA ALA G . n 
G 1 189 HIS 189 370 370 HIS HIS G . n 
G 1 190 TYR 190 371 ?   ?   ?   G . n 
G 1 191 ARG 191 372 ?   ?   ?   G . n 
G 1 192 PRO 192 373 ?   ?   ?   G . n 
G 1 193 THR 193 374 ?   ?   ?   G . n 
G 1 194 ALA 194 375 ?   ?   ?   G . n 
G 1 195 ILE 195 376 376 ILE ILE G . n 
G 1 196 ILE 196 377 377 ILE ILE G . n 
G 1 197 LYS 197 378 378 LYS LYS G . n 
G 1 198 GLY 198 379 379 GLY GLY G . n 
G 1 199 THR 199 380 380 THR THR G . n 
# 
_cell.entry_id           3J1A 
_cell.length_a           1 
_cell.length_b           1 
_cell.length_c           1 
_cell.angle_alpha        90 
_cell.angle_beta         90 
_cell.angle_gamma        90 
_cell.Z_PDB              1 
_cell.pdbx_unique_axis   ? 
_cell.length_a_esd       ? 
_cell.length_b_esd       ? 
_cell.length_c_esd       ? 
_cell.angle_alpha_esd    ? 
_cell.angle_beta_esd     ? 
_cell.angle_gamma_esd    ? 
# 
_symmetry.entry_id                         3J1A 
_symmetry.space_group_name_H-M             'P 1' 
_symmetry.pdbx_full_space_group_name_H-M   ? 
_symmetry.cell_setting                     ? 
_symmetry.Int_Tables_number                1 
_symmetry.space_group_name_Hall            ? 
# 
_exptl.entry_id          3J1A 
_exptl.method            'ELECTRON MICROSCOPY' 
_exptl.crystals_number   ? 
# 
_exptl_crystal.id                    1 
_exptl_crystal.density_meas          ? 
_exptl_crystal.density_Matthews      ? 
_exptl_crystal.density_percent_sol   ? 
_exptl_crystal.description           ? 
# 
_diffrn.id                     1 
_diffrn.ambient_temp           ? 
_diffrn.ambient_temp_details   ? 
_diffrn.crystal_id             1 
# 
_diffrn_radiation.diffrn_id                        1 
_diffrn_radiation.wavelength_id                    1 
_diffrn_radiation.pdbx_monochromatic_or_laue_m_l   M 
_diffrn_radiation.monochromator                    ? 
_diffrn_radiation.pdbx_diffrn_protocol             'SINGLE WAVELENGTH' 
_diffrn_radiation.pdbx_scattering_type             x-ray 
# 
_diffrn_radiation_wavelength.id           1 
_diffrn_radiation_wavelength.wavelength   . 
_diffrn_radiation_wavelength.wt           1.0 
# 
_refine_hist.pdbx_refine_id                   'ELECTRON MICROSCOPY' 
_refine_hist.cycle_id                         LAST 
_refine_hist.pdbx_number_atoms_protein        898 
_refine_hist.pdbx_number_atoms_nucleic_acid   0 
_refine_hist.pdbx_number_atoms_ligand         0 
_refine_hist.number_atoms_solvent             0 
_refine_hist.number_atoms_total               898 
_refine_hist.d_res_high                       . 
_refine_hist.d_res_low                        . 
# 
_struct.entry_id                  3J1A 
_struct.title                     'HK97-like fold fitted into 3D reconstruction of bacteriophage CW02' 
_struct.pdbx_model_details        ? 
_struct.pdbx_CASP_flag            ? 
_struct.pdbx_model_type_details   ? 
# 
_struct_keywords.entry_id        3J1A 
_struct_keywords.pdbx_keywords   VIRUS 
_struct_keywords.text            
'halophage, bacteriophage HK97, bacteriophage T7, T7-like phage, turret, extremophile, Great Salt Lake, VIRUS' 
# 
loop_
_struct_asym.id 
_struct_asym.pdbx_blank_PDB_chainid_flag 
_struct_asym.pdbx_modified 
_struct_asym.entity_id 
_struct_asym.details 
A N N 1 ? 
B N N 1 ? 
C N N 1 ? 
D N N 1 ? 
E N N 1 ? 
F N N 1 ? 
G N N 1 ? 
# 
_struct_ref.id                         1 
_struct_ref.db_name                    PDB 
_struct_ref.db_code                    3J1A 
_struct_ref.pdbx_db_accession          3J1A 
_struct_ref.entity_id                  1 
_struct_ref.pdbx_seq_one_letter_code   
;NVKTIAHWVQASRQVMDDAPMLQSYINNRLMYGLALKEEGQLLNGDGTGDNLEGLNKVATAYDTSLNATGDTRADIIAHA
IYQVTESEFSASGIVLNPRDWHNIALLKDNEGRYIFGGPQAFTSNIMWGLPVVPTKAQAAGTFTVGGFDMASQVWDRMDA
TVEVSREDRDNFVKNMLTILCEERLALAHYRPTAIIKGT
;
_struct_ref.pdbx_align_begin           1 
_struct_ref.pdbx_db_isoform            ? 
# 
loop_
_struct_ref_seq.align_id 
_struct_ref_seq.ref_id 
_struct_ref_seq.pdbx_PDB_id_code 
_struct_ref_seq.pdbx_strand_id 
_struct_ref_seq.seq_align_beg 
_struct_ref_seq.pdbx_seq_align_beg_ins_code 
_struct_ref_seq.seq_align_end 
_struct_ref_seq.pdbx_seq_align_end_ins_code 
_struct_ref_seq.pdbx_db_accession 
_struct_ref_seq.db_align_beg 
_struct_ref_seq.pdbx_db_align_beg_ins_code 
_struct_ref_seq.db_align_end 
_struct_ref_seq.pdbx_db_align_end_ins_code 
_struct_ref_seq.pdbx_auth_seq_align_beg 
_struct_ref_seq.pdbx_auth_seq_align_end 
1 1 3J1A A 1 ? 199 ? 3J1A 182 ? 380 ? 182 380 
2 1 3J1A B 1 ? 199 ? 3J1A 182 ? 380 ? 182 380 
3 1 3J1A C 1 ? 199 ? 3J1A 182 ? 380 ? 182 380 
4 1 3J1A D 1 ? 199 ? 3J1A 182 ? 380 ? 182 380 
5 1 3J1A E 1 ? 199 ? 3J1A 182 ? 380 ? 182 380 
6 1 3J1A F 1 ? 199 ? 3J1A 182 ? 380 ? 182 380 
7 1 3J1A G 1 ? 199 ? 3J1A 182 ? 380 ? 182 380 
# 
loop_
_pdbx_struct_assembly.id 
_pdbx_struct_assembly.details 
_pdbx_struct_assembly.method_details 
_pdbx_struct_assembly.oligomeric_details 
_pdbx_struct_assembly.oligomeric_count 
1 'complete icosahedral assembly'                ? 420-meric  420 
2 'icosahedral asymmetric unit'                  ? heptameric 7   
3 'icosahedral pentamer'                         ? 35-meric   35  
4 'icosahedral 23 hexamer'                       ? 42-meric   42  
5 'icosahedral asymmetric unit, std point frame' ? heptameric 7   
# 
loop_
_pdbx_struct_assembly_gen.assembly_id 
_pdbx_struct_assembly_gen.oper_expression 
_pdbx_struct_assembly_gen.asym_id_list 
1 '(1-60)'           A,B,C,D,E,F,G 
2 1                  A,B,C,D,E,F,G 
3 '(1-5)'            A,B,C,D,E,F,G 
4 '(1,2,6,10,23,24)' A,B,C,D,E,F,G 
5 P                  A,B,C,D,E,F,G 
# 
loop_
_pdbx_struct_oper_list.id 
_pdbx_struct_oper_list.type 
_pdbx_struct_oper_list.name 
_pdbx_struct_oper_list.symmetry_operation 
_pdbx_struct_oper_list.matrix[1][1] 
_pdbx_struct_oper_list.matrix[1][2] 
_pdbx_struct_oper_list.matrix[1][3] 
_pdbx_struct_oper_list.vector[1] 
_pdbx_struct_oper_list.matrix[2][1] 
_pdbx_struct_oper_list.matrix[2][2] 
_pdbx_struct_oper_list.matrix[2][3] 
_pdbx_struct_oper_list.vector[2] 
_pdbx_struct_oper_list.matrix[3][1] 
_pdbx_struct_oper_list.matrix[3][2] 
_pdbx_struct_oper_list.matrix[3][3] 
_pdbx_struct_oper_list.vector[3] 
P  'transform to point frame' ?     ?     0.32278166  0.19688274  -0.92576951 75.61144   0.90719075  -0.34322763 0.24330995  85.26363  -0.26984615 -0.91838553 -0.28939778 267.25825  
1  'identity operation'       1_555 x,y,z 1.00000000  0.00000000  0.00000000  0.00000    0.00000000  1.00000000  0.00000000  0.00000   0.00000000  0.00000000  1.00000000  0.00000    
2  'point symmetry operation' ?     ?     0.35130763  -0.05191983 -0.93481938 112.60980  -0.27686532 0.94804554  -0.15670113 25.13130  0.89438725  0.31386938  0.31868082  31.20983   
3  'point symmetry operation' ?     ?     -0.69829869 -0.36087336 -0.61818228 121.69009  -0.49989733 0.86398147  0.06032160  12.88854  0.51232958  0.35115018  -0.78371676 149.76051  
4  'point symmetry operation' ?     ?     -0.69829870 -0.49989733 0.51232958  14.69224   -0.36087337 0.86398147  0.35115017  -19.80919 -0.61818229 0.06032161  -0.78371676 191.81903  
5  'point symmetry operation' ?     ?     0.35130762  -0.27686532 0.89438724  -60.51637  -0.05191983 0.94804554  0.31386937  -27.77474 -0.93481940 -0.15670114 0.31868083  99.26194   
6  'point symmetry operation' ?     ?     -0.85436611 0.49564560  0.15618575  -203.51272 0.49564560  0.68686396  0.53155746  28.75649  0.15618575  0.53155747  -0.83249785 98.50656   
7  'point symmetry operation' ?     ?     -0.29768186 0.56327506  0.77078318  -282.39196 0.45937349  0.79228409  -0.40157431 118.42264 -0.83687605 0.23453598  -0.49460223 103.47121  
8  'point symmetry operation' ?     ?     0.42884941  0.79139123  0.43564674  -277.70201 -0.41713752 0.60122893  -0.68155709 177.53066 -0.80130174 0.11056075  0.58795565  -0.31148   
9  'point symmetry operation' ?     ?     0.32118618  0.86474532  -0.38607638 -195.92422 -0.92257900 0.37773022  0.07853581  124.39526 0.21374619  0.33096134  0.91911759  -69.41738  
10 'point symmetry operation' ?     ?     -0.47188463 0.68196446  -0.55879277 -150.07272 -0.35844801 0.43065558  0.82828183  32.44778  0.80550601  0.59115163  0.04122905  -8.34447   
11 'point symmetry operation' ?     ?     0.64599012  -0.62274586 0.44145707  95.42525   -0.62274587 -0.76438958 -0.16702139 461.11905 0.44145708  -0.16702140 -0.88160054 294.68542  
12 'point symmetry operation' ?     ?     0.79419156  -0.48537128 -0.36561519 166.29745  -0.15652422 -0.74476618 0.64870911  366.56896 -0.58716261 -0.45797167 -0.66745938 312.68574  
13 'point symmetry operation' ?     ?     0.08638646  -0.61614378 -0.78288199 232.12240  0.73140894  -0.49433563 0.46975873  350.47196 -0.67644538 -0.61318768 0.40794917  214.22477  
14 'point symmetry operation' ?     ?     -0.49926260 -0.83434022 -0.23369478 201.93225  0.81396014  -0.35918443 -0.45656920 435.07357 0.29699451  -0.41816617 0.85844704  135.37222  
15 'point symmetry operation' ?     ?     -0.15340852 -0.83842053 0.52298837  117.44876  -0.02295355 -0.52608696 -0.85012096 503.45723 0.98789624  -0.14242024 0.06146149  185.09964  
16 'point symmetry operation' ?     ?     -0.79162401 0.12710028  -0.59764282 -10.46353  0.12710027  -0.92247438 -0.36453607 549.42189 -0.59764283 -0.36453607 0.71409839  113.19691  
17 'point symmetry operation' ?     ?     -0.84781733 -0.02598395 0.52965140  -115.06628 -0.02598395 -0.99556345 -0.09043366 529.17453 0.52965140  -0.09043367 0.84338078  59.02211   
18 'point symmetry operation' ?     ?     0.18306283  0.18562591  0.96541753  -194.66149 0.18562592  -0.97087477 0.15147675  498.40627 0.96541754  0.15147675  -0.21218806 142.71509  
19 'point symmetry operation' ?     ?     0.87637512  0.46949222  0.10744158  -139.25128 0.46949223  -0.88252725 0.02688321  499.63779 0.10744159  0.02688321  -0.99384787 248.61502  
20 'point symmetry operation' ?     ?     0.27398553  0.43332138  -0.85858284 -25.41069  0.43332139  -0.85261416 -0.29203025 531.16718 -0.85858285 -0.29203025 -0.42137137 230.37178  
21 'point symmetry operation' ?     ?     -0.03907879 -0.02520914 -0.99891808 102.21425  -0.99706649 0.06682545  0.03731991  208.18608 0.06581234  0.99744616  -0.02774666 -127.10041 
22 'point symmetry operation' ?     ?     -0.90016874 -0.33540024 -0.27785414 66.00399   -0.33540025 0.12683466  0.93349860  98.75079  -0.27785414 0.93349860  -0.22666592 -95.48815  
23 'point symmetry operation' ?     ?     -0.47188463 -0.35844800 0.80550600  -52.46465  0.68196447  0.43065558  0.59115162  93.30329  -0.55879278 0.82828183  0.04122905  -110.39142 
24 'point symmetry operation' ?     ?     0.65389945  -0.06250120 0.75399542  -89.47203  0.64906420  0.55841802  -0.51660913 199.37184 -0.38875594 0.82720187  0.40571653  -151.21441 
25 'point symmetry operation' ?     ?     0.92138818  0.14345175  -0.36119999 6.12478    -0.38863400 0.33355863  -0.85889596 270.37331 -0.00272875 0.93175117  0.36308718  -161.54113 
26 'point symmetry operation' ?     ?     -0.13512399 -0.56766685 0.81209350  11.04238   0.89081040  -0.42845395 -0.15127476 416.69971 0.43381835  0.70298048  0.56357793  -114.54423 
27 'point symmetry operation' ?     ?     0.83602325  -0.27626713 0.47406919  6.90519    0.29627430  -0.49992509 -0.81381597 501.52482 0.46182970  0.82082359  -0.33609815 -30.43606  
28 'point symmetry operation' ?     ?     0.79419157  -0.15652420 -0.58716261 108.90226  -0.48537129 -0.74476618 -0.45797167 496.92538 -0.36561520 0.64870911  -0.66745938 31.70929   
29 'point symmetry operation' ?     ?     -0.20280907 -0.37391873 -0.90501561 176.07710  -0.37391873 -0.82461514 0.42449340  409.25766 -0.90501562 0.42449340  0.02742422  -13.99096  
30 'point symmetry operation' ?     ?     -0.77715767 -0.62801885 -0.04022778 115.59636  0.47660832  -0.62912344 0.61404252  359.67547 -0.41093852 0.45803495  0.78824711  -104.38060 
31 'point symmetry operation' ?     ?     -0.45052508 0.21044645  0.86760557  -207.50587 -0.66923524 0.56360514  -0.48422459 154.85287 -0.59089032 -0.79878754 -0.11308006 330.94464  
32 'point symmetry operation' ?     ?     0.55943715  0.49521883  0.66467163  -225.87278 -0.82423446 0.41708665  0.38298340  78.54200  -0.08756507 -0.76210041 0.64151019  240.80083  
33 'point symmetry operation' ?     ?     0.65389945  0.64906419  -0.38875594 -129.68490 -0.06250121 0.55841801  0.82720187  8.15990   0.75399543  -0.51660913 0.40571653  231.80900  
34 'point symmetry operation' ?     ?     -0.29768185 0.45937348  -0.83687604 -51.87060  0.56327507  0.79228408  0.23453596  40.97226  0.77078318  -0.40157430 -0.49460223 316.39556  
35 'point symmetry operation' ?     ?     -0.98025375 0.18829281  -0.06040192 -99.96661  0.18829282  0.79548991  -0.57597016 131.63351 -0.06040192 -0.57597014 -0.81523616 377.66475  
36 'point symmetry operation' ?     ?     0.62472785  0.38242954  -0.68078099 -24.30175  0.77549133  -0.20197664 0.59817944  259.55877 0.09125965  -0.90163911 -0.42275122 417.08889  
37 'point symmetry operation' ?     ?     -0.49529166 0.11644855  -0.86088669 34.41262   0.86336041  -0.04399622 -0.50266604 360.47983 -0.09641048 -0.99222178 -0.07874611 391.51226  
38 'point symmetry operation' ?     ?     -0.97620638 -0.13409198 0.17041254  -45.30370  -0.13409198 -0.24430741 -0.96038182 440.90886 0.17041254  -0.96038182 0.22051380  353.26202  
39 'point symmetry operation' ?     ?     -0.15340853 -0.02295356 0.98789623  -153.28545 -0.83842053 -0.52608697 -0.14242024 389.69567 0.52298837  -0.85012096 0.06146149  355.19870  
40 'point symmetry operation' ?     ?     0.83602325  0.29627430  0.46182969  -140.30553 -0.27626714 -0.49992510 0.82082359  277.61516 0.47406919  -0.81381598 -0.33609815 394.64587  
41 'point symmetry operation' ?     ?     -0.03907879 -0.99706648 0.06581235  219.93454  -0.02520915 0.06682544  0.99744617  115.44042 -0.99891810 0.03731991  -0.02774665 90.80756   
42 'point symmetry operation' ?     ?     0.32118618  -0.92257900 0.21374619  192.53031  0.86474532  0.37773022  0.33096135  145.41117 -0.38607638 0.07853581  0.91911759  -21.60846  
43 'point symmetry operation' ?     ?     0.55943715  -0.82423445 -0.08756507 212.18439  0.49521883  0.41708666  -0.76210041 262.61205 0.66467164  0.38298341  0.64151019  -34.42523  
44 'point symmetry operation' ?     ?     0.34641939  -0.83794167 -0.42171952 251.73551  -0.62311557 0.13050549  -0.77116491 305.07545 0.70122792  0.52992647  -0.47692488 70.06961   
45 'point symmetry operation' ?     ?     -0.02348380 -0.94475774 -0.32692707 256.52537  -0.94475775 -0.08596785 0.31629469  214.11838 -0.32692707 0.31629469  -0.89054835 147.46772  
46 'point symmetry operation' ?     ?     -0.45052507 -0.66923523 -0.59089031 205.69838  0.21044646  0.56360514  -0.79878754 220.74746 0.86760558  -0.48422460 -0.11308007 292.44007  
47 'point symmetry operation' ?     ?     -0.50146963 -0.79653666 0.33772408  119.70451  -0.79653666 0.27268206  -0.53960527 233.67989 0.33772408  -0.53960527 -0.77121242 374.44255  
48 'point symmetry operation' ?     ?     0.34641938  -0.62311557 0.70122792  53.75643   -0.83794169 0.13050548  0.52992648  133.99392 -0.42171953 -0.77116490 -0.47692487 374.84320  
49 'point symmetry operation' ?     ?     0.92138817  -0.38863400 -0.00272875 98.99215   0.14345173  0.33355862  0.93175117  59.45218  -0.36119999 -0.85889595 0.36308720  293.08833  
50 'point symmetry operation' ?     ?     0.42884941  -0.41713752 -0.80130174 192.89744  0.79139125  0.60122893  0.11056075  113.06881 0.43564676  -0.68155709 0.58795564  242.16040  
51 'point symmetry operation' ?     ?     0.62472785  0.77549132  0.09125964  -224.16697 0.38242954  -0.20197663 -0.90163911 437.78216 -0.68078099 0.59817945  -0.42275122 4.51795    
52 'point symmetry operation' ?     ?     0.08638646  0.73140893  -0.67644538 -131.47920 -0.61614378 -0.49433562 -0.61318768 447.63153 -0.78288200 0.46975873  0.40794917  -70.30563  
53 'point symmetry operation' ?     ?     -0.77715767 0.47660832  -0.41093851 -124.48173 -0.62801886 -0.62912343 0.45803496  346.68694 -0.04022778 0.61404251  0.78824711  -133.92813 
54 'point symmetry operation' ?     ?     -0.77251590 0.36321526  0.52085876  -212.84483 0.36321528  -0.42006789 0.83163552  274.45036 0.52085876  0.83163552  0.19258379  -98.42543  
55 'point symmetry operation' ?     ?     0.09389700  0.54793512  0.83123429  -274.45370 0.98770673  -0.15607665 -0.00868927 330.75032 0.12497512  0.82183159  -0.55585434 -12.86104  
56 'point symmetry operation' ?     ?     -0.13512399 0.89081039  0.43381833  -320.01695 -0.56766685 -0.42845395 0.70298048  265.32738 0.81209350  -0.15127476 0.56357794  118.62331  
57 'point symmetry operation' ?     ?     0.09389700  0.98770672  0.12497510  -299.30662 0.54793513  -0.15607666 0.82183160  212.57485 0.83123430  -0.00868927 -0.55585433 223.86044  
58 'point symmetry operation' ?     ?     -0.12869886 0.97074170  -0.20272434 -260.01009 0.97074170  0.08153129  -0.22586103 296.00452 -0.20272433 -0.22586102 -0.95283243 299.89906  
59 'point symmetry operation' ?     ?     -0.49529166 0.86336040  -0.09641049 -256.43384 0.11644856  -0.04399621 -0.99222178 400.31944 -0.86088670 -0.50266604 -0.07874611 241.65639  
60 'point symmetry operation' ?     ?     -0.49926261 0.81396014  0.29699451  -293.52012 -0.83434023 -0.35918443 -0.41816617 381.35993 -0.23369479 -0.45656920 0.85844704  129.62182  
# 
_struct_biol.id        1 
_struct_biol.details   ? 
# 
loop_
_struct_conf.conf_type_id 
_struct_conf.id 
_struct_conf.pdbx_PDB_helix_id 
_struct_conf.beg_label_comp_id 
_struct_conf.beg_label_asym_id 
_struct_conf.beg_label_seq_id 
_struct_conf.pdbx_beg_PDB_ins_code 
_struct_conf.end_label_comp_id 
_struct_conf.end_label_asym_id 
_struct_conf.end_label_seq_id 
_struct_conf.pdbx_end_PDB_ins_code 
_struct_conf.beg_auth_comp_id 
_struct_conf.beg_auth_asym_id 
_struct_conf.beg_auth_seq_id 
_struct_conf.end_auth_comp_id 
_struct_conf.end_auth_asym_id 
_struct_conf.end_auth_seq_id 
_struct_conf.pdbx_PDB_helix_class 
_struct_conf.details 
_struct_conf.pdbx_PDB_helix_length 
HELX_P HELX_P1  4  ARG A 13  ? ALA A 19  ? ARG A 194 ALA A 200 1 ? 7  
HELX_P HELX_P2  5  MET A 21  ? ASN A 44  ? MET A 202 ASN A 225 1 ? 24 
HELX_P HELX_P3  6  ASN A 97  ? LEU A 106 ? ASN A 278 LEU A 287 1 ? 10 
HELX_P HELX_P4  7  GLY A 147 ? ALA A 151 ? GLY A 328 ALA A 332 1 ? 5  
HELX_P HELX_P5  8  ARG A 191 ? THR A 193 ? ARG A 372 THR A 374 1 ? 3  
HELX_P HELX_P6  9  ARG B 13  ? ALA B 19  ? ARG B 194 ALA B 200 1 ? 7  
HELX_P HELX_P7  10 ASN B 97  ? LEU B 106 ? ASN B 278 LEU B 287 1 ? 10 
HELX_P HELX_P8  11 GLY B 147 ? ALA B 151 ? GLY B 328 ALA B 332 1 ? 5  
HELX_P HELX_P9  12 ARG B 191 ? THR B 193 ? ARG B 372 THR B 374 1 ? 3  
HELX_P HELX_P10 13 ASN C 97  ? LEU C 106 ? ASN C 278 LEU C 287 1 ? 10 
HELX_P HELX_P11 14 GLY C 147 ? ALA C 151 ? GLY C 328 ALA C 332 1 ? 5  
HELX_P HELX_P12 15 ARG C 191 ? THR C 193 ? ARG C 372 THR C 374 1 ? 3  
HELX_P HELX_P13 16 ASN D 97  ? LEU D 106 ? ASN D 278 LEU D 287 1 ? 10 
HELX_P HELX_P14 17 PHE D 148 ? MET D 150 ? PHE D 329 MET D 331 1 ? 3  
HELX_P HELX_P15 18 ARG D 191 ? THR D 193 ? ARG D 372 THR D 374 1 ? 3  
HELX_P HELX_P16 19 ARG E 13  ? ALA E 19  ? ARG E 194 ALA E 200 1 ? 7  
HELX_P HELX_P17 20 ASN E 97  ? LEU E 106 ? ASN E 278 LEU E 287 1 ? 10 
HELX_P HELX_P18 21 PHE E 148 ? MET E 150 ? PHE E 329 MET E 331 1 ? 3  
HELX_P HELX_P19 22 ARG E 191 ? THR E 193 ? ARG E 372 THR E 374 1 ? 3  
HELX_P HELX_P20 23 ARG F 13  ? ALA F 19  ? ARG F 194 ALA F 200 1 ? 7  
HELX_P HELX_P21 24 ASN F 97  ? LEU F 106 ? ASN F 278 LEU F 287 1 ? 10 
HELX_P HELX_P22 25 PHE F 148 ? MET F 150 ? PHE F 329 MET F 331 1 ? 3  
HELX_P HELX_P23 26 ARG F 191 ? THR F 193 ? ARG F 372 THR F 374 1 ? 3  
HELX_P HELX_P24 1  ARG G 13  ? ALA G 59  ? ARG G 194 ALA G 240 1 ? 39 
HELX_P HELX_P25 2  ASN G 97  ? LEU G 106 ? ASN G 278 LEU G 287 1 ? 10 
HELX_P HELX_P26 3  GLY G 147 ? ALA G 151 ? GLY G 328 ALA G 332 1 ? 5  
# 
_struct_conf_type.id          HELX_P 
_struct_conf_type.criteria    ? 
_struct_conf_type.reference   ? 
# 
loop_
_struct_sheet.id 
_struct_sheet.type 
_struct_sheet.number_strands 
_struct_sheet.details 
1  ? 1 ? 
2  ? 1 ? 
3  ? 1 ? 
4  ? 1 ? 
5  ? 1 ? 
6  ? 1 ? 
7  ? 1 ? 
8  ? 1 ? 
9  ? 1 ? 
10 ? 1 ? 
11 ? 1 ? 
12 ? 1 ? 
13 ? 1 ? 
14 ? 1 ? 
15 ? 1 ? 
16 ? 1 ? 
17 ? 1 ? 
18 ? 1 ? 
19 ? 1 ? 
20 ? 1 ? 
21 ? 1 ? 
22 ? 1 ? 
23 ? 1 ? 
24 ? 1 ? 
25 ? 1 ? 
26 ? 1 ? 
27 ? 1 ? 
28 ? 1 ? 
29 ? 1 ? 
30 ? 1 ? 
31 ? 1 ? 
32 ? 1 ? 
33 ? 1 ? 
34 ? 1 ? 
35 ? 1 ? 
36 ? 1 ? 
37 ? 1 ? 
38 ? 1 ? 
39 ? 1 ? 
40 ? 1 ? 
41 ? 1 ? 
42 ? 1 ? 
43 ? 1 ? 
44 ? 1 ? 
# 
loop_
_struct_sheet_range.sheet_id 
_struct_sheet_range.id 
_struct_sheet_range.beg_label_comp_id 
_struct_sheet_range.beg_label_asym_id 
_struct_sheet_range.beg_label_seq_id 
_struct_sheet_range.pdbx_beg_PDB_ins_code 
_struct_sheet_range.end_label_comp_id 
_struct_sheet_range.end_label_asym_id 
_struct_sheet_range.end_label_seq_id 
_struct_sheet_range.pdbx_end_PDB_ins_code 
_struct_sheet_range.beg_auth_comp_id 
_struct_sheet_range.beg_auth_asym_id 
_struct_sheet_range.beg_auth_seq_id 
_struct_sheet_range.end_auth_comp_id 
_struct_sheet_range.end_auth_asym_id 
_struct_sheet_range.end_auth_seq_id 
1  1 THR G 60  ? ALA G 61  ? THR G 241 ALA G 242 
2  1 GLY G 93  ? LEU G 96  ? GLY G 274 LEU G 277 
3  1 LEU G 130 ? GLY G 146 ? LEU G 311 GLY G 327 
4  1 SER G 152 ? THR G 199 ? SER G 333 THR G 380 
5  1 LYS A 3   ? SER A 12  ? LYS A 184 SER A 193 
6  1 GLY A 93  ? LEU A 96  ? GLY A 274 LEU A 277 
7  1 ILE A 126 ? MET A 127 ? ILE A 307 MET A 308 
8  1 LEU A 130 ? GLY A 146 ? LEU A 311 GLY A 327 
9  1 SER A 152 ? ASP A 156 ? SER A 333 ASP A 337 
10 1 MET A 158 ? LEU A 185 ? MET A 339 LEU A 366 
11 1 LEU A 187 ? HIS A 189 ? LEU A 368 HIS A 370 
12 1 ILE A 195 ? THR A 199 ? ILE A 376 THR A 380 
13 1 LYS B 3   ? SER B 12  ? LYS B 184 SER B 193 
14 1 GLY B 93  ? LEU B 96  ? GLY B 274 LEU B 277 
15 1 ILE B 126 ? MET B 127 ? ILE B 307 MET B 308 
16 1 LEU B 130 ? GLY B 146 ? LEU B 311 GLY B 327 
17 1 SER B 152 ? ASP B 156 ? SER B 333 ASP B 337 
18 1 MET B 158 ? LEU B 185 ? MET B 339 LEU B 366 
19 1 LEU B 187 ? HIS B 189 ? LEU B 368 HIS B 370 
20 1 ILE B 195 ? THR B 199 ? ILE B 376 THR B 380 
21 1 GLY C 93  ? LEU C 96  ? GLY C 274 LEU C 277 
22 1 ILE C 126 ? MET C 127 ? ILE C 307 MET C 308 
23 1 LEU C 130 ? GLY C 146 ? LEU C 311 GLY C 327 
24 1 MET C 176 ? HIS C 189 ? MET C 357 HIS C 370 
25 1 ILE C 195 ? THR C 199 ? ILE C 376 THR C 380 
26 1 LYS D 3   ? SER D 12  ? LYS D 184 SER D 193 
27 1 GLY D 93  ? LEU D 96  ? GLY D 274 LEU D 277 
28 1 ILE D 126 ? MET D 127 ? ILE D 307 MET D 308 
29 1 LEU D 130 ? GLY D 146 ? LEU D 311 GLY D 327 
30 1 SER D 152 ? HIS D 189 ? SER D 333 HIS D 370 
31 1 ILE D 195 ? THR D 199 ? ILE D 376 THR D 380 
32 1 LYS E 3   ? SER E 12  ? LYS E 184 SER E 193 
33 1 GLY E 93  ? LEU E 96  ? GLY E 274 LEU E 277 
34 1 ILE E 126 ? MET E 127 ? ILE E 307 MET E 308 
35 1 LEU E 130 ? GLY E 146 ? LEU E 311 GLY E 327 
36 1 SER E 152 ? ASP E 156 ? SER E 333 ASP E 337 
37 1 MET E 158 ? LEU E 185 ? MET E 339 LEU E 366 
38 1 LEU E 187 ? HIS E 189 ? LEU E 368 HIS E 370 
39 1 ILE E 195 ? THR E 199 ? ILE E 376 THR E 380 
40 1 GLY F 93  ? LEU F 96  ? GLY F 274 LEU F 277 
41 1 ILE F 126 ? MET F 127 ? ILE F 307 MET F 308 
42 1 LEU F 130 ? GLY F 146 ? LEU F 311 GLY F 327 
43 1 MET F 176 ? HIS F 189 ? MET F 357 HIS F 370 
44 1 ILE F 195 ? THR F 199 ? ILE F 376 THR F 380 
# 
_pdbx_point_symmetry.entry_id             3J1A 
_pdbx_point_symmetry.Schoenflies_symbol   I 
_pdbx_point_symmetry.circular_symmetry    ? 
_pdbx_point_symmetry.H-M_notation         ? 
# 
_pdbx_entry_details.entry_id                 3J1A 
_pdbx_entry_details.nonpolymer_details       ? 
_pdbx_entry_details.sequence_details         
'MODELED SEQUENCE COMPRISES RESIDUES 182-380 OF MAJOR CAPSID PROTEIN FROM ENTEROBACTERIA PHAGE HK97 (UNP P49861).' 
_pdbx_entry_details.compound_details         ? 
_pdbx_entry_details.source_details           ? 
_pdbx_entry_details.has_ligand_of_interest   ? 
# 
_em_3d_fitting.id                1 
_em_3d_fitting.entry_id          3J1A 
_em_3d_fitting.ref_protocol      'RIGID BODY FIT' 
_em_3d_fitting.ref_space         REAL 
_em_3d_fitting.overall_b_value   ? 
_em_3d_fitting.target_criteria   ? 
_em_3d_fitting.details           
;REFINEMENT PROTOCOL--Automatic rigid body DETAILS--C-alpha coordinates 
pertaining to the HK97-fold were separately fitted as rigid bodies into capsid 
hexamers or pentamers.
;
_em_3d_fitting.method            ? 
# 
_em_3d_fitting_list.3d_fitting_id                 1 
_em_3d_fitting_list.id                            1 
_em_3d_fitting_list.pdb_entry_id                  1OHG 
_em_3d_fitting_list.pdb_chain_id                  G 
_em_3d_fitting_list.details                       ? 
_em_3d_fitting_list.initial_refinement_model_id   1 
_em_3d_fitting_list.chain_id                      ? 
_em_3d_fitting_list.chain_residue_range           ? 
_em_3d_fitting_list.pdb_chain_residue_range       ? 
_em_3d_fitting_list.source_name                   PDB 
_em_3d_fitting_list.type                          'experimental model' 
_em_3d_fitting_list.accession_code                1OHG 
# 
_em_3d_reconstruction.entry_id                    3J1A 
_em_3d_reconstruction.id                          1 
_em_3d_reconstruction.resolution_method           'FSC 0.5 CUT-OFF' 
_em_3d_reconstruction.symmetry_type               POINT 
_em_3d_reconstruction.image_processing_id         1 
_em_3d_reconstruction.method                      'projection matching' 
_em_3d_reconstruction.nominal_pixel_size          ? 
_em_3d_reconstruction.actual_pixel_size           ? 
_em_3d_reconstruction.resolution                  16 
_em_3d_reconstruction.magnification_calibration   ? 
_em_3d_reconstruction.details                     'Particles were manually selected using X3D' 
_em_3d_reconstruction.num_particles               8695 
_em_3d_reconstruction.num_class_averages          ? 
_em_3d_reconstruction.algorithm                   ? 
# 
_em_buffer.id            1 
_em_buffer.specimen_id   1 
_em_buffer.name          ? 
_em_buffer.pH            8 
_em_buffer.details       '1.35 M NaCl, 48 mM MgSO4-7H2O, 1 mM CaCl2, 2 mM Tris-Cl' 
# 
_em_entity_assembly.id                   1 
_em_entity_assembly.name                 'Bacteriophage CW02' 
_em_entity_assembly.type                 VIRUS 
_em_entity_assembly.parent_id            0 
_em_entity_assembly.synonym              ? 
_em_entity_assembly.details              'Head and tail phage. Sample buffer solution contains 8% NaCl' 
_em_entity_assembly.oligomeric_details   ? 
# 
_em_imaging.entry_id                        3J1A 
_em_imaging.id                              1 
_em_imaging.specimen_id                     1 
_em_imaging.date                            2009-07-01 
_em_imaging.temperature                     93 
_em_imaging.microscope_model                'FEI TECNAI F30' 
_em_imaging.nominal_defocus_min             200 
_em_imaging.nominal_defocus_max             2800 
_em_imaging.tilt_angle_min                  0.0 
_em_imaging.tilt_angle_max                  0.0 
_em_imaging.nominal_cs                      2.0 
_em_imaging.mode                            'BRIGHT FIELD' 
_em_imaging.illumination_mode               'FLOOD BEAM' 
_em_imaging.nominal_magnification           39000 
_em_imaging.calibrated_magnification        37564 
_em_imaging.electron_source                 'FIELD EMISSION GUN' 
_em_imaging.accelerating_voltage            200 
_em_imaging.details                         ? 
_em_imaging.specimen_holder_type            ? 
_em_imaging.specimen_holder_model           'GATAN LIQUID NITROGEN' 
_em_imaging.recording_temperature_minimum   92 
_em_imaging.recording_temperature_maximum   94 
_em_imaging.detector_distance               0.0 
_em_imaging.electron_beam_tilt_params       ? 
_em_imaging.astigmatism                     ? 
_em_imaging.citation_id                     ? 
# 
_em_sample_support.id               1 
_em_sample_support.specimen_id      1 
_em_sample_support.details          '200 mesh, holey-carbon-coated copper grid' 
_em_sample_support.film_material    ? 
_em_sample_support.grid_material    ? 
_em_sample_support.grid_mesh_size   ? 
_em_sample_support.grid_type        ? 
_em_sample_support.method           ? 
# 
_em_virus_entity.id                    1 
_em_virus_entity.virus_host_category   'BACTERIA(EUBACTERIA)' 
_em_virus_entity.entity_assembly_id    1 
_em_virus_entity.virus_type            VIRION 
_em_virus_entity.virus_isolate         SPECIES 
_em_virus_entity.empty                 NO 
_em_virus_entity.enveloped             NO 
_em_virus_entity.details               ? 
# 
_em_vitrification.entry_id              3J1A 
_em_vitrification.id                    1 
_em_vitrification.temp                  ? 
_em_vitrification.chamber_temperature   277 
_em_vitrification.details               'Blotted for 4 seconds before plunging into liquid ethane (FEI Vitrobot MarK III)' 
_em_vitrification.cryogen_name          ETHANE 
_em_vitrification.humidity              100 
_em_vitrification.instrument            'FEI VITROBOT MARK III' 
_em_vitrification.method                'Blot for 4 seconds before plunging' 
_em_vitrification.time_resolved_state   ? 
_em_vitrification.citation_id           ? 
_em_vitrification.specimen_id           1 
# 
_em_experiment.entry_id                3J1A 
_em_experiment.id                      1 
_em_experiment.aggregation_state       PARTICLE 
_em_experiment.entity_assembly_id      1 
_em_experiment.reconstruction_method   'SINGLE PARTICLE' 
# 
_em_single_particle_entity.entry_id              3J1A 
_em_single_particle_entity.id                    1 
_em_single_particle_entity.point_symmetry        I 
_em_single_particle_entity.image_processing_id   1 
# 
loop_
_pdbx_unobs_or_zero_occ_residues.id 
_pdbx_unobs_or_zero_occ_residues.PDB_model_num 
_pdbx_unobs_or_zero_occ_residues.polymer_flag 
_pdbx_unobs_or_zero_occ_residues.occupancy_flag 
_pdbx_unobs_or_zero_occ_residues.auth_asym_id 
_pdbx_unobs_or_zero_occ_residues.auth_comp_id 
_pdbx_unobs_or_zero_occ_residues.auth_seq_id 
_pdbx_unobs_or_zero_occ_residues.PDB_ins_code 
_pdbx_unobs_or_zero_occ_residues.label_asym_id 
_pdbx_unobs_or_zero_occ_residues.label_comp_id 
_pdbx_unobs_or_zero_occ_residues.label_seq_id 
1   1 Y 1 A ASN 182 ? A ASN 1   
2   1 Y 1 A VAL 183 ? A VAL 2   
3   1 Y 1 A GLY 226 ? A GLY 45  
4   1 Y 1 A ASP 227 ? A ASP 46  
5   1 Y 1 A GLY 228 ? A GLY 47  
6   1 Y 1 A THR 229 ? A THR 48  
7   1 Y 1 A GLY 230 ? A GLY 49  
8   1 Y 1 A ASP 231 ? A ASP 50  
9   1 Y 1 A ASN 232 ? A ASN 51  
10  1 Y 1 A LEU 233 ? A LEU 52  
11  1 Y 1 A GLU 234 ? A GLU 53  
12  1 Y 1 A GLY 235 ? A GLY 54  
13  1 Y 1 A LEU 236 ? A LEU 55  
14  1 Y 1 A ASN 237 ? A ASN 56  
15  1 Y 1 A LYS 238 ? A LYS 57  
16  1 Y 1 A VAL 239 ? A VAL 58  
17  1 Y 1 A ALA 240 ? A ALA 59  
18  1 Y 1 A THR 241 ? A THR 60  
19  1 Y 1 A ALA 242 ? A ALA 61  
20  1 Y 1 A TYR 243 ? A TYR 62  
21  1 Y 1 A ASP 244 ? A ASP 63  
22  1 Y 1 A THR 245 ? A THR 64  
23  1 Y 1 A SER 246 ? A SER 65  
24  1 Y 1 A LEU 247 ? A LEU 66  
25  1 Y 1 A ASN 248 ? A ASN 67  
26  1 Y 1 A ALA 249 ? A ALA 68  
27  1 Y 1 A THR 250 ? A THR 69  
28  1 Y 1 A GLY 251 ? A GLY 70  
29  1 Y 1 A ASP 252 ? A ASP 71  
30  1 Y 1 A THR 253 ? A THR 72  
31  1 Y 1 A ARG 254 ? A ARG 73  
32  1 Y 1 A PHE 270 ? A PHE 89  
33  1 Y 1 A SER 271 ? A SER 90  
34  1 Y 1 A ALA 272 ? A ALA 91  
35  1 Y 1 A SER 273 ? A SER 92  
36  1 Y 1 A LEU 288 ? A LEU 107 
37  1 Y 1 A LYS 289 ? A LYS 108 
38  1 Y 1 A ASP 290 ? A ASP 109 
39  1 Y 1 A ASN 291 ? A ASN 110 
40  1 Y 1 A GLU 292 ? A GLU 111 
41  1 Y 1 A GLY 293 ? A GLY 112 
42  1 Y 1 A ARG 294 ? A ARG 113 
43  1 Y 1 A TYR 295 ? A TYR 114 
44  1 Y 1 A ILE 296 ? A ILE 115 
45  1 Y 1 A PHE 297 ? A PHE 116 
46  1 Y 1 A GLY 298 ? A GLY 117 
47  1 Y 1 A GLY 299 ? A GLY 118 
48  1 Y 1 A PRO 300 ? A PRO 119 
49  1 Y 1 A GLN 301 ? A GLN 120 
50  1 Y 1 A ALA 302 ? A ALA 121 
51  1 Y 1 A PHE 303 ? A PHE 122 
52  1 Y 1 A THR 304 ? A THR 123 
53  1 Y 1 A SER 305 ? A SER 124 
54  1 Y 1 A ASN 306 ? A ASN 125 
55  1 Y 1 A THR 316 ? A THR 135 
56  1 Y 1 A LYS 317 ? A LYS 136 
57  1 Y 1 A ALA 318 ? A ALA 137 
58  1 Y 1 A GLN 319 ? A GLN 138 
59  1 Y 1 A ALA 320 ? A ALA 139 
60  1 Y 1 A ALA 321 ? A ALA 140 
61  1 Y 1 A GLY 322 ? A GLY 141 
62  1 Y 1 A ARG 347 ? A ARG 166 
63  1 Y 1 A GLU 348 ? A GLU 167 
64  1 Y 1 A ASP 349 ? A ASP 168 
65  1 Y 1 A ARG 350 ? A ARG 169 
66  1 Y 1 A ASP 351 ? A ASP 170 
67  1 Y 1 A ASN 352 ? A ASN 171 
68  1 Y 1 A PHE 353 ? A PHE 172 
69  1 Y 1 A VAL 354 ? A VAL 173 
70  1 Y 1 A LYS 355 ? A LYS 174 
71  1 Y 1 A ASN 356 ? A ASN 175 
72  1 Y 1 B ASN 182 ? B ASN 1   
73  1 Y 1 B VAL 183 ? B VAL 2   
74  1 Y 1 B GLY 226 ? B GLY 45  
75  1 Y 1 B ASP 227 ? B ASP 46  
76  1 Y 1 B GLY 228 ? B GLY 47  
77  1 Y 1 B THR 229 ? B THR 48  
78  1 Y 1 B GLY 230 ? B GLY 49  
79  1 Y 1 B ASP 231 ? B ASP 50  
80  1 Y 1 B ASN 232 ? B ASN 51  
81  1 Y 1 B LEU 233 ? B LEU 52  
82  1 Y 1 B GLU 234 ? B GLU 53  
83  1 Y 1 B GLY 235 ? B GLY 54  
84  1 Y 1 B LEU 236 ? B LEU 55  
85  1 Y 1 B ASN 237 ? B ASN 56  
86  1 Y 1 B LYS 238 ? B LYS 57  
87  1 Y 1 B VAL 239 ? B VAL 58  
88  1 Y 1 B ALA 240 ? B ALA 59  
89  1 Y 1 B THR 241 ? B THR 60  
90  1 Y 1 B ALA 242 ? B ALA 61  
91  1 Y 1 B TYR 243 ? B TYR 62  
92  1 Y 1 B ASP 244 ? B ASP 63  
93  1 Y 1 B THR 245 ? B THR 64  
94  1 Y 1 B SER 246 ? B SER 65  
95  1 Y 1 B LEU 247 ? B LEU 66  
96  1 Y 1 B ASN 248 ? B ASN 67  
97  1 Y 1 B ALA 249 ? B ALA 68  
98  1 Y 1 B THR 250 ? B THR 69  
99  1 Y 1 B GLY 251 ? B GLY 70  
100 1 Y 1 B ASP 252 ? B ASP 71  
101 1 Y 1 B THR 253 ? B THR 72  
102 1 Y 1 B ARG 254 ? B ARG 73  
103 1 Y 1 B PHE 270 ? B PHE 89  
104 1 Y 1 B SER 271 ? B SER 90  
105 1 Y 1 B ALA 272 ? B ALA 91  
106 1 Y 1 B SER 273 ? B SER 92  
107 1 Y 1 B LEU 288 ? B LEU 107 
108 1 Y 1 B LYS 289 ? B LYS 108 
109 1 Y 1 B ASP 290 ? B ASP 109 
110 1 Y 1 B ASN 291 ? B ASN 110 
111 1 Y 1 B GLU 292 ? B GLU 111 
112 1 Y 1 B GLY 293 ? B GLY 112 
113 1 Y 1 B ARG 294 ? B ARG 113 
114 1 Y 1 B TYR 295 ? B TYR 114 
115 1 Y 1 B ILE 296 ? B ILE 115 
116 1 Y 1 B PHE 297 ? B PHE 116 
117 1 Y 1 B GLY 298 ? B GLY 117 
118 1 Y 1 B GLY 299 ? B GLY 118 
119 1 Y 1 B PRO 300 ? B PRO 119 
120 1 Y 1 B GLN 301 ? B GLN 120 
121 1 Y 1 B ALA 302 ? B ALA 121 
122 1 Y 1 B PHE 303 ? B PHE 122 
123 1 Y 1 B THR 304 ? B THR 123 
124 1 Y 1 B SER 305 ? B SER 124 
125 1 Y 1 B ASN 306 ? B ASN 125 
126 1 Y 1 B THR 316 ? B THR 135 
127 1 Y 1 B LYS 317 ? B LYS 136 
128 1 Y 1 B ALA 318 ? B ALA 137 
129 1 Y 1 B GLN 319 ? B GLN 138 
130 1 Y 1 B ALA 320 ? B ALA 139 
131 1 Y 1 B ALA 321 ? B ALA 140 
132 1 Y 1 B GLY 322 ? B GLY 141 
133 1 Y 1 B ARG 347 ? B ARG 166 
134 1 Y 1 B GLU 348 ? B GLU 167 
135 1 Y 1 B ASP 349 ? B ASP 168 
136 1 Y 1 B ARG 350 ? B ARG 169 
137 1 Y 1 B ASP 351 ? B ASP 170 
138 1 Y 1 B ASN 352 ? B ASN 171 
139 1 Y 1 B PHE 353 ? B PHE 172 
140 1 Y 1 B VAL 354 ? B VAL 173 
141 1 Y 1 B LYS 355 ? B LYS 174 
142 1 Y 1 B ASN 356 ? B ASN 175 
143 1 Y 1 C ASN 182 ? C ASN 1   
144 1 Y 1 C VAL 183 ? C VAL 2   
145 1 Y 1 C GLY 226 ? C GLY 45  
146 1 Y 1 C ASP 227 ? C ASP 46  
147 1 Y 1 C GLY 228 ? C GLY 47  
148 1 Y 1 C THR 229 ? C THR 48  
149 1 Y 1 C GLY 230 ? C GLY 49  
150 1 Y 1 C ASP 231 ? C ASP 50  
151 1 Y 1 C ASN 232 ? C ASN 51  
152 1 Y 1 C LEU 233 ? C LEU 52  
153 1 Y 1 C GLU 234 ? C GLU 53  
154 1 Y 1 C GLY 235 ? C GLY 54  
155 1 Y 1 C LEU 236 ? C LEU 55  
156 1 Y 1 C ASN 237 ? C ASN 56  
157 1 Y 1 C LYS 238 ? C LYS 57  
158 1 Y 1 C VAL 239 ? C VAL 58  
159 1 Y 1 C ALA 240 ? C ALA 59  
160 1 Y 1 C THR 241 ? C THR 60  
161 1 Y 1 C ALA 242 ? C ALA 61  
162 1 Y 1 C TYR 243 ? C TYR 62  
163 1 Y 1 C ASP 244 ? C ASP 63  
164 1 Y 1 C THR 245 ? C THR 64  
165 1 Y 1 C SER 246 ? C SER 65  
166 1 Y 1 C LEU 247 ? C LEU 66  
167 1 Y 1 C ASN 248 ? C ASN 67  
168 1 Y 1 C ALA 249 ? C ALA 68  
169 1 Y 1 C THR 250 ? C THR 69  
170 1 Y 1 C GLY 251 ? C GLY 70  
171 1 Y 1 C ASP 252 ? C ASP 71  
172 1 Y 1 C THR 253 ? C THR 72  
173 1 Y 1 C ARG 254 ? C ARG 73  
174 1 Y 1 C PHE 270 ? C PHE 89  
175 1 Y 1 C SER 271 ? C SER 90  
176 1 Y 1 C ALA 272 ? C ALA 91  
177 1 Y 1 C SER 273 ? C SER 92  
178 1 Y 1 C LEU 288 ? C LEU 107 
179 1 Y 1 C LYS 289 ? C LYS 108 
180 1 Y 1 C ASP 290 ? C ASP 109 
181 1 Y 1 C ASN 291 ? C ASN 110 
182 1 Y 1 C GLU 292 ? C GLU 111 
183 1 Y 1 C GLY 293 ? C GLY 112 
184 1 Y 1 C ARG 294 ? C ARG 113 
185 1 Y 1 C TYR 295 ? C TYR 114 
186 1 Y 1 C ILE 296 ? C ILE 115 
187 1 Y 1 C PHE 297 ? C PHE 116 
188 1 Y 1 C GLY 298 ? C GLY 117 
189 1 Y 1 C GLY 299 ? C GLY 118 
190 1 Y 1 C PRO 300 ? C PRO 119 
191 1 Y 1 C GLN 301 ? C GLN 120 
192 1 Y 1 C ALA 302 ? C ALA 121 
193 1 Y 1 C PHE 303 ? C PHE 122 
194 1 Y 1 C THR 304 ? C THR 123 
195 1 Y 1 C SER 305 ? C SER 124 
196 1 Y 1 C ASN 306 ? C ASN 125 
197 1 Y 1 C THR 316 ? C THR 135 
198 1 Y 1 C LYS 317 ? C LYS 136 
199 1 Y 1 C ALA 318 ? C ALA 137 
200 1 Y 1 C GLN 319 ? C GLN 138 
201 1 Y 1 C ALA 320 ? C ALA 139 
202 1 Y 1 C ALA 321 ? C ALA 140 
203 1 Y 1 C GLY 322 ? C GLY 141 
204 1 Y 1 C ARG 347 ? C ARG 166 
205 1 Y 1 C GLU 348 ? C GLU 167 
206 1 Y 1 C ASP 349 ? C ASP 168 
207 1 Y 1 C ARG 350 ? C ARG 169 
208 1 Y 1 C ASP 351 ? C ASP 170 
209 1 Y 1 C ASN 352 ? C ASN 171 
210 1 Y 1 C PHE 353 ? C PHE 172 
211 1 Y 1 C VAL 354 ? C VAL 173 
212 1 Y 1 C LYS 355 ? C LYS 174 
213 1 Y 1 C ASN 356 ? C ASN 175 
214 1 Y 1 D ASN 182 ? D ASN 1   
215 1 Y 1 D VAL 183 ? D VAL 2   
216 1 Y 1 D GLY 226 ? D GLY 45  
217 1 Y 1 D ASP 227 ? D ASP 46  
218 1 Y 1 D GLY 228 ? D GLY 47  
219 1 Y 1 D THR 229 ? D THR 48  
220 1 Y 1 D GLY 230 ? D GLY 49  
221 1 Y 1 D ASP 231 ? D ASP 50  
222 1 Y 1 D ASN 232 ? D ASN 51  
223 1 Y 1 D LEU 233 ? D LEU 52  
224 1 Y 1 D GLU 234 ? D GLU 53  
225 1 Y 1 D GLY 235 ? D GLY 54  
226 1 Y 1 D LEU 236 ? D LEU 55  
227 1 Y 1 D ASN 237 ? D ASN 56  
228 1 Y 1 D LYS 238 ? D LYS 57  
229 1 Y 1 D VAL 239 ? D VAL 58  
230 1 Y 1 D ALA 240 ? D ALA 59  
231 1 Y 1 D THR 241 ? D THR 60  
232 1 Y 1 D ALA 242 ? D ALA 61  
233 1 Y 1 D TYR 243 ? D TYR 62  
234 1 Y 1 D ASP 244 ? D ASP 63  
235 1 Y 1 D THR 245 ? D THR 64  
236 1 Y 1 D SER 246 ? D SER 65  
237 1 Y 1 D LEU 247 ? D LEU 66  
238 1 Y 1 D ASN 248 ? D ASN 67  
239 1 Y 1 D ALA 249 ? D ALA 68  
240 1 Y 1 D THR 250 ? D THR 69  
241 1 Y 1 D GLY 251 ? D GLY 70  
242 1 Y 1 D ASP 252 ? D ASP 71  
243 1 Y 1 D THR 253 ? D THR 72  
244 1 Y 1 D ARG 254 ? D ARG 73  
245 1 Y 1 D PHE 270 ? D PHE 89  
246 1 Y 1 D SER 271 ? D SER 90  
247 1 Y 1 D ALA 272 ? D ALA 91  
248 1 Y 1 D SER 273 ? D SER 92  
249 1 Y 1 D LEU 288 ? D LEU 107 
250 1 Y 1 D LYS 289 ? D LYS 108 
251 1 Y 1 D ASP 290 ? D ASP 109 
252 1 Y 1 D ASN 291 ? D ASN 110 
253 1 Y 1 D GLU 292 ? D GLU 111 
254 1 Y 1 D GLY 293 ? D GLY 112 
255 1 Y 1 D ARG 294 ? D ARG 113 
256 1 Y 1 D TYR 295 ? D TYR 114 
257 1 Y 1 D ILE 296 ? D ILE 115 
258 1 Y 1 D PHE 297 ? D PHE 116 
259 1 Y 1 D GLY 298 ? D GLY 117 
260 1 Y 1 D GLY 299 ? D GLY 118 
261 1 Y 1 D PRO 300 ? D PRO 119 
262 1 Y 1 D GLN 301 ? D GLN 120 
263 1 Y 1 D ALA 302 ? D ALA 121 
264 1 Y 1 D PHE 303 ? D PHE 122 
265 1 Y 1 D THR 304 ? D THR 123 
266 1 Y 1 D SER 305 ? D SER 124 
267 1 Y 1 D ASN 306 ? D ASN 125 
268 1 Y 1 D THR 316 ? D THR 135 
269 1 Y 1 D LYS 317 ? D LYS 136 
270 1 Y 1 D ALA 318 ? D ALA 137 
271 1 Y 1 D GLN 319 ? D GLN 138 
272 1 Y 1 D ALA 320 ? D ALA 139 
273 1 Y 1 D ALA 321 ? D ALA 140 
274 1 Y 1 D GLY 322 ? D GLY 141 
275 1 Y 1 D ARG 347 ? D ARG 166 
276 1 Y 1 D GLU 348 ? D GLU 167 
277 1 Y 1 D ASP 349 ? D ASP 168 
278 1 Y 1 D ARG 350 ? D ARG 169 
279 1 Y 1 D ASP 351 ? D ASP 170 
280 1 Y 1 D ASN 352 ? D ASN 171 
281 1 Y 1 D PHE 353 ? D PHE 172 
282 1 Y 1 D VAL 354 ? D VAL 173 
283 1 Y 1 D LYS 355 ? D LYS 174 
284 1 Y 1 D ASN 356 ? D ASN 175 
285 1 Y 1 E ASN 182 ? E ASN 1   
286 1 Y 1 E VAL 183 ? E VAL 2   
287 1 Y 1 E GLY 226 ? E GLY 45  
288 1 Y 1 E ASP 227 ? E ASP 46  
289 1 Y 1 E GLY 228 ? E GLY 47  
290 1 Y 1 E THR 229 ? E THR 48  
291 1 Y 1 E GLY 230 ? E GLY 49  
292 1 Y 1 E ASP 231 ? E ASP 50  
293 1 Y 1 E ASN 232 ? E ASN 51  
294 1 Y 1 E LEU 233 ? E LEU 52  
295 1 Y 1 E GLU 234 ? E GLU 53  
296 1 Y 1 E GLY 235 ? E GLY 54  
297 1 Y 1 E LEU 236 ? E LEU 55  
298 1 Y 1 E ASN 237 ? E ASN 56  
299 1 Y 1 E LYS 238 ? E LYS 57  
300 1 Y 1 E VAL 239 ? E VAL 58  
301 1 Y 1 E ALA 240 ? E ALA 59  
302 1 Y 1 E THR 241 ? E THR 60  
303 1 Y 1 E ALA 242 ? E ALA 61  
304 1 Y 1 E TYR 243 ? E TYR 62  
305 1 Y 1 E ASP 244 ? E ASP 63  
306 1 Y 1 E THR 245 ? E THR 64  
307 1 Y 1 E SER 246 ? E SER 65  
308 1 Y 1 E LEU 247 ? E LEU 66  
309 1 Y 1 E ASN 248 ? E ASN 67  
310 1 Y 1 E ALA 249 ? E ALA 68  
311 1 Y 1 E THR 250 ? E THR 69  
312 1 Y 1 E GLY 251 ? E GLY 70  
313 1 Y 1 E ASP 252 ? E ASP 71  
314 1 Y 1 E THR 253 ? E THR 72  
315 1 Y 1 E ARG 254 ? E ARG 73  
316 1 Y 1 E PHE 270 ? E PHE 89  
317 1 Y 1 E SER 271 ? E SER 90  
318 1 Y 1 E ALA 272 ? E ALA 91  
319 1 Y 1 E SER 273 ? E SER 92  
320 1 Y 1 E LEU 288 ? E LEU 107 
321 1 Y 1 E LYS 289 ? E LYS 108 
322 1 Y 1 E ASP 290 ? E ASP 109 
323 1 Y 1 E ASN 291 ? E ASN 110 
324 1 Y 1 E GLU 292 ? E GLU 111 
325 1 Y 1 E GLY 293 ? E GLY 112 
326 1 Y 1 E ARG 294 ? E ARG 113 
327 1 Y 1 E TYR 295 ? E TYR 114 
328 1 Y 1 E ILE 296 ? E ILE 115 
329 1 Y 1 E PHE 297 ? E PHE 116 
330 1 Y 1 E GLY 298 ? E GLY 117 
331 1 Y 1 E GLY 299 ? E GLY 118 
332 1 Y 1 E PRO 300 ? E PRO 119 
333 1 Y 1 E GLN 301 ? E GLN 120 
334 1 Y 1 E ALA 302 ? E ALA 121 
335 1 Y 1 E PHE 303 ? E PHE 122 
336 1 Y 1 E THR 304 ? E THR 123 
337 1 Y 1 E SER 305 ? E SER 124 
338 1 Y 1 E ASN 306 ? E ASN 125 
339 1 Y 1 E THR 316 ? E THR 135 
340 1 Y 1 E LYS 317 ? E LYS 136 
341 1 Y 1 E ALA 318 ? E ALA 137 
342 1 Y 1 E GLN 319 ? E GLN 138 
343 1 Y 1 E ALA 320 ? E ALA 139 
344 1 Y 1 E ALA 321 ? E ALA 140 
345 1 Y 1 E GLY 322 ? E GLY 141 
346 1 Y 1 E ARG 347 ? E ARG 166 
347 1 Y 1 E GLU 348 ? E GLU 167 
348 1 Y 1 E ASP 349 ? E ASP 168 
349 1 Y 1 E ARG 350 ? E ARG 169 
350 1 Y 1 E ASP 351 ? E ASP 170 
351 1 Y 1 E ASN 352 ? E ASN 171 
352 1 Y 1 E PHE 353 ? E PHE 172 
353 1 Y 1 E VAL 354 ? E VAL 173 
354 1 Y 1 E LYS 355 ? E LYS 174 
355 1 Y 1 E ASN 356 ? E ASN 175 
356 1 Y 1 F ASN 182 ? F ASN 1   
357 1 Y 1 F VAL 183 ? F VAL 2   
358 1 Y 1 F GLY 226 ? F GLY 45  
359 1 Y 1 F ASP 227 ? F ASP 46  
360 1 Y 1 F GLY 228 ? F GLY 47  
361 1 Y 1 F THR 229 ? F THR 48  
362 1 Y 1 F GLY 230 ? F GLY 49  
363 1 Y 1 F ASP 231 ? F ASP 50  
364 1 Y 1 F ASN 232 ? F ASN 51  
365 1 Y 1 F LEU 233 ? F LEU 52  
366 1 Y 1 F GLU 234 ? F GLU 53  
367 1 Y 1 F GLY 235 ? F GLY 54  
368 1 Y 1 F LEU 236 ? F LEU 55  
369 1 Y 1 F ASN 237 ? F ASN 56  
370 1 Y 1 F LYS 238 ? F LYS 57  
371 1 Y 1 F VAL 239 ? F VAL 58  
372 1 Y 1 F ALA 240 ? F ALA 59  
373 1 Y 1 F THR 241 ? F THR 60  
374 1 Y 1 F ALA 242 ? F ALA 61  
375 1 Y 1 F TYR 243 ? F TYR 62  
376 1 Y 1 F ASP 244 ? F ASP 63  
377 1 Y 1 F THR 245 ? F THR 64  
378 1 Y 1 F SER 246 ? F SER 65  
379 1 Y 1 F LEU 247 ? F LEU 66  
380 1 Y 1 F ASN 248 ? F ASN 67  
381 1 Y 1 F ALA 249 ? F ALA 68  
382 1 Y 1 F THR 250 ? F THR 69  
383 1 Y 1 F GLY 251 ? F GLY 70  
384 1 Y 1 F ASP 252 ? F ASP 71  
385 1 Y 1 F THR 253 ? F THR 72  
386 1 Y 1 F ARG 254 ? F ARG 73  
387 1 Y 1 F PHE 270 ? F PHE 89  
388 1 Y 1 F SER 271 ? F SER 90  
389 1 Y 1 F ALA 272 ? F ALA 91  
390 1 Y 1 F SER 273 ? F SER 92  
391 1 Y 1 F LEU 288 ? F LEU 107 
392 1 Y 1 F LYS 289 ? F LYS 108 
393 1 Y 1 F ASP 290 ? F ASP 109 
394 1 Y 1 F ASN 291 ? F ASN 110 
395 1 Y 1 F GLU 292 ? F GLU 111 
396 1 Y 1 F GLY 293 ? F GLY 112 
397 1 Y 1 F ARG 294 ? F ARG 113 
398 1 Y 1 F TYR 295 ? F TYR 114 
399 1 Y 1 F ILE 296 ? F ILE 115 
400 1 Y 1 F PHE 297 ? F PHE 116 
401 1 Y 1 F GLY 298 ? F GLY 117 
402 1 Y 1 F GLY 299 ? F GLY 118 
403 1 Y 1 F PRO 300 ? F PRO 119 
404 1 Y 1 F GLN 301 ? F GLN 120 
405 1 Y 1 F ALA 302 ? F ALA 121 
406 1 Y 1 F PHE 303 ? F PHE 122 
407 1 Y 1 F THR 304 ? F THR 123 
408 1 Y 1 F SER 305 ? F SER 124 
409 1 Y 1 F ASN 306 ? F ASN 125 
410 1 Y 1 F THR 316 ? F THR 135 
411 1 Y 1 F LYS 317 ? F LYS 136 
412 1 Y 1 F ALA 318 ? F ALA 137 
413 1 Y 1 F GLN 319 ? F GLN 138 
414 1 Y 1 F ALA 320 ? F ALA 139 
415 1 Y 1 F ALA 321 ? F ALA 140 
416 1 Y 1 F GLY 322 ? F GLY 141 
417 1 Y 1 F ARG 347 ? F ARG 166 
418 1 Y 1 F GLU 348 ? F GLU 167 
419 1 Y 1 F ASP 349 ? F ASP 168 
420 1 Y 1 F ARG 350 ? F ARG 169 
421 1 Y 1 F ASP 351 ? F ASP 170 
422 1 Y 1 F ASN 352 ? F ASN 171 
423 1 Y 1 F PHE 353 ? F PHE 172 
424 1 Y 1 F VAL 354 ? F VAL 173 
425 1 Y 1 F LYS 355 ? F LYS 174 
426 1 Y 1 F ASN 356 ? F ASN 175 
427 1 Y 1 G ASP 227 ? G ASP 46  
428 1 Y 1 G GLY 228 ? G GLY 47  
429 1 Y 1 G THR 229 ? G THR 48  
430 1 Y 1 G GLY 230 ? G GLY 49  
431 1 Y 1 G ASP 231 ? G ASP 50  
432 1 Y 1 G ASN 232 ? G ASN 51  
433 1 Y 1 G LEU 233 ? G LEU 52  
434 1 Y 1 G GLU 234 ? G GLU 53  
435 1 Y 1 G TYR 243 ? G TYR 62  
436 1 Y 1 G ASP 244 ? G ASP 63  
437 1 Y 1 G THR 245 ? G THR 64  
438 1 Y 1 G SER 246 ? G SER 65  
439 1 Y 1 G LEU 247 ? G LEU 66  
440 1 Y 1 G ASN 248 ? G ASN 67  
441 1 Y 1 G ALA 249 ? G ALA 68  
442 1 Y 1 G THR 250 ? G THR 69  
443 1 Y 1 G GLY 251 ? G GLY 70  
444 1 Y 1 G ASP 252 ? G ASP 71  
445 1 Y 1 G THR 253 ? G THR 72  
446 1 Y 1 G ARG 254 ? G ARG 73  
447 1 Y 1 G PHE 270 ? G PHE 89  
448 1 Y 1 G SER 271 ? G SER 90  
449 1 Y 1 G ALA 272 ? G ALA 91  
450 1 Y 1 G SER 273 ? G SER 92  
451 1 Y 1 G LEU 288 ? G LEU 107 
452 1 Y 1 G LYS 289 ? G LYS 108 
453 1 Y 1 G ASP 290 ? G ASP 109 
454 1 Y 1 G ASN 291 ? G ASN 110 
455 1 Y 1 G GLU 292 ? G GLU 111 
456 1 Y 1 G GLY 293 ? G GLY 112 
457 1 Y 1 G ARG 294 ? G ARG 113 
458 1 Y 1 G TYR 295 ? G TYR 114 
459 1 Y 1 G ILE 296 ? G ILE 115 
460 1 Y 1 G PHE 297 ? G PHE 116 
461 1 Y 1 G GLY 298 ? G GLY 117 
462 1 Y 1 G GLY 299 ? G GLY 118 
463 1 Y 1 G PRO 300 ? G PRO 119 
464 1 Y 1 G GLN 301 ? G GLN 120 
465 1 Y 1 G ALA 302 ? G ALA 121 
466 1 Y 1 G PHE 303 ? G PHE 122 
467 1 Y 1 G THR 304 ? G THR 123 
468 1 Y 1 G SER 305 ? G SER 124 
469 1 Y 1 G ASN 306 ? G ASN 125 
470 1 Y 1 G ILE 307 ? G ILE 126 
471 1 Y 1 G MET 308 ? G MET 127 
472 1 Y 1 G TRP 309 ? G TRP 128 
473 1 Y 1 G GLY 310 ? G GLY 129 
474 1 Y 1 G THR 316 ? G THR 135 
475 1 Y 1 G LYS 317 ? G LYS 136 
476 1 Y 1 G ALA 318 ? G ALA 137 
477 1 Y 1 G GLN 319 ? G GLN 138 
478 1 Y 1 G ALA 320 ? G ALA 139 
479 1 Y 1 G ALA 321 ? G ALA 140 
480 1 Y 1 G GLY 322 ? G GLY 141 
481 1 Y 1 G ARG 347 ? G ARG 166 
482 1 Y 1 G GLU 348 ? G GLU 167 
483 1 Y 1 G ASP 349 ? G ASP 168 
484 1 Y 1 G ARG 350 ? G ARG 169 
485 1 Y 1 G ASP 351 ? G ASP 170 
486 1 Y 1 G ASN 352 ? G ASN 171 
487 1 Y 1 G PHE 353 ? G PHE 172 
488 1 Y 1 G VAL 354 ? G VAL 173 
489 1 Y 1 G LYS 355 ? G LYS 174 
490 1 Y 1 G ASN 356 ? G ASN 175 
491 1 Y 1 G TYR 371 ? G TYR 190 
492 1 Y 1 G ARG 372 ? G ARG 191 
493 1 Y 1 G PRO 373 ? G PRO 192 
494 1 Y 1 G THR 374 ? G THR 193 
495 1 Y 1 G ALA 375 ? G ALA 194 
# 
loop_
_chem_comp_atom.comp_id 
_chem_comp_atom.atom_id 
_chem_comp_atom.type_symbol 
_chem_comp_atom.pdbx_aromatic_flag 
_chem_comp_atom.pdbx_stereo_config 
_chem_comp_atom.pdbx_ordinal 
ALA N    N N N 1   
ALA CA   C N S 2   
ALA C    C N N 3   
ALA O    O N N 4   
ALA CB   C N N 5   
ALA OXT  O N N 6   
ALA H    H N N 7   
ALA H2   H N N 8   
ALA HA   H N N 9   
ALA HB1  H N N 10  
ALA HB2  H N N 11  
ALA HB3  H N N 12  
ALA HXT  H N N 13  
ARG N    N N N 14  
ARG CA   C N S 15  
ARG C    C N N 16  
ARG O    O N N 17  
ARG CB   C N N 18  
ARG CG   C N N 19  
ARG CD   C N N 20  
ARG NE   N N N 21  
ARG CZ   C N N 22  
ARG NH1  N N N 23  
ARG NH2  N N N 24  
ARG OXT  O N N 25  
ARG H    H N N 26  
ARG H2   H N N 27  
ARG HA   H N N 28  
ARG HB2  H N N 29  
ARG HB3  H N N 30  
ARG HG2  H N N 31  
ARG HG3  H N N 32  
ARG HD2  H N N 33  
ARG HD3  H N N 34  
ARG HE   H N N 35  
ARG HH11 H N N 36  
ARG HH12 H N N 37  
ARG HH21 H N N 38  
ARG HH22 H N N 39  
ARG HXT  H N N 40  
ASN N    N N N 41  
ASN CA   C N S 42  
ASN C    C N N 43  
ASN O    O N N 44  
ASN CB   C N N 45  
ASN CG   C N N 46  
ASN OD1  O N N 47  
ASN ND2  N N N 48  
ASN OXT  O N N 49  
ASN H    H N N 50  
ASN H2   H N N 51  
ASN HA   H N N 52  
ASN HB2  H N N 53  
ASN HB3  H N N 54  
ASN HD21 H N N 55  
ASN HD22 H N N 56  
ASN HXT  H N N 57  
ASP N    N N N 58  
ASP CA   C N S 59  
ASP C    C N N 60  
ASP O    O N N 61  
ASP CB   C N N 62  
ASP CG   C N N 63  
ASP OD1  O N N 64  
ASP OD2  O N N 65  
ASP OXT  O N N 66  
ASP H    H N N 67  
ASP H2   H N N 68  
ASP HA   H N N 69  
ASP HB2  H N N 70  
ASP HB3  H N N 71  
ASP HD2  H N N 72  
ASP HXT  H N N 73  
CYS N    N N N 74  
CYS CA   C N R 75  
CYS C    C N N 76  
CYS O    O N N 77  
CYS CB   C N N 78  
CYS SG   S N N 79  
CYS OXT  O N N 80  
CYS H    H N N 81  
CYS H2   H N N 82  
CYS HA   H N N 83  
CYS HB2  H N N 84  
CYS HB3  H N N 85  
CYS HG   H N N 86  
CYS HXT  H N N 87  
GLN N    N N N 88  
GLN CA   C N S 89  
GLN C    C N N 90  
GLN O    O N N 91  
GLN CB   C N N 92  
GLN CG   C N N 93  
GLN CD   C N N 94  
GLN OE1  O N N 95  
GLN NE2  N N N 96  
GLN OXT  O N N 97  
GLN H    H N N 98  
GLN H2   H N N 99  
GLN HA   H N N 100 
GLN HB2  H N N 101 
GLN HB3  H N N 102 
GLN HG2  H N N 103 
GLN HG3  H N N 104 
GLN HE21 H N N 105 
GLN HE22 H N N 106 
GLN HXT  H N N 107 
GLU N    N N N 108 
GLU CA   C N S 109 
GLU C    C N N 110 
GLU O    O N N 111 
GLU CB   C N N 112 
GLU CG   C N N 113 
GLU CD   C N N 114 
GLU OE1  O N N 115 
GLU OE2  O N N 116 
GLU OXT  O N N 117 
GLU H    H N N 118 
GLU H2   H N N 119 
GLU HA   H N N 120 
GLU HB2  H N N 121 
GLU HB3  H N N 122 
GLU HG2  H N N 123 
GLU HG3  H N N 124 
GLU HE2  H N N 125 
GLU HXT  H N N 126 
GLY N    N N N 127 
GLY CA   C N N 128 
GLY C    C N N 129 
GLY O    O N N 130 
GLY OXT  O N N 131 
GLY H    H N N 132 
GLY H2   H N N 133 
GLY HA2  H N N 134 
GLY HA3  H N N 135 
GLY HXT  H N N 136 
HIS N    N N N 137 
HIS CA   C N S 138 
HIS C    C N N 139 
HIS O    O N N 140 
HIS CB   C N N 141 
HIS CG   C Y N 142 
HIS ND1  N Y N 143 
HIS CD2  C Y N 144 
HIS CE1  C Y N 145 
HIS NE2  N Y N 146 
HIS OXT  O N N 147 
HIS H    H N N 148 
HIS H2   H N N 149 
HIS HA   H N N 150 
HIS HB2  H N N 151 
HIS HB3  H N N 152 
HIS HD1  H N N 153 
HIS HD2  H N N 154 
HIS HE1  H N N 155 
HIS HE2  H N N 156 
HIS HXT  H N N 157 
ILE N    N N N 158 
ILE CA   C N S 159 
ILE C    C N N 160 
ILE O    O N N 161 
ILE CB   C N S 162 
ILE CG1  C N N 163 
ILE CG2  C N N 164 
ILE CD1  C N N 165 
ILE OXT  O N N 166 
ILE H    H N N 167 
ILE H2   H N N 168 
ILE HA   H N N 169 
ILE HB   H N N 170 
ILE HG12 H N N 171 
ILE HG13 H N N 172 
ILE HG21 H N N 173 
ILE HG22 H N N 174 
ILE HG23 H N N 175 
ILE HD11 H N N 176 
ILE HD12 H N N 177 
ILE HD13 H N N 178 
ILE HXT  H N N 179 
LEU N    N N N 180 
LEU CA   C N S 181 
LEU C    C N N 182 
LEU O    O N N 183 
LEU CB   C N N 184 
LEU CG   C N N 185 
LEU CD1  C N N 186 
LEU CD2  C N N 187 
LEU OXT  O N N 188 
LEU H    H N N 189 
LEU H2   H N N 190 
LEU HA   H N N 191 
LEU HB2  H N N 192 
LEU HB3  H N N 193 
LEU HG   H N N 194 
LEU HD11 H N N 195 
LEU HD12 H N N 196 
LEU HD13 H N N 197 
LEU HD21 H N N 198 
LEU HD22 H N N 199 
LEU HD23 H N N 200 
LEU HXT  H N N 201 
LYS N    N N N 202 
LYS CA   C N S 203 
LYS C    C N N 204 
LYS O    O N N 205 
LYS CB   C N N 206 
LYS CG   C N N 207 
LYS CD   C N N 208 
LYS CE   C N N 209 
LYS NZ   N N N 210 
LYS OXT  O N N 211 
LYS H    H N N 212 
LYS H2   H N N 213 
LYS HA   H N N 214 
LYS HB2  H N N 215 
LYS HB3  H N N 216 
LYS HG2  H N N 217 
LYS HG3  H N N 218 
LYS HD2  H N N 219 
LYS HD3  H N N 220 
LYS HE2  H N N 221 
LYS HE3  H N N 222 
LYS HZ1  H N N 223 
LYS HZ2  H N N 224 
LYS HZ3  H N N 225 
LYS HXT  H N N 226 
MET N    N N N 227 
MET CA   C N S 228 
MET C    C N N 229 
MET O    O N N 230 
MET CB   C N N 231 
MET CG   C N N 232 
MET SD   S N N 233 
MET CE   C N N 234 
MET OXT  O N N 235 
MET H    H N N 236 
MET H2   H N N 237 
MET HA   H N N 238 
MET HB2  H N N 239 
MET HB3  H N N 240 
MET HG2  H N N 241 
MET HG3  H N N 242 
MET HE1  H N N 243 
MET HE2  H N N 244 
MET HE3  H N N 245 
MET HXT  H N N 246 
PHE N    N N N 247 
PHE CA   C N S 248 
PHE C    C N N 249 
PHE O    O N N 250 
PHE CB   C N N 251 
PHE CG   C Y N 252 
PHE CD1  C Y N 253 
PHE CD2  C Y N 254 
PHE CE1  C Y N 255 
PHE CE2  C Y N 256 
PHE CZ   C Y N 257 
PHE OXT  O N N 258 
PHE H    H N N 259 
PHE H2   H N N 260 
PHE HA   H N N 261 
PHE HB2  H N N 262 
PHE HB3  H N N 263 
PHE HD1  H N N 264 
PHE HD2  H N N 265 
PHE HE1  H N N 266 
PHE HE2  H N N 267 
PHE HZ   H N N 268 
PHE HXT  H N N 269 
PRO N    N N N 270 
PRO CA   C N S 271 
PRO C    C N N 272 
PRO O    O N N 273 
PRO CB   C N N 274 
PRO CG   C N N 275 
PRO CD   C N N 276 
PRO OXT  O N N 277 
PRO H    H N N 278 
PRO HA   H N N 279 
PRO HB2  H N N 280 
PRO HB3  H N N 281 
PRO HG2  H N N 282 
PRO HG3  H N N 283 
PRO HD2  H N N 284 
PRO HD3  H N N 285 
PRO HXT  H N N 286 
SER N    N N N 287 
SER CA   C N S 288 
SER C    C N N 289 
SER O    O N N 290 
SER CB   C N N 291 
SER OG   O N N 292 
SER OXT  O N N 293 
SER H    H N N 294 
SER H2   H N N 295 
SER HA   H N N 296 
SER HB2  H N N 297 
SER HB3  H N N 298 
SER HG   H N N 299 
SER HXT  H N N 300 
THR N    N N N 301 
THR CA   C N S 302 
THR C    C N N 303 
THR O    O N N 304 
THR CB   C N R 305 
THR OG1  O N N 306 
THR CG2  C N N 307 
THR OXT  O N N 308 
THR H    H N N 309 
THR H2   H N N 310 
THR HA   H N N 311 
THR HB   H N N 312 
THR HG1  H N N 313 
THR HG21 H N N 314 
THR HG22 H N N 315 
THR HG23 H N N 316 
THR HXT  H N N 317 
TRP N    N N N 318 
TRP CA   C N S 319 
TRP C    C N N 320 
TRP O    O N N 321 
TRP CB   C N N 322 
TRP CG   C Y N 323 
TRP CD1  C Y N 324 
TRP CD2  C Y N 325 
TRP NE1  N Y N 326 
TRP CE2  C Y N 327 
TRP CE3  C Y N 328 
TRP CZ2  C Y N 329 
TRP CZ3  C Y N 330 
TRP CH2  C Y N 331 
TRP OXT  O N N 332 
TRP H    H N N 333 
TRP H2   H N N 334 
TRP HA   H N N 335 
TRP HB2  H N N 336 
TRP HB3  H N N 337 
TRP HD1  H N N 338 
TRP HE1  H N N 339 
TRP HE3  H N N 340 
TRP HZ2  H N N 341 
TRP HZ3  H N N 342 
TRP HH2  H N N 343 
TRP HXT  H N N 344 
TYR N    N N N 345 
TYR CA   C N S 346 
TYR C    C N N 347 
TYR O    O N N 348 
TYR CB   C N N 349 
TYR CG   C Y N 350 
TYR CD1  C Y N 351 
TYR CD2  C Y N 352 
TYR CE1  C Y N 353 
TYR CE2  C Y N 354 
TYR CZ   C Y N 355 
TYR OH   O N N 356 
TYR OXT  O N N 357 
TYR H    H N N 358 
TYR H2   H N N 359 
TYR HA   H N N 360 
TYR HB2  H N N 361 
TYR HB3  H N N 362 
TYR HD1  H N N 363 
TYR HD2  H N N 364 
TYR HE1  H N N 365 
TYR HE2  H N N 366 
TYR HH   H N N 367 
TYR HXT  H N N 368 
VAL N    N N N 369 
VAL CA   C N S 370 
VAL C    C N N 371 
VAL O    O N N 372 
VAL CB   C N N 373 
VAL CG1  C N N 374 
VAL CG2  C N N 375 
VAL OXT  O N N 376 
VAL H    H N N 377 
VAL H2   H N N 378 
VAL HA   H N N 379 
VAL HB   H N N 380 
VAL HG11 H N N 381 
VAL HG12 H N N 382 
VAL HG13 H N N 383 
VAL HG21 H N N 384 
VAL HG22 H N N 385 
VAL HG23 H N N 386 
VAL HXT  H N N 387 
# 
loop_
_chem_comp_bond.comp_id 
_chem_comp_bond.atom_id_1 
_chem_comp_bond.atom_id_2 
_chem_comp_bond.value_order 
_chem_comp_bond.pdbx_aromatic_flag 
_chem_comp_bond.pdbx_stereo_config 
_chem_comp_bond.pdbx_ordinal 
ALA N   CA   sing N N 1   
ALA N   H    sing N N 2   
ALA N   H2   sing N N 3   
ALA CA  C    sing N N 4   
ALA CA  CB   sing N N 5   
ALA CA  HA   sing N N 6   
ALA C   O    doub N N 7   
ALA C   OXT  sing N N 8   
ALA CB  HB1  sing N N 9   
ALA CB  HB2  sing N N 10  
ALA CB  HB3  sing N N 11  
ALA OXT HXT  sing N N 12  
ARG N   CA   sing N N 13  
ARG N   H    sing N N 14  
ARG N   H2   sing N N 15  
ARG CA  C    sing N N 16  
ARG CA  CB   sing N N 17  
ARG CA  HA   sing N N 18  
ARG C   O    doub N N 19  
ARG C   OXT  sing N N 20  
ARG CB  CG   sing N N 21  
ARG CB  HB2  sing N N 22  
ARG CB  HB3  sing N N 23  
ARG CG  CD   sing N N 24  
ARG CG  HG2  sing N N 25  
ARG CG  HG3  sing N N 26  
ARG CD  NE   sing N N 27  
ARG CD  HD2  sing N N 28  
ARG CD  HD3  sing N N 29  
ARG NE  CZ   sing N N 30  
ARG NE  HE   sing N N 31  
ARG CZ  NH1  sing N N 32  
ARG CZ  NH2  doub N N 33  
ARG NH1 HH11 sing N N 34  
ARG NH1 HH12 sing N N 35  
ARG NH2 HH21 sing N N 36  
ARG NH2 HH22 sing N N 37  
ARG OXT HXT  sing N N 38  
ASN N   CA   sing N N 39  
ASN N   H    sing N N 40  
ASN N   H2   sing N N 41  
ASN CA  C    sing N N 42  
ASN CA  CB   sing N N 43  
ASN CA  HA   sing N N 44  
ASN C   O    doub N N 45  
ASN C   OXT  sing N N 46  
ASN CB  CG   sing N N 47  
ASN CB  HB2  sing N N 48  
ASN CB  HB3  sing N N 49  
ASN CG  OD1  doub N N 50  
ASN CG  ND2  sing N N 51  
ASN ND2 HD21 sing N N 52  
ASN ND2 HD22 sing N N 53  
ASN OXT HXT  sing N N 54  
ASP N   CA   sing N N 55  
ASP N   H    sing N N 56  
ASP N   H2   sing N N 57  
ASP CA  C    sing N N 58  
ASP CA  CB   sing N N 59  
ASP CA  HA   sing N N 60  
ASP C   O    doub N N 61  
ASP C   OXT  sing N N 62  
ASP CB  CG   sing N N 63  
ASP CB  HB2  sing N N 64  
ASP CB  HB3  sing N N 65  
ASP CG  OD1  doub N N 66  
ASP CG  OD2  sing N N 67  
ASP OD2 HD2  sing N N 68  
ASP OXT HXT  sing N N 69  
CYS N   CA   sing N N 70  
CYS N   H    sing N N 71  
CYS N   H2   sing N N 72  
CYS CA  C    sing N N 73  
CYS CA  CB   sing N N 74  
CYS CA  HA   sing N N 75  
CYS C   O    doub N N 76  
CYS C   OXT  sing N N 77  
CYS CB  SG   sing N N 78  
CYS CB  HB2  sing N N 79  
CYS CB  HB3  sing N N 80  
CYS SG  HG   sing N N 81  
CYS OXT HXT  sing N N 82  
GLN N   CA   sing N N 83  
GLN N   H    sing N N 84  
GLN N   H2   sing N N 85  
GLN CA  C    sing N N 86  
GLN CA  CB   sing N N 87  
GLN CA  HA   sing N N 88  
GLN C   O    doub N N 89  
GLN C   OXT  sing N N 90  
GLN CB  CG   sing N N 91  
GLN CB  HB2  sing N N 92  
GLN CB  HB3  sing N N 93  
GLN CG  CD   sing N N 94  
GLN CG  HG2  sing N N 95  
GLN CG  HG3  sing N N 96  
GLN CD  OE1  doub N N 97  
GLN CD  NE2  sing N N 98  
GLN NE2 HE21 sing N N 99  
GLN NE2 HE22 sing N N 100 
GLN OXT HXT  sing N N 101 
GLU N   CA   sing N N 102 
GLU N   H    sing N N 103 
GLU N   H2   sing N N 104 
GLU CA  C    sing N N 105 
GLU CA  CB   sing N N 106 
GLU CA  HA   sing N N 107 
GLU C   O    doub N N 108 
GLU C   OXT  sing N N 109 
GLU CB  CG   sing N N 110 
GLU CB  HB2  sing N N 111 
GLU CB  HB3  sing N N 112 
GLU CG  CD   sing N N 113 
GLU CG  HG2  sing N N 114 
GLU CG  HG3  sing N N 115 
GLU CD  OE1  doub N N 116 
GLU CD  OE2  sing N N 117 
GLU OE2 HE2  sing N N 118 
GLU OXT HXT  sing N N 119 
GLY N   CA   sing N N 120 
GLY N   H    sing N N 121 
GLY N   H2   sing N N 122 
GLY CA  C    sing N N 123 
GLY CA  HA2  sing N N 124 
GLY CA  HA3  sing N N 125 
GLY C   O    doub N N 126 
GLY C   OXT  sing N N 127 
GLY OXT HXT  sing N N 128 
HIS N   CA   sing N N 129 
HIS N   H    sing N N 130 
HIS N   H2   sing N N 131 
HIS CA  C    sing N N 132 
HIS CA  CB   sing N N 133 
HIS CA  HA   sing N N 134 
HIS C   O    doub N N 135 
HIS C   OXT  sing N N 136 
HIS CB  CG   sing N N 137 
HIS CB  HB2  sing N N 138 
HIS CB  HB3  sing N N 139 
HIS CG  ND1  sing Y N 140 
HIS CG  CD2  doub Y N 141 
HIS ND1 CE1  doub Y N 142 
HIS ND1 HD1  sing N N 143 
HIS CD2 NE2  sing Y N 144 
HIS CD2 HD2  sing N N 145 
HIS CE1 NE2  sing Y N 146 
HIS CE1 HE1  sing N N 147 
HIS NE2 HE2  sing N N 148 
HIS OXT HXT  sing N N 149 
ILE N   CA   sing N N 150 
ILE N   H    sing N N 151 
ILE N   H2   sing N N 152 
ILE CA  C    sing N N 153 
ILE CA  CB   sing N N 154 
ILE CA  HA   sing N N 155 
ILE C   O    doub N N 156 
ILE C   OXT  sing N N 157 
ILE CB  CG1  sing N N 158 
ILE CB  CG2  sing N N 159 
ILE CB  HB   sing N N 160 
ILE CG1 CD1  sing N N 161 
ILE CG1 HG12 sing N N 162 
ILE CG1 HG13 sing N N 163 
ILE CG2 HG21 sing N N 164 
ILE CG2 HG22 sing N N 165 
ILE CG2 HG23 sing N N 166 
ILE CD1 HD11 sing N N 167 
ILE CD1 HD12 sing N N 168 
ILE CD1 HD13 sing N N 169 
ILE OXT HXT  sing N N 170 
LEU N   CA   sing N N 171 
LEU N   H    sing N N 172 
LEU N   H2   sing N N 173 
LEU CA  C    sing N N 174 
LEU CA  CB   sing N N 175 
LEU CA  HA   sing N N 176 
LEU C   O    doub N N 177 
LEU C   OXT  sing N N 178 
LEU CB  CG   sing N N 179 
LEU CB  HB2  sing N N 180 
LEU CB  HB3  sing N N 181 
LEU CG  CD1  sing N N 182 
LEU CG  CD2  sing N N 183 
LEU CG  HG   sing N N 184 
LEU CD1 HD11 sing N N 185 
LEU CD1 HD12 sing N N 186 
LEU CD1 HD13 sing N N 187 
LEU CD2 HD21 sing N N 188 
LEU CD2 HD22 sing N N 189 
LEU CD2 HD23 sing N N 190 
LEU OXT HXT  sing N N 191 
LYS N   CA   sing N N 192 
LYS N   H    sing N N 193 
LYS N   H2   sing N N 194 
LYS CA  C    sing N N 195 
LYS CA  CB   sing N N 196 
LYS CA  HA   sing N N 197 
LYS C   O    doub N N 198 
LYS C   OXT  sing N N 199 
LYS CB  CG   sing N N 200 
LYS CB  HB2  sing N N 201 
LYS CB  HB3  sing N N 202 
LYS CG  CD   sing N N 203 
LYS CG  HG2  sing N N 204 
LYS CG  HG3  sing N N 205 
LYS CD  CE   sing N N 206 
LYS CD  HD2  sing N N 207 
LYS CD  HD3  sing N N 208 
LYS CE  NZ   sing N N 209 
LYS CE  HE2  sing N N 210 
LYS CE  HE3  sing N N 211 
LYS NZ  HZ1  sing N N 212 
LYS NZ  HZ2  sing N N 213 
LYS NZ  HZ3  sing N N 214 
LYS OXT HXT  sing N N 215 
MET N   CA   sing N N 216 
MET N   H    sing N N 217 
MET N   H2   sing N N 218 
MET CA  C    sing N N 219 
MET CA  CB   sing N N 220 
MET CA  HA   sing N N 221 
MET C   O    doub N N 222 
MET C   OXT  sing N N 223 
MET CB  CG   sing N N 224 
MET CB  HB2  sing N N 225 
MET CB  HB3  sing N N 226 
MET CG  SD   sing N N 227 
MET CG  HG2  sing N N 228 
MET CG  HG3  sing N N 229 
MET SD  CE   sing N N 230 
MET CE  HE1  sing N N 231 
MET CE  HE2  sing N N 232 
MET CE  HE3  sing N N 233 
MET OXT HXT  sing N N 234 
PHE N   CA   sing N N 235 
PHE N   H    sing N N 236 
PHE N   H2   sing N N 237 
PHE CA  C    sing N N 238 
PHE CA  CB   sing N N 239 
PHE CA  HA   sing N N 240 
PHE C   O    doub N N 241 
PHE C   OXT  sing N N 242 
PHE CB  CG   sing N N 243 
PHE CB  HB2  sing N N 244 
PHE CB  HB3  sing N N 245 
PHE CG  CD1  doub Y N 246 
PHE CG  CD2  sing Y N 247 
PHE CD1 CE1  sing Y N 248 
PHE CD1 HD1  sing N N 249 
PHE CD2 CE2  doub Y N 250 
PHE CD2 HD2  sing N N 251 
PHE CE1 CZ   doub Y N 252 
PHE CE1 HE1  sing N N 253 
PHE CE2 CZ   sing Y N 254 
PHE CE2 HE2  sing N N 255 
PHE CZ  HZ   sing N N 256 
PHE OXT HXT  sing N N 257 
PRO N   CA   sing N N 258 
PRO N   CD   sing N N 259 
PRO N   H    sing N N 260 
PRO CA  C    sing N N 261 
PRO CA  CB   sing N N 262 
PRO CA  HA   sing N N 263 
PRO C   O    doub N N 264 
PRO C   OXT  sing N N 265 
PRO CB  CG   sing N N 266 
PRO CB  HB2  sing N N 267 
PRO CB  HB3  sing N N 268 
PRO CG  CD   sing N N 269 
PRO CG  HG2  sing N N 270 
PRO CG  HG3  sing N N 271 
PRO CD  HD2  sing N N 272 
PRO CD  HD3  sing N N 273 
PRO OXT HXT  sing N N 274 
SER N   CA   sing N N 275 
SER N   H    sing N N 276 
SER N   H2   sing N N 277 
SER CA  C    sing N N 278 
SER CA  CB   sing N N 279 
SER CA  HA   sing N N 280 
SER C   O    doub N N 281 
SER C   OXT  sing N N 282 
SER CB  OG   sing N N 283 
SER CB  HB2  sing N N 284 
SER CB  HB3  sing N N 285 
SER OG  HG   sing N N 286 
SER OXT HXT  sing N N 287 
THR N   CA   sing N N 288 
THR N   H    sing N N 289 
THR N   H2   sing N N 290 
THR CA  C    sing N N 291 
THR CA  CB   sing N N 292 
THR CA  HA   sing N N 293 
THR C   O    doub N N 294 
THR C   OXT  sing N N 295 
THR CB  OG1  sing N N 296 
THR CB  CG2  sing N N 297 
THR CB  HB   sing N N 298 
THR OG1 HG1  sing N N 299 
THR CG2 HG21 sing N N 300 
THR CG2 HG22 sing N N 301 
THR CG2 HG23 sing N N 302 
THR OXT HXT  sing N N 303 
TRP N   CA   sing N N 304 
TRP N   H    sing N N 305 
TRP N   H2   sing N N 306 
TRP CA  C    sing N N 307 
TRP CA  CB   sing N N 308 
TRP CA  HA   sing N N 309 
TRP C   O    doub N N 310 
TRP C   OXT  sing N N 311 
TRP CB  CG   sing N N 312 
TRP CB  HB2  sing N N 313 
TRP CB  HB3  sing N N 314 
TRP CG  CD1  doub Y N 315 
TRP CG  CD2  sing Y N 316 
TRP CD1 NE1  sing Y N 317 
TRP CD1 HD1  sing N N 318 
TRP CD2 CE2  doub Y N 319 
TRP CD2 CE3  sing Y N 320 
TRP NE1 CE2  sing Y N 321 
TRP NE1 HE1  sing N N 322 
TRP CE2 CZ2  sing Y N 323 
TRP CE3 CZ3  doub Y N 324 
TRP CE3 HE3  sing N N 325 
TRP CZ2 CH2  doub Y N 326 
TRP CZ2 HZ2  sing N N 327 
TRP CZ3 CH2  sing Y N 328 
TRP CZ3 HZ3  sing N N 329 
TRP CH2 HH2  sing N N 330 
TRP OXT HXT  sing N N 331 
TYR N   CA   sing N N 332 
TYR N   H    sing N N 333 
TYR N   H2   sing N N 334 
TYR CA  C    sing N N 335 
TYR CA  CB   sing N N 336 
TYR CA  HA   sing N N 337 
TYR C   O    doub N N 338 
TYR C   OXT  sing N N 339 
TYR CB  CG   sing N N 340 
TYR CB  HB2  sing N N 341 
TYR CB  HB3  sing N N 342 
TYR CG  CD1  doub Y N 343 
TYR CG  CD2  sing Y N 344 
TYR CD1 CE1  sing Y N 345 
TYR CD1 HD1  sing N N 346 
TYR CD2 CE2  doub Y N 347 
TYR CD2 HD2  sing N N 348 
TYR CE1 CZ   doub Y N 349 
TYR CE1 HE1  sing N N 350 
TYR CE2 CZ   sing Y N 351 
TYR CE2 HE2  sing N N 352 
TYR CZ  OH   sing N N 353 
TYR OH  HH   sing N N 354 
TYR OXT HXT  sing N N 355 
VAL N   CA   sing N N 356 
VAL N   H    sing N N 357 
VAL N   H2   sing N N 358 
VAL CA  C    sing N N 359 
VAL CA  CB   sing N N 360 
VAL CA  HA   sing N N 361 
VAL C   O    doub N N 362 
VAL C   OXT  sing N N 363 
VAL CB  CG1  sing N N 364 
VAL CB  CG2  sing N N 365 
VAL CB  HB   sing N N 366 
VAL CG1 HG11 sing N N 367 
VAL CG1 HG12 sing N N 368 
VAL CG1 HG13 sing N N 369 
VAL CG2 HG21 sing N N 370 
VAL CG2 HG22 sing N N 371 
VAL CG2 HG23 sing N N 372 
VAL OXT HXT  sing N N 373 
# 
_em_ctf_correction.id        1 
_em_ctf_correction.details   'whole micrograph' 
_em_ctf_correction.type      . 
# 
_em_image_processing.id                   1 
_em_image_processing.image_recording_id   1 
_em_image_processing.details              ? 
# 
_em_image_recording.avg_electron_dose_per_image   . 
_em_image_recording.details                       ? 
_em_image_recording.id                            1 
_em_image_recording.film_or_detector_model        'KODAK SO-163 FILM' 
_em_image_recording.imaging_id                    1 
_em_image_recording.detector_mode                 ? 
_em_image_recording.average_exposure_time         ? 
_em_image_recording.num_diffraction_images        ? 
_em_image_recording.num_grids_imaged              ? 
_em_image_recording.num_real_images               ? 
# 
loop_
_em_software.id 
_em_software.name 
_em_software.version 
_em_software.category 
_em_software.details 
_em_software.image_processing_id 
1 'UCSF Chimera' ? 'MODEL FITTING' ? ? 
2 EM3DR          2 RECONSTRUCTION  ? 1 
3 PFT            2 RECONSTRUCTION  ? 1 
4 PFT3DR         ? RECONSTRUCTION  ? 1 
# 
_em_specimen.experiment_id           1 
_em_specimen.id                      1 
_em_specimen.concentration           3 
_em_specimen.vitrification_applied   YES 
_em_specimen.staining_applied        NO 
_em_specimen.embedding_applied       NO 
_em_specimen.shadowing_applied       NO 
_em_specimen.details                 '1.35 M NaCl, 48 mM MgSO4-7H2O, 1 mM CaCl2, 2 mM Tris-Cl' 
# 
_em_virus_natural_host.entity_assembly_id   1 
_em_virus_natural_host.id                   1 
_em_virus_natural_host.ncbi_tax_id          51367 
_em_virus_natural_host.organism             'Salinivibrio costicola' 
_em_virus_natural_host.strain               ? 
# 
loop_
_pdbx_coordinate_model.asym_id 
_pdbx_coordinate_model.type 
A 'CA ATOMS ONLY' 
B 'CA ATOMS ONLY' 
C 'CA ATOMS ONLY' 
D 'CA ATOMS ONLY' 
E 'CA ATOMS ONLY' 
F 'CA ATOMS ONLY' 
G 'CA ATOMS ONLY' 
# 
_pdbx_initial_refinement_model.id               1 
_pdbx_initial_refinement_model.type             'experimental model' 
_pdbx_initial_refinement_model.source_name      PDB 
_pdbx_initial_refinement_model.accession_code   1OHG 
# 
_atom_sites.entry_id                    3J1A 
_atom_sites.fract_transf_matrix[1][1]   1.000000 
_atom_sites.fract_transf_matrix[1][2]   0.000000 
_atom_sites.fract_transf_matrix[1][3]   0.000000 
_atom_sites.fract_transf_matrix[2][1]   0.000000 
_atom_sites.fract_transf_matrix[2][2]   1.000000 
_atom_sites.fract_transf_matrix[2][3]   0.000000 
_atom_sites.fract_transf_matrix[3][1]   0.000000 
_atom_sites.fract_transf_matrix[3][2]   0.000000 
_atom_sites.fract_transf_matrix[3][3]   1.000000 
_atom_sites.fract_transf_vector[1]      0.00000 
_atom_sites.fract_transf_vector[2]      0.00000 
_atom_sites.fract_transf_vector[3]      0.00000 
# 
_atom_type.symbol   C 
# 
loop_
_atom_site.group_PDB 
_atom_site.id 
_atom_site.type_symbol 
_atom_site.label_atom_id 
_atom_site.label_alt_id 
_atom_site.label_comp_id 
_atom_site.label_asym_id 
_atom_site.label_entity_id 
_atom_site.label_seq_id 
_atom_site.pdbx_PDB_ins_code 
_atom_site.Cartn_x 
_atom_site.Cartn_y 
_atom_site.Cartn_z 
_atom_site.occupancy 
_atom_site.B_iso_or_equiv 
_atom_site.pdbx_formal_charge 
_atom_site.auth_seq_id 
_atom_site.auth_comp_id 
_atom_site.auth_asym_id 
_atom_site.auth_atom_id 
_atom_site.pdbx_PDB_model_num 
ATOM 1   C CA . LYS A 1 3   ? 29.690  -20.953 24.216  1.00 75.09 ? 184 LYS A CA 1 
ATOM 2   C CA . THR A 1 4   ? 32.905  -18.965 23.698  1.00 75.97 ? 185 THR A CA 1 
ATOM 3   C CA . ILE A 1 5   ? 33.861  -16.899 20.640  1.00 74.28 ? 186 ILE A CA 1 
ATOM 4   C CA . ALA A 1 6   ? 37.249  -15.265 20.296  1.00 69.45 ? 187 ALA A CA 1 
ATOM 5   C CA . HIS A 1 7   ? 40.486  -14.560 18.474  1.00 61.97 ? 188 HIS A CA 1 
ATOM 6   C CA . TRP A 1 8   ? 43.806  -12.865 19.227  1.00 61.88 ? 189 TRP A CA 1 
ATOM 7   C CA . VAL A 1 9   ? 46.474  -10.926 17.394  1.00 73.67 ? 190 VAL A CA 1 
ATOM 8   C CA . GLN A 1 10  ? 50.150  -10.894 18.158  1.00 79.68 ? 191 GLN A CA 1 
ATOM 9   C CA . ALA A 1 11  ? 51.955  -7.638  17.473  1.00 69.63 ? 192 ALA A CA 1 
ATOM 10  C CA . SER A 1 12  ? 55.412  -6.199  17.925  1.00 56.99 ? 193 SER A CA 1 
ATOM 11  C CA . ARG A 1 13  ? 56.064  -3.973  20.923  1.00 58.39 ? 194 ARG A CA 1 
ATOM 12  C CA . GLN A 1 14  ? 57.946  -1.581  18.645  1.00 56.50 ? 195 GLN A CA 1 
ATOM 13  C CA . VAL A 1 15  ? 55.192  -1.332  15.992  1.00 49.45 ? 196 VAL A CA 1 
ATOM 14  C CA . MET A 1 16  ? 52.730  -0.593  18.793  1.00 56.66 ? 197 MET A CA 1 
ATOM 15  C CA . ASP A 1 17  ? 54.797  2.287   20.232  1.00 55.33 ? 198 ASP A CA 1 
ATOM 16  C CA . ASP A 1 18  ? 55.833  3.779   16.865  1.00 68.06 ? 199 ASP A CA 1 
ATOM 17  C CA . ALA A 1 19  ? 52.241  4.086   15.596  1.00 67.73 ? 200 ALA A CA 1 
ATOM 18  C CA . PRO A 1 20  ? 50.203  5.479   18.561  1.00 80.66 ? 201 PRO A CA 1 
ATOM 19  C CA . MET A 1 21  ? 46.728  4.933   17.142  1.00 73.78 ? 202 MET A CA 1 
ATOM 20  C CA . LEU A 1 22  ? 47.526  1.408   15.891  1.00 64.13 ? 203 LEU A CA 1 
ATOM 21  C CA . GLN A 1 23  ? 46.292  -0.080  19.141  1.00 56.06 ? 204 GLN A CA 1 
ATOM 22  C CA . SER A 1 24  ? 42.999  1.819   19.162  1.00 54.49 ? 205 SER A CA 1 
ATOM 23  C CA . TYR A 1 25  ? 42.470  0.542   15.580  1.00 44.17 ? 206 TYR A CA 1 
ATOM 24  C CA . ILE A 1 26  ? 43.364  -3.118  16.241  1.00 52.73 ? 207 ILE A CA 1 
ATOM 25  C CA . ASN A 1 27  ? 40.758  -3.067  18.995  1.00 48.29 ? 208 ASN A CA 1 
ATOM 26  C CA . ASN A 1 28  ? 37.814  -1.748  16.933  1.00 61.63 ? 209 ASN A CA 1 
ATOM 27  C CA . ARG A 1 29  ? 38.951  -4.242  14.333  1.00 49.03 ? 210 ARG A CA 1 
ATOM 28  C CA . LEU A 1 30  ? 38.909  -7.315  16.575  1.00 54.94 ? 211 LEU A CA 1 
ATOM 29  C CA . MET A 1 31  ? 35.784  -6.128  18.353  1.00 53.76 ? 212 MET A CA 1 
ATOM 30  C CA . TYR A 1 32  ? 34.092  -5.951  14.961  1.00 48.94 ? 213 TYR A CA 1 
ATOM 31  C CA . GLY A 1 33  ? 35.361  -9.216  13.531  1.00 47.82 ? 214 GLY A CA 1 
ATOM 32  C CA . LEU A 1 34  ? 34.212  -10.891 16.716  1.00 52.67 ? 215 LEU A CA 1 
ATOM 33  C CA . ALA A 1 35  ? 30.744  -9.377  16.551  1.00 52.57 ? 216 ALA A CA 1 
ATOM 34  C CA . LEU A 1 36  ? 30.719  -10.419 12.887  1.00 48.85 ? 217 LEU A CA 1 
ATOM 35  C CA . LYS A 1 37  ? 31.160  -14.150 13.506  1.00 59.38 ? 218 LYS A CA 1 
ATOM 36  C CA . GLU A 1 38  ? 28.716  -13.595 16.348  1.00 42.43 ? 219 GLU A CA 1 
ATOM 37  C CA . GLU A 1 39  ? 26.046  -12.624 13.816  1.00 58.38 ? 220 GLU A CA 1 
ATOM 38  C CA . GLY A 1 40  ? 27.058  -15.755 11.945  1.00 58.45 ? 221 GLY A CA 1 
ATOM 39  C CA . GLN A 1 41  ? 26.111  -18.037 14.817  1.00 57.71 ? 222 GLN A CA 1 
ATOM 40  C CA . LEU A 1 42  ? 22.966  -16.207 15.908  1.00 57.78 ? 223 LEU A CA 1 
ATOM 41  C CA . LEU A 1 43  ? 21.514  -16.643 12.395  1.00 52.69 ? 224 LEU A CA 1 
ATOM 42  C CA . ASN A 1 44  ? 22.954  -19.739 10.702  1.00 66.42 ? 225 ASN A CA 1 
ATOM 43  C CA . ALA A 1 74  ? 6.839   -11.259 -2.435  1.00 48.31 ? 255 ALA A CA 1 
ATOM 44  C CA . ASP A 1 75  ? 3.660   -13.348 -2.270  1.00 40.11 ? 256 ASP A CA 1 
ATOM 45  C CA . ILE A 1 76  ? 5.699   -15.998 -0.480  1.00 31.09 ? 257 ILE A CA 1 
ATOM 46  C CA . ILE A 1 77  ? 7.203   -13.741 2.207   1.00 33.82 ? 258 ILE A CA 1 
ATOM 47  C CA . ALA A 1 78  ? 3.589   -12.702 2.609   1.00 20.63 ? 259 ALA A CA 1 
ATOM 48  C CA . HIS A 1 79  ? 2.377   -16.264 3.124   1.00 41.24 ? 260 HIS A CA 1 
ATOM 49  C CA . ALA A 1 80  ? 5.331   -16.594 5.487   1.00 38.61 ? 261 ALA A CA 1 
ATOM 50  C CA . ILE A 1 81  ? 4.335   -13.546 7.510   1.00 53.16 ? 262 ILE A CA 1 
ATOM 51  C CA . TYR A 1 82  ? 1.067   -15.411 7.896   1.00 44.41 ? 263 TYR A CA 1 
ATOM 52  C CA . GLN A 1 83  ? 2.561   -18.736 8.951   1.00 59.53 ? 264 GLN A CA 1 
ATOM 53  C CA . VAL A 1 84  ? 3.882   -16.788 11.930  1.00 51.81 ? 265 VAL A CA 1 
ATOM 54  C CA . THR A 1 85  ? 0.274   -16.063 12.882  1.00 57.87 ? 266 THR A CA 1 
ATOM 55  C CA . GLU A 1 86  ? -0.498  -19.740 13.478  1.00 75.82 ? 267 GLU A CA 1 
ATOM 56  C CA . SER A 1 87  ? 1.866   -19.404 16.462  1.00 72.15 ? 268 SER A CA 1 
ATOM 57  C CA . GLU A 1 88  ? -0.383  -16.545 17.551  1.00 63.62 ? 269 GLU A CA 1 
ATOM 58  C CA . GLY A 1 93  ? 10.793  -8.509  10.498  1.00 66.99 ? 274 GLY A CA 1 
ATOM 59  C CA . ILE A 1 94  ? 11.936  -10.164 7.285   1.00 70.48 ? 275 ILE A CA 1 
ATOM 60  C CA . VAL A 1 95  ? 15.509  -11.445 7.095   1.00 59.33 ? 276 VAL A CA 1 
ATOM 61  C CA . LEU A 1 96  ? 16.434  -11.757 3.428   1.00 69.93 ? 277 LEU A CA 1 
ATOM 62  C CA . ASN A 1 97  ? 19.756  -11.879 1.675   1.00 62.24 ? 278 ASN A CA 1 
ATOM 63  C CA . PRO A 1 98  ? 20.843  -8.470  0.301   1.00 62.79 ? 279 PRO A CA 1 
ATOM 64  C CA . ARG A 1 99  ? 20.728  -9.798  -3.259  1.00 60.31 ? 280 ARG A CA 1 
ATOM 65  C CA . ASP A 1 100 ? 17.307  -11.401 -2.908  1.00 61.81 ? 281 ASP A CA 1 
ATOM 66  C CA . TRP A 1 101 ? 15.885  -8.147  -1.474  1.00 54.43 ? 282 TRP A CA 1 
ATOM 67  C CA . HIS A 1 102 ? 17.163  -6.387  -4.581  1.00 48.85 ? 283 HIS A CA 1 
ATOM 68  C CA . ASN A 1 103 ? 15.668  -8.842  -7.102  1.00 68.79 ? 284 ASN A CA 1 
ATOM 69  C CA . ILE A 1 104 ? 12.459  -8.541  -5.092  1.00 52.16 ? 285 ILE A CA 1 
ATOM 70  C CA . ALA A 1 105 ? 12.203  -4.779  -5.225  1.00 57.02 ? 286 ALA A CA 1 
ATOM 71  C CA . LEU A 1 106 ? 12.759  -4.804  -8.962  1.00 73.02 ? 287 LEU A CA 1 
ATOM 72  C CA . ILE A 1 126 ? 9.576   -2.324  4.055   1.00 71.16 ? 307 ILE A CA 1 
ATOM 73  C CA . MET A 1 127 ? 7.584   -5.267  2.752   1.00 65.00 ? 308 MET A CA 1 
ATOM 74  C CA . TRP A 1 128 ? 4.037   -6.243  3.779   1.00 52.33 ? 309 TRP A CA 1 
ATOM 75  C CA . GLY A 1 129 ? 4.208   -3.731  6.622   1.00 61.21 ? 310 GLY A CA 1 
ATOM 76  C CA . LEU A 1 130 ? 7.302   -5.165  8.233   1.00 62.99 ? 311 LEU A CA 1 
ATOM 77  C CA . PRO A 1 131 ? 10.904  -3.946  8.345   1.00 65.37 ? 312 PRO A CA 1 
ATOM 78  C CA . VAL A 1 132 ? 13.344  -5.710  6.072   1.00 57.87 ? 313 VAL A CA 1 
ATOM 79  C CA . VAL A 1 133 ? 16.700  -6.851  7.310   1.00 70.31 ? 314 VAL A CA 1 
ATOM 80  C CA . PRO A 1 134 ? 19.243  -7.601  4.579   1.00 68.34 ? 315 PRO A CA 1 
ATOM 81  C CA . THR A 1 142 ? 17.170  -18.476 2.112   1.00 68.73 ? 323 THR A CA 1 
ATOM 82  C CA . PHE A 1 143 ? 14.533  -16.358 3.889   1.00 62.77 ? 324 PHE A CA 1 
ATOM 83  C CA . THR A 1 144 ? 13.601  -15.981 7.524   1.00 53.77 ? 325 THR A CA 1 
ATOM 84  C CA . VAL A 1 145 ? 10.426  -14.401 8.882   1.00 64.51 ? 326 VAL A CA 1 
ATOM 85  C CA . GLY A 1 146 ? 9.571   -14.441 12.561  1.00 61.05 ? 327 GLY A CA 1 
ATOM 86  C CA . GLY A 1 147 ? 8.631   -12.629 15.747  1.00 62.65 ? 328 GLY A CA 1 
ATOM 87  C CA . PHE A 1 148 ? 12.228  -12.435 16.869  1.00 65.34 ? 329 PHE A CA 1 
ATOM 88  C CA . ASP A 1 149 ? 11.763  -9.990  19.783  1.00 75.68 ? 330 ASP A CA 1 
ATOM 89  C CA . MET A 1 150 ? 9.586   -12.719 21.281  1.00 72.85 ? 331 MET A CA 1 
ATOM 90  C CA . ALA A 1 151 ? 10.799  -16.086 19.990  1.00 76.77 ? 332 ALA A CA 1 
ATOM 91  C CA . SER A 1 152 ? 14.440  -16.028 21.122  1.00 70.93 ? 333 SER A CA 1 
ATOM 92  C CA . GLN A 1 153 ? 16.800  -14.341 23.561  1.00 58.27 ? 334 GLN A CA 1 
ATOM 93  C CA . VAL A 1 154 ? 20.546  -13.814 23.622  1.00 62.37 ? 335 VAL A CA 1 
ATOM 94  C CA . TRP A 1 155 ? 22.196  -14.380 26.970  1.00 64.63 ? 336 TRP A CA 1 
ATOM 95  C CA . ASP A 1 156 ? 25.568  -12.766 27.587  1.00 78.55 ? 337 ASP A CA 1 
ATOM 96  C CA . ARG A 1 157 ? 27.899  -14.416 30.092  1.00 81.82 ? 338 ARG A CA 1 
ATOM 97  C CA . MET A 1 158 ? 30.827  -12.234 29.215  1.00 80.01 ? 339 MET A CA 1 
ATOM 98  C CA . ASP A 1 159 ? 30.547  -8.997  27.268  1.00 79.69 ? 340 ASP A CA 1 
ATOM 99  C CA . ALA A 1 160 ? 32.810  -8.805  24.257  1.00 73.83 ? 341 ALA A CA 1 
ATOM 100 C CA . THR A 1 161 ? 36.069  -7.484  25.735  1.00 72.45 ? 342 THR A CA 1 
ATOM 101 C CA . VAL A 1 162 ? 39.686  -6.934  24.891  1.00 71.10 ? 343 VAL A CA 1 
ATOM 102 C CA . GLU A 1 163 ? 42.722  -7.508  27.101  1.00 74.68 ? 344 GLU A CA 1 
ATOM 103 C CA . VAL A 1 164 ? 46.425  -7.256  26.366  1.00 71.93 ? 345 VAL A CA 1 
ATOM 104 C CA . SER A 1 165 ? 49.323  -9.275  27.743  1.00 69.76 ? 346 SER A CA 1 
ATOM 105 C CA . MET A 1 176 ? 55.750  -8.781  21.663  1.00 72.46 ? 357 MET A CA 1 
ATOM 106 C CA . LEU A 1 177 ? 52.207  -8.097  22.730  1.00 72.83 ? 358 LEU A CA 1 
ATOM 107 C CA . THR A 1 178 ? 49.199  -10.326 22.483  1.00 64.36 ? 359 THR A CA 1 
ATOM 108 C CA . ILE A 1 179 ? 45.848  -8.675  21.990  1.00 72.12 ? 360 ILE A CA 1 
ATOM 109 C CA . LEU A 1 180 ? 42.931  -10.906 22.873  1.00 70.24 ? 361 LEU A CA 1 
ATOM 110 C CA . CYS A 1 181 ? 39.288  -10.484 21.997  1.00 65.96 ? 362 CYS A CA 1 
ATOM 111 C CA . GLU A 1 182 ? 36.648  -12.882 23.297  1.00 71.19 ? 363 GLU A CA 1 
ATOM 112 C CA . GLU A 1 183 ? 33.035  -13.050 24.473  1.00 67.89 ? 364 GLU A CA 1 
ATOM 113 C CA . ARG A 1 184 ? 30.638  -15.656 25.957  1.00 63.18 ? 365 ARG A CA 1 
ATOM 114 C CA . LEU A 1 185 ? 27.126  -16.114 24.499  1.00 70.53 ? 366 LEU A CA 1 
ATOM 115 C CA . ALA A 1 186 ? 24.193  -18.411 24.686  1.00 72.19 ? 367 ALA A CA 1 
ATOM 116 C CA . LEU A 1 187 ? 21.212  -18.374 22.401  1.00 73.08 ? 368 LEU A CA 1 
ATOM 117 C CA . ALA A 1 188 ? 17.882  -19.549 23.724  1.00 68.81 ? 369 ALA A CA 1 
ATOM 118 C CA . HIS A 1 189 ? 14.867  -20.328 21.574  1.00 67.57 ? 370 HIS A CA 1 
ATOM 119 C CA . TYR A 1 190 ? 11.554  -20.133 23.420  1.00 71.47 ? 371 TYR A CA 1 
ATOM 120 C CA . ARG A 1 191 ? 8.948   -20.237 20.626  1.00 72.91 ? 372 ARG A CA 1 
ATOM 121 C CA . PRO A 1 192 ? 10.133  -21.891 17.393  1.00 64.32 ? 373 PRO A CA 1 
ATOM 122 C CA . THR A 1 193 ? 6.643   -21.746 15.978  1.00 75.74 ? 374 THR A CA 1 
ATOM 123 C CA . ALA A 1 194 ? 7.432   -18.063 15.692  1.00 78.09 ? 375 ALA A CA 1 
ATOM 124 C CA . ILE A 1 195 ? 10.294  -18.370 13.274  1.00 67.66 ? 376 ILE A CA 1 
ATOM 125 C CA . ILE A 1 196 ? 9.949   -19.470 9.681   1.00 62.84 ? 377 ILE A CA 1 
ATOM 126 C CA . LYS A 1 197 ? 12.673  -20.526 7.249   1.00 70.52 ? 378 LYS A CA 1 
ATOM 127 C CA . GLY A 1 198 ? 12.099  -21.240 3.580   1.00 77.95 ? 379 GLY A CA 1 
ATOM 128 C CA . THR A 1 199 ? 13.534  -21.473 0.086   1.00 89.64 ? 380 THR A CA 1 
ATOM 129 C CA . LYS B 1 3   ? 51.122  14.996  -13.319 1.00 77.93 ? 184 LYS B CA 1 
ATOM 130 C CA . THR B 1 4   ? 51.282  18.063  -15.612 1.00 73.80 ? 185 THR B CA 1 
ATOM 131 C CA . ILE B 1 5   ? 48.904  18.878  -18.464 1.00 70.36 ? 186 ILE B CA 1 
ATOM 132 C CA . ALA B 1 6   ? 49.469  21.582  -21.038 1.00 59.86 ? 187 ALA B CA 1 
ATOM 133 C CA . HIS B 1 7   ? 49.733  22.716  -24.636 1.00 57.39 ? 188 HIS B CA 1 
ATOM 134 C CA . TRP B 1 8   ? 50.844  25.861  -26.467 1.00 55.86 ? 189 TRP B CA 1 
ATOM 135 C CA . VAL B 1 9   ? 50.216  27.748  -29.678 1.00 66.34 ? 190 VAL B CA 1 
ATOM 136 C CA . GLN B 1 10  ? 52.435  29.856  -31.908 1.00 73.89 ? 191 GLN B CA 1 
ATOM 137 C CA . ALA B 1 11  ? 51.066  32.920  -33.700 1.00 68.75 ? 192 ALA B CA 1 
ATOM 138 C CA . SER B 1 12  ? 52.440  35.517  -36.094 1.00 57.84 ? 193 SER B CA 1 
ATOM 139 C CA . ARG B 1 13  ? 53.332  38.860  -34.504 1.00 58.92 ? 194 ARG B CA 1 
ATOM 140 C CA . GLN B 1 14  ? 51.439  40.303  -37.466 1.00 51.51 ? 195 GLN B CA 1 
ATOM 141 C CA . VAL B 1 15  ? 48.253  38.185  -37.186 1.00 48.56 ? 196 VAL B CA 1 
ATOM 142 C CA . MET B 1 16  ? 48.059  39.149  -33.524 1.00 58.32 ? 197 MET B CA 1 
ATOM 143 C CA . ASP B 1 17  ? 48.449  42.877  -34.278 1.00 56.53 ? 198 ASP B CA 1 
ATOM 144 C CA . ASP B 1 18  ? 46.027  42.917  -37.233 1.00 62.89 ? 199 ASP B CA 1 
ATOM 145 C CA . ALA B 1 19  ? 43.252  41.055  -35.414 1.00 58.68 ? 200 ALA B CA 1 
ATOM 146 C CA . PRO B 1 20  ? 43.071  42.445  -31.830 1.00 60.17 ? 201 PRO B CA 1 
ATOM 147 C CA . MET B 1 21  ? 40.432  40.171  -30.336 1.00 64.00 ? 202 MET B CA 1 
ATOM 148 C CA . LEU B 1 22  ? 42.283  37.124  -31.702 1.00 57.86 ? 203 LEU B CA 1 
ATOM 149 C CA . GLN B 1 23  ? 44.354  36.947  -28.537 1.00 52.07 ? 204 GLN B CA 1 
ATOM 150 C CA . SER B 1 24  ? 41.587  36.849  -25.939 1.00 54.12 ? 205 SER B CA 1 
ATOM 151 C CA . TYR B 1 25  ? 39.942  34.168  -28.139 1.00 45.35 ? 206 TYR B CA 1 
ATOM 152 C CA . ILE B 1 26  ? 43.037  31.925  -28.231 1.00 50.96 ? 207 ILE B CA 1 
ATOM 153 C CA . ASN B 1 27  ? 43.207  32.204  -24.439 1.00 51.71 ? 208 ASN B CA 1 
ATOM 154 C CA . ASN B 1 28  ? 39.632  31.056  -23.808 1.00 58.43 ? 209 ASN B CA 1 
ATOM 155 C CA . ARG B 1 29  ? 40.265  28.165  -26.166 1.00 47.56 ? 210 ARG B CA 1 
ATOM 156 C CA . LEU B 1 30  ? 43.443  26.783  -24.705 1.00 51.32 ? 211 LEU B CA 1 
ATOM 157 C CA . MET B 1 31  ? 41.804  27.153  -21.308 1.00 52.31 ? 212 MET B CA 1 
ATOM 158 C CA . TYR B 1 32  ? 38.784  25.107  -22.347 1.00 48.31 ? 213 TYR B CA 1 
ATOM 159 C CA . GLY B 1 33  ? 40.824  22.648  -24.371 1.00 45.92 ? 214 GLY B CA 1 
ATOM 160 C CA . LEU B 1 34  ? 42.998  22.033  -21.355 1.00 50.19 ? 215 LEU B CA 1 
ATOM 161 C CA . ALA B 1 35  ? 40.030  21.438  -19.075 1.00 44.80 ? 216 ALA B CA 1 
ATOM 162 C CA . LEU B 1 36  ? 38.478  19.239  -21.745 1.00 45.92 ? 217 LEU B CA 1 
ATOM 163 C CA . LYS B 1 37  ? 41.415  16.847  -21.903 1.00 49.43 ? 218 LYS B CA 1 
ATOM 164 C CA . GLU B 1 38  ? 41.479  17.112  -18.102 1.00 43.25 ? 219 GLU B CA 1 
ATOM 165 C CA . GLU B 1 39  ? 38.005  15.560  -17.936 1.00 49.32 ? 220 GLU B CA 1 
ATOM 166 C CA . GLY B 1 40  ? 39.427  12.956  -20.294 1.00 52.61 ? 221 GLY B CA 1 
ATOM 167 C CA . GLN B 1 41  ? 41.950  11.788  -17.723 1.00 53.79 ? 222 GLN B CA 1 
ATOM 168 C CA . LEU B 1 42  ? 39.661  11.927  -14.697 1.00 56.16 ? 223 LEU B CA 1 
ATOM 169 C CA . LEU B 1 43  ? 37.196  9.571   -16.399 1.00 47.03 ? 224 LEU B CA 1 
ATOM 170 C CA . ASN B 1 44  ? 39.033  7.320   -18.869 1.00 58.38 ? 225 ASN B CA 1 
ATOM 171 C CA . ALA B 1 74  ? 17.221  0.681   -16.443 1.00 52.26 ? 255 ALA B CA 1 
ATOM 172 C CA . ASP B 1 75  ? 17.189  -2.539  -14.460 1.00 40.74 ? 256 ASP B CA 1 
ATOM 173 C CA . ILE B 1 76  ? 20.904  -2.889  -15.075 1.00 33.59 ? 257 ILE B CA 1 
ATOM 174 C CA . ILE B 1 77  ? 21.883  0.531   -13.751 1.00 38.15 ? 258 ILE B CA 1 
ATOM 175 C CA . ALA B 1 78  ? 19.791  -0.482  -10.769 1.00 29.16 ? 259 ALA B CA 1 
ATOM 176 C CA . HIS B 1 79  ? 21.707  -3.718  -10.274 1.00 46.93 ? 260 HIS B CA 1 
ATOM 177 C CA . ALA B 1 80  ? 24.800  -1.523  -10.582 1.00 41.58 ? 261 ALA B CA 1 
ATOM 178 C CA . ILE B 1 81  ? 23.750  0.907   -7.864  1.00 52.13 ? 262 ILE B CA 1 
ATOM 179 C CA . TYR B 1 82  ? 23.423  -2.207  -5.776  1.00 40.70 ? 263 TYR B CA 1 
ATOM 180 C CA . GLN B 1 83  ? 26.871  -3.665  -6.512  1.00 57.48 ? 264 GLN B CA 1 
ATOM 181 C CA . VAL B 1 84  ? 28.160  -0.481  -4.867  1.00 51.85 ? 265 VAL B CA 1 
ATOM 182 C CA . THR B 1 85  ? 26.308  -1.493  -1.721  1.00 54.19 ? 266 THR B CA 1 
ATOM 183 C CA . GLU B 1 86  ? 28.159  -4.792  -1.655  1.00 72.16 ? 267 GLU B CA 1 
ATOM 184 C CA . SER B 1 87  ? 31.285  -2.705  -0.888  1.00 75.76 ? 268 SER B CA 1 
ATOM 185 C CA . GLU B 1 88  ? 29.200  -1.120  1.883   1.00 64.53 ? 269 GLU B CA 1 
ATOM 186 C CA . GLY B 1 93  ? 25.479  9.253   -9.186  1.00 63.69 ? 274 GLY B CA 1 
ATOM 187 C CA . ILE B 1 94  ? 25.219  7.607   -12.578 1.00 68.30 ? 275 ILE B CA 1 
ATOM 188 C CA . VAL B 1 95  ? 27.535  8.527   -15.442 1.00 59.59 ? 276 VAL B CA 1 
ATOM 189 C CA . LEU B 1 96  ? 25.951  7.400   -18.700 1.00 71.82 ? 277 LEU B CA 1 
ATOM 190 C CA . ASN B 1 97  ? 26.621  8.405   -22.269 1.00 57.98 ? 278 ASN B CA 1 
ATOM 191 C CA . PRO B 1 98  ? 24.148  11.048  -23.532 1.00 60.23 ? 279 PRO B CA 1 
ATOM 192 C CA . ARG B 1 99  ? 22.822  8.664   -26.168 1.00 56.75 ? 280 ARG B CA 1 
ATOM 193 C CA . ASP B 1 100 ? 22.365  5.752   -23.753 1.00 56.98 ? 281 ASP B CA 1 
ATOM 194 C CA . TRP B 1 101 ? 20.565  8.070   -21.296 1.00 53.73 ? 282 TRP B CA 1 
ATOM 195 C CA . HIS B 1 102 ? 18.097  9.047   -24.033 1.00 49.21 ? 283 HIS B CA 1 
ATOM 196 C CA . ASN B 1 103 ? 17.174  5.452   -24.914 1.00 62.47 ? 284 ASN B CA 1 
ATOM 197 C CA . ILE B 1 104 ? 16.610  4.789   -21.223 1.00 51.04 ? 285 ILE B CA 1 
ATOM 198 C CA . ALA B 1 105 ? 14.190  7.669   -20.765 1.00 53.88 ? 286 ALA B CA 1 
ATOM 199 C CA . LEU B 1 106 ? 12.002  6.754   -23.703 1.00 74.83 ? 287 LEU B CA 1 
ATOM 200 C CA . ILE B 1 126 ? 17.234  11.345  -11.889 1.00 72.68 ? 307 ILE B CA 1 
ATOM 201 C CA . MET B 1 127 ? 17.217  7.556   -11.900 1.00 72.41 ? 308 MET B CA 1 
ATOM 202 C CA . TRP B 1 128 ? 16.734  5.201   -8.940  1.00 56.30 ? 309 TRP B CA 1 
ATOM 203 C CA . GLY B 1 129 ? 17.123  8.105   -6.518  1.00 63.86 ? 310 GLY B CA 1 
ATOM 204 C CA . LEU B 1 130 ? 20.464  9.266   -7.856  1.00 63.22 ? 311 LEU B CA 1 
ATOM 205 C CA . PRO B 1 131 ? 21.528  12.118  -10.130 1.00 61.45 ? 312 PRO B CA 1 
ATOM 206 C CA . VAL B 1 132 ? 22.405  11.337  -13.728 1.00 52.82 ? 313 VAL B CA 1 
ATOM 207 C CA . VAL B 1 133 ? 25.389  12.817  -15.446 1.00 64.84 ? 314 VAL B CA 1 
ATOM 208 C CA . PRO B 1 134 ? 25.349  12.411  -19.223 1.00 59.87 ? 315 PRO B CA 1 
ATOM 209 C CA . THR B 1 142 ? 29.716  2.136   -21.258 1.00 63.82 ? 323 THR B CA 1 
ATOM 210 C CA . PHE B 1 143 ? 28.292  3.096   -17.843 1.00 59.22 ? 324 PHE B CA 1 
ATOM 211 C CA . THR B 1 144 ? 29.825  4.140   -14.545 1.00 55.75 ? 325 THR B CA 1 
ATOM 212 C CA . VAL B 1 145 ? 28.153  4.065   -11.137 1.00 64.42 ? 326 VAL B CA 1 
ATOM 213 C CA . GLY B 1 146 ? 29.867  4.853   -7.881  1.00 64.20 ? 327 GLY B CA 1 
ATOM 214 C CA . GLY B 1 147 ? 30.057  6.997   -4.769  1.00 65.79 ? 328 GLY B CA 1 
ATOM 215 C CA . PHE B 1 148 ? 32.391  9.499   -6.370  1.00 68.01 ? 329 PHE B CA 1 
ATOM 216 C CA . ASP B 1 149 ? 32.093  12.230  -3.709  1.00 80.08 ? 330 ASP B CA 1 
ATOM 217 C CA . MET B 1 150 ? 33.839  9.767   -1.408  1.00 77.88 ? 331 MET B CA 1 
ATOM 218 C CA . ALA B 1 151 ? 35.691  7.288   -3.583  1.00 76.84 ? 332 ALA B CA 1 
ATOM 219 C CA . SER B 1 152 ? 38.318  9.465   -5.227  1.00 69.48 ? 333 SER B CA 1 
ATOM 220 C CA . GLN B 1 153 ? 39.677  12.978  -4.825  1.00 59.51 ? 334 GLN B CA 1 
ATOM 221 C CA . VAL B 1 154 ? 41.250  15.502  -7.142  1.00 65.82 ? 335 VAL B CA 1 
ATOM 222 C CA . TRP B 1 155 ? 44.301  17.315  -5.841  1.00 63.97 ? 336 TRP B CA 1 
ATOM 223 C CA . ASP B 1 156 ? 45.157  20.605  -7.520  1.00 75.47 ? 337 ASP B CA 1 
ATOM 224 C CA . ARG B 1 157 ? 48.804  21.698  -7.438  1.00 74.23 ? 338 ARG B CA 1 
ATOM 225 C CA . MET B 1 158 ? 48.596  24.571  -9.870  1.00 79.22 ? 339 MET B CA 1 
ATOM 226 C CA . ASP B 1 159 ? 45.489  26.171  -11.359 1.00 78.24 ? 340 ASP B CA 1 
ATOM 227 C CA . ALA B 1 160 ? 45.178  26.403  -15.103 1.00 71.92 ? 341 ALA B CA 1 
ATOM 228 C CA . THR B 1 161 ? 47.052  29.442  -16.424 1.00 70.64 ? 342 THR B CA 1 
ATOM 229 C CA . VAL B 1 162 ? 47.960  31.254  -19.597 1.00 68.79 ? 343 VAL B CA 1 
ATOM 230 C CA . GLU B 1 163 ? 51.272  32.989  -20.228 1.00 74.04 ? 344 GLU B CA 1 
ATOM 231 C CA . VAL B 1 164 ? 52.772  34.578  -23.337 1.00 73.15 ? 345 VAL B CA 1 
ATOM 232 C CA . SER B 1 165 ? 56.361  34.856  -24.542 1.00 71.42 ? 346 SER B CA 1 
ATOM 233 C CA . MET B 1 176 ? 56.344  35.105  -33.551 1.00 67.69 ? 357 MET B CA 1 
ATOM 234 C CA . LEU B 1 177 ? 54.482  34.755  -30.283 1.00 70.55 ? 358 LEU B CA 1 
ATOM 235 C CA . THR B 1 178 ? 53.998  31.709  -28.109 1.00 65.71 ? 359 THR B CA 1 
ATOM 236 C CA . ILE B 1 179 ? 50.873  31.291  -26.014 1.00 71.16 ? 360 ILE B CA 1 
ATOM 237 C CA . LEU B 1 180 ? 51.114  28.675  -23.295 1.00 69.08 ? 361 LEU B CA 1 
ATOM 238 C CA . CYS B 1 181 ? 48.539  26.940  -21.125 1.00 62.60 ? 362 CYS B CA 1 
ATOM 239 C CA . GLU B 1 182 ? 49.378  24.474  -18.357 1.00 68.36 ? 363 GLU B CA 1 
ATOM 240 C CA . GLU B 1 183 ? 47.848  22.854  -15.261 1.00 66.72 ? 364 GLU B CA 1 
ATOM 241 C CA . ARG B 1 184 ? 49.031  20.494  -12.455 1.00 66.86 ? 365 ARG B CA 1 
ATOM 242 C CA . LEU B 1 185 ? 46.795  17.725  -11.031 1.00 70.61 ? 366 LEU B CA 1 
ATOM 243 C CA . ALA B 1 186 ? 46.833  14.541  -9.098  1.00 72.45 ? 367 ALA B CA 1 
ATOM 244 C CA . LEU B 1 187 ? 44.071  11.995  -9.061  1.00 74.77 ? 368 LEU B CA 1 
ATOM 245 C CA . ALA B 1 188 ? 43.767  9.871   -5.972  1.00 66.90 ? 369 ALA B CA 1 
ATOM 246 C CA . HIS B 1 189 ? 41.613  6.763   -5.674  1.00 64.32 ? 370 HIS B CA 1 
ATOM 247 C CA . TYR B 1 190 ? 40.839  5.838   -2.079  1.00 69.80 ? 371 TYR B CA 1 
ATOM 248 C CA . ARG B 1 191 ? 38.101  3.226   -2.393  1.00 71.27 ? 372 ARG B CA 1 
ATOM 249 C CA . PRO B 1 192 ? 37.879  1.560   -5.848  1.00 63.38 ? 373 PRO B CA 1 
ATOM 250 C CA . THR B 1 193 ? 35.321  -0.891  -4.573  1.00 73.93 ? 374 THR B CA 1 
ATOM 251 C CA . ALA B 1 194 ? 33.048  2.108   -4.592  1.00 76.53 ? 375 ALA B CA 1 
ATOM 252 C CA . ILE B 1 195 ? 33.094  2.601   -8.326  1.00 65.49 ? 376 ILE B CA 1 
ATOM 253 C CA . ILE B 1 196 ? 31.663  0.377   -11.012 1.00 62.94 ? 377 ILE B CA 1 
ATOM 254 C CA . LYS B 1 197 ? 32.097  0.161   -14.776 1.00 71.51 ? 378 LYS B CA 1 
ATOM 255 C CA . GLY B 1 198 ? 29.969  -2.027  -17.026 1.00 74.79 ? 379 GLY B CA 1 
ATOM 256 C CA . THR B 1 199 ? 28.610  -2.625  -20.504 1.00 86.28 ? 380 THR B CA 1 
ATOM 257 C CA . LYS C 1 3   ? 18.006  37.367  -53.102 1.00 80.07 ? 184 LYS C CA 1 
ATOM 258 C CA . THR C 1 4   ? 14.827  38.855  -54.560 1.00 77.75 ? 185 THR C CA 1 
ATOM 259 C CA . ILE C 1 5   ? 11.253  37.648  -54.222 1.00 73.36 ? 186 ILE C CA 1 
ATOM 260 C CA . ALA C 1 6   ? 8.362   39.083  -56.175 1.00 65.86 ? 187 ALA C CA 1 
ATOM 261 C CA . HIS C 1 7   ? 5.301   38.667  -58.352 1.00 60.53 ? 188 HIS C CA 1 
ATOM 262 C CA . TRP C 1 8   ? 3.073   41.050  -60.305 1.00 58.05 ? 189 TRP C CA 1 
ATOM 263 C CA . VAL C 1 9   ? -0.493  41.312  -61.510 1.00 65.97 ? 190 VAL C CA 1 
ATOM 264 C CA . GLN C 1 10  ? -1.793  42.819  -64.713 1.00 69.69 ? 191 GLN C CA 1 
ATOM 265 C CA . ALA C 1 11  ? -5.276  44.374  -64.576 1.00 62.74 ? 192 ALA C CA 1 
ATOM 266 C CA . SER C 1 12  ? -7.369  46.373  -67.034 1.00 56.77 ? 193 SER C CA 1 
ATOM 267 C CA . ARG C 1 13  ? -7.582  50.134  -66.700 1.00 60.68 ? 194 ARG C CA 1 
ATOM 268 C CA . GLN C 1 14  ? -11.351 49.752  -66.987 1.00 57.68 ? 195 GLN C CA 1 
ATOM 269 C CA . VAL C 1 15  ? -11.813 47.362  -64.026 1.00 52.01 ? 196 VAL C CA 1 
ATOM 270 C CA . MET C 1 16  ? -9.511  49.396  -61.821 1.00 58.59 ? 197 MET C CA 1 
ATOM 271 C CA . ASP C 1 17  ? -11.449 52.653  -62.415 1.00 59.36 ? 198 ASP C CA 1 
ATOM 272 C CA . ASP C 1 18  ? -14.918 51.080  -62.123 1.00 63.38 ? 199 ASP C CA 1 
ATOM 273 C CA . ALA C 1 19  ? -14.247 49.259  -58.840 1.00 63.96 ? 200 ALA C CA 1 
ATOM 274 C CA . PRO C 1 20  ? -12.335 51.731  -56.580 1.00 69.75 ? 201 PRO C CA 1 
ATOM 275 C CA . MET C 1 21  ? -11.370 49.573  -53.607 1.00 75.24 ? 202 MET C CA 1 
ATOM 276 C CA . LEU C 1 22  ? -10.103 46.864  -55.972 1.00 61.41 ? 203 LEU C CA 1 
ATOM 277 C CA . GLN C 1 23  ? -6.549  48.213  -55.978 1.00 58.80 ? 204 GLN C CA 1 
ATOM 278 C CA . SER C 1 24  ? -6.514  48.500  -52.198 1.00 56.03 ? 205 SER C CA 1 
ATOM 279 C CA . TYR C 1 25  ? -7.457  44.773  -52.086 1.00 46.87 ? 206 TYR C CA 1 
ATOM 280 C CA . ILE C 1 26  ? -4.963  43.596  -54.748 1.00 52.99 ? 207 ILE C CA 1 
ATOM 281 C CA . ASN C 1 27  ? -2.216  45.238  -52.729 1.00 52.41 ? 208 ASN C CA 1 
ATOM 282 C CA . ASN C 1 28  ? -3.070  43.512  -49.414 1.00 62.36 ? 209 ASN C CA 1 
ATOM 283 C CA . ARG C 1 29  ? -3.296  40.314  -51.404 1.00 47.79 ? 210 ARG C CA 1 
ATOM 284 C CA . LEU C 1 30  ? 0.072   40.463  -53.164 1.00 49.89 ? 211 LEU C CA 1 
ATOM 285 C CA . MET C 1 31  ? 1.688   41.485  -49.884 1.00 54.14 ? 212 MET C CA 1 
ATOM 286 C CA . TYR C 1 32  ? 0.369   38.418  -48.091 1.00 52.74 ? 213 TYR C CA 1 
ATOM 287 C CA . GLY C 1 33  ? 0.908   36.101  -51.026 1.00 44.34 ? 214 GLY C CA 1 
ATOM 288 C CA . LEU C 1 34  ? 4.505   37.258  -51.128 1.00 49.62 ? 215 LEU C CA 1 
ATOM 289 C CA . ALA C 1 35  ? 5.149   36.640  -47.453 1.00 45.37 ? 216 ALA C CA 1 
ATOM 290 C CA . LEU C 1 36  ? 3.474   33.267  -47.905 1.00 52.06 ? 217 LEU C CA 1 
ATOM 291 C CA . LYS C 1 37  ? 6.033   32.170  -50.479 1.00 54.23 ? 218 LYS C CA 1 
ATOM 292 C CA . GLU C 1 38  ? 8.694   33.846  -48.336 1.00 46.44 ? 219 GLU C CA 1 
ATOM 293 C CA . GLU C 1 39  ? 8.017   31.292  -45.597 1.00 56.66 ? 220 GLU C CA 1 
ATOM 294 C CA . GLY C 1 40  ? 8.288   28.672  -48.316 1.00 57.84 ? 221 GLY C CA 1 
ATOM 295 C CA . GLN C 1 41  ? 11.899  29.576  -48.992 1.00 57.66 ? 222 GLN C CA 1 
ATOM 296 C CA . LEU C 1 42  ? 12.993  30.040  -45.373 1.00 62.06 ? 223 LEU C CA 1 
ATOM 297 C CA . LEU C 1 43  ? 11.813  26.495  -44.617 1.00 49.39 ? 224 LEU C CA 1 
ATOM 298 C CA . ASN C 1 44  ? 12.132  24.387  -47.803 1.00 59.18 ? 225 ASN C CA 1 
ATOM 299 C CA . ALA C 1 74  ? 6.433   10.932  -31.249 1.00 47.21 ? 255 ALA C CA 1 
ATOM 300 C CA . ASP C 1 75  ? 9.367   8.781   -30.205 1.00 38.88 ? 256 ASP C CA 1 
ATOM 301 C CA . ILE C 1 76  ? 11.150  9.993   -33.314 1.00 29.43 ? 257 ILE C CA 1 
ATOM 302 C CA . ILE C 1 77  ? 10.552  13.707  -32.738 1.00 42.39 ? 258 ILE C CA 1 
ATOM 303 C CA . ALA C 1 78  ? 11.993  12.910  -29.330 1.00 16.78 ? 259 ALA C CA 1 
ATOM 304 C CA . HIS C 1 79  ? 15.020  11.166  -30.851 1.00 39.41 ? 260 HIS C CA 1 
ATOM 305 C CA . ALA C 1 80  ? 15.434  14.271  -32.997 1.00 40.27 ? 261 ALA C CA 1 
ATOM 306 C CA . ILE C 1 81  ? 15.218  16.655  -30.066 1.00 53.50 ? 262 ILE C CA 1 
ATOM 307 C CA . TYR C 1 82  ? 18.167  14.667  -28.793 1.00 45.49 ? 263 TYR C CA 1 
ATOM 308 C CA . GLN C 1 83  ? 20.236  14.721  -31.990 1.00 56.37 ? 264 GLN C CA 1 
ATOM 309 C CA . VAL C 1 84  ? 20.317  18.496  -31.536 1.00 53.12 ? 265 VAL C CA 1 
ATOM 310 C CA . THR C 1 85  ? 22.238  17.896  -28.315 1.00 59.08 ? 266 THR C CA 1 
ATOM 311 C CA . GLU C 1 86  ? 25.169  16.443  -30.241 1.00 78.53 ? 267 GLU C CA 1 
ATOM 312 C CA . SER C 1 87  ? 25.727  20.008  -31.503 1.00 70.63 ? 268 SER C CA 1 
ATOM 313 C CA . GLU C 1 88  ? 25.819  21.150  -27.876 1.00 60.86 ? 269 GLU C CA 1 
ATOM 314 C CA . GLY C 1 93  ? 10.808  24.078  -31.271 1.00 66.51 ? 274 GLY C CA 1 
ATOM 315 C CA . ILE C 1 94  ? 9.325   21.354  -33.441 1.00 65.79 ? 275 ILE C CA 1 
ATOM 316 C CA . VAL C 1 95  ? 8.018   22.135  -36.919 1.00 57.73 ? 276 VAL C CA 1 
ATOM 317 C CA . LEU C 1 96  ? 5.610   19.458  -38.123 1.00 73.74 ? 277 LEU C CA 1 
ATOM 318 C CA . ASN C 1 97  ? 2.962   19.478  -40.801 1.00 60.25 ? 278 ASN C CA 1 
ATOM 319 C CA . PRO C 1 98  ? -0.517  20.284  -39.387 1.00 60.79 ? 279 PRO C CA 1 
ATOM 320 C CA . ARG C 1 99  ? -1.777  16.887  -40.535 1.00 57.76 ? 280 ARG C CA 1 
ATOM 321 C CA . ASP C 1 100 ? 1.070   14.927  -38.972 1.00 58.14 ? 281 ASP C CA 1 
ATOM 322 C CA . TRP C 1 101 ? 0.668   16.926  -35.709 1.00 53.74 ? 282 TRP C CA 1 
ATOM 323 C CA . HIS C 1 102 ? -2.984  15.874  -35.542 1.00 48.61 ? 283 HIS C CA 1 
ATOM 324 C CA . ASN C 1 103 ? -2.270  12.149  -36.062 1.00 65.56 ? 284 ASN C CA 1 
ATOM 325 C CA . ILE C 1 104 ? 0.356   12.456  -33.337 1.00 55.06 ? 285 ILE C CA 1 
ATOM 326 C CA . ALA C 1 105 ? -1.968  14.023  -30.809 1.00 56.08 ? 286 ALA C CA 1 
ATOM 327 C CA . LEU C 1 106 ? -4.642  11.406  -31.366 1.00 72.90 ? 287 LEU C CA 1 
ATOM 328 C CA . ILE C 1 126 ? 3.687   21.168  -26.664 1.00 69.72 ? 307 ILE C CA 1 
ATOM 329 C CA . MET C 1 127 ? 5.533   17.910  -27.217 1.00 69.51 ? 308 MET C CA 1 
ATOM 330 C CA . TRP C 1 128 ? 8.571   16.757  -25.205 1.00 51.31 ? 309 TRP C CA 1 
ATOM 331 C CA . GLY C 1 129 ? 8.963   20.087  -23.402 1.00 61.85 ? 310 GLY C CA 1 
ATOM 332 C CA . LEU C 1 130 ? 9.187   22.058  -26.629 1.00 65.68 ? 311 LEU C CA 1 
ATOM 333 C CA . PRO C 1 131 ? 6.629   24.189  -28.450 1.00 65.14 ? 312 PRO C CA 1 
ATOM 334 C CA . VAL C 1 132 ? 5.085   22.867  -31.642 1.00 52.84 ? 313 VAL C CA 1 
ATOM 335 C CA . VAL C 1 133 ? 4.757   24.869  -34.792 1.00 64.65 ? 314 VAL C CA 1 
ATOM 336 C CA . PRO C 1 134 ? 2.260   23.419  -37.261 1.00 60.80 ? 315 PRO C CA 1 
ATOM 337 C CA . THR C 1 142 ? 8.621   15.902  -43.115 1.00 75.35 ? 323 THR C CA 1 
ATOM 338 C CA . PHE C 1 143 ? 9.708   17.186  -39.679 1.00 67.62 ? 324 PHE C CA 1 
ATOM 339 C CA . THR C 1 144 ? 12.156  19.814  -38.494 1.00 61.47 ? 325 THR C CA 1 
ATOM 340 C CA . VAL C 1 145 ? 13.686  20.216  -35.062 1.00 67.55 ? 326 VAL C CA 1 
ATOM 341 C CA . GLY C 1 146 ? 16.351  22.666  -34.055 1.00 63.35 ? 327 GLY C CA 1 
ATOM 342 C CA . GLY C 1 147 ? 17.426  25.667  -32.027 1.00 63.81 ? 328 GLY C CA 1 
ATOM 343 C CA . PHE C 1 148 ? 16.214  28.174  -34.575 1.00 68.65 ? 329 PHE C CA 1 
ATOM 344 C CA . ASP C 1 149 ? 16.585  31.322  -32.450 1.00 72.64 ? 330 ASP C CA 1 
ATOM 345 C CA . MET C 1 150 ? 20.354  30.677  -32.566 1.00 75.00 ? 331 MET C CA 1 
ATOM 346 C CA . ALA C 1 151 ? 21.068  28.855  -35.776 1.00 68.85 ? 332 ALA C CA 1 
ATOM 347 C CA . SER C 1 152 ? 19.902  31.185  -38.483 1.00 66.94 ? 333 SER C CA 1 
ATOM 348 C CA . GLN C 1 153 ? 19.080  34.819  -38.993 1.00 59.87 ? 334 GLN C CA 1 
ATOM 349 C CA . VAL C 1 154 ? 16.987  36.564  -41.575 1.00 67.33 ? 335 VAL C CA 1 
ATOM 350 C CA . TRP C 1 155 ? 18.481  39.692  -43.091 1.00 62.47 ? 336 TRP C CA 1 
ATOM 351 C CA . ASP C 1 156 ? 16.017  42.090  -44.706 1.00 73.05 ? 337 ASP C CA 1 
ATOM 352 C CA . ARG C 1 157 ? 17.506  44.312  -47.426 1.00 75.59 ? 338 ARG C CA 1 
ATOM 353 C CA . MET C 1 158 ? 14.295  45.838  -48.723 1.00 78.48 ? 339 MET C CA 1 
ATOM 354 C CA . ASP C 1 159 ? 10.858  45.591  -47.122 1.00 78.70 ? 340 ASP C CA 1 
ATOM 355 C CA . ALA C 1 160 ? 7.895   44.338  -49.106 1.00 74.97 ? 341 ALA C CA 1 
ATOM 356 C CA . THR C 1 161 ? 6.668   47.076  -51.435 1.00 72.99 ? 342 THR C CA 1 
ATOM 357 C CA . VAL C 1 162 ? 4.150   47.788  -54.138 1.00 73.29 ? 343 VAL C CA 1 
ATOM 358 C CA . GLU C 1 163 ? 4.424   50.016  -57.193 1.00 75.51 ? 344 GLU C CA 1 
ATOM 359 C CA . VAL C 1 164 ? 2.205   50.514  -60.230 1.00 70.78 ? 345 VAL C CA 1 
ATOM 360 C CA . SER C 1 165 ? 2.918   51.215  -63.882 1.00 70.29 ? 346 SER C CA 1 
ATOM 361 C CA . MET C 1 176 ? -3.750  48.032  -68.793 1.00 67.06 ? 357 MET C CA 1 
ATOM 362 C CA . LEU C 1 177 ? -2.038  48.513  -65.461 1.00 72.50 ? 358 LEU C CA 1 
ATOM 363 C CA . THR C 1 178 ? 0.658   46.462  -63.846 1.00 65.55 ? 359 THR C CA 1 
ATOM 364 C CA . ILE C 1 179 ? 0.799   46.006  -60.108 1.00 72.10 ? 360 ILE C CA 1 
ATOM 365 C CA . LEU C 1 180 ? 4.166   44.866  -58.815 1.00 70.65 ? 361 LEU C CA 1 
ATOM 366 C CA . CYS C 1 181 ? 5.149   43.534  -55.414 1.00 65.64 ? 362 CYS C CA 1 
ATOM 367 C CA . GLU C 1 182 ? 8.725   42.636  -54.460 1.00 67.79 ? 363 GLU C CA 1 
ATOM 368 C CA . GLU C 1 183 ? 10.963  42.063  -51.447 1.00 68.02 ? 364 GLU C CA 1 
ATOM 369 C CA . ARG C 1 184 ? 14.712  41.426  -50.770 1.00 63.56 ? 365 ARG C CA 1 
ATOM 370 C CA . LEU C 1 185 ? 16.020  38.914  -48.195 1.00 70.91 ? 366 LEU C CA 1 
ATOM 371 C CA . ALA C 1 186 ? 19.039  36.990  -47.152 1.00 71.00 ? 367 ALA C CA 1 
ATOM 372 C CA . LEU C 1 187 ? 19.064  33.873  -45.050 1.00 74.02 ? 368 LEU C CA 1 
ATOM 373 C CA . ALA C 1 188 ? 22.130  33.213  -42.983 1.00 68.65 ? 369 ALA C CA 1 
ATOM 374 C CA . HIS C 1 189 ? 22.986  29.908  -41.341 1.00 66.34 ? 370 HIS C CA 1 
ATOM 375 C CA . TYR C 1 190 ? 25.491  30.138  -38.504 1.00 74.38 ? 371 TYR C CA 1 
ATOM 376 C CA . ARG C 1 191 ? 25.007  26.762  -36.820 1.00 72.66 ? 372 ARG C CA 1 
ATOM 377 C CA . PRO C 1 192 ? 23.615  24.004  -39.102 1.00 68.22 ? 373 PRO C CA 1 
ATOM 378 C CA . THR C 1 193 ? 24.413  21.299  -36.580 1.00 77.81 ? 374 THR C CA 1 
ATOM 379 C CA . ALA C 1 194 ? 21.587  22.844  -34.607 1.00 75.98 ? 375 ALA C CA 1 
ATOM 380 C CA . ILE C 1 195 ? 18.878  21.885  -37.040 1.00 70.78 ? 376 ILE C CA 1 
ATOM 381 C CA . ILE C 1 196 ? 17.558  18.493  -38.085 1.00 69.48 ? 377 ILE C CA 1 
ATOM 382 C CA . LYS C 1 197 ? 15.409  17.288  -40.997 1.00 78.20 ? 378 LYS C CA 1 
ATOM 383 C CA . GLY C 1 198 ? 13.677  13.924  -40.804 1.00 83.25 ? 379 GLY C CA 1 
ATOM 384 C CA . THR C 1 199 ? 11.162  11.637  -42.463 1.00 92.22 ? 380 THR C CA 1 
ATOM 385 C CA . LYS D 1 3   ? -38.073 32.054  -48.950 1.00 78.62 ? 184 LYS D CA 1 
ATOM 386 C CA . THR D 1 4   ? -41.373 31.800  -47.049 1.00 79.84 ? 185 THR D CA 1 
ATOM 387 C CA . ILE D 1 5   ? -42.317 29.370  -44.278 1.00 72.94 ? 186 ILE D CA 1 
ATOM 388 C CA . ALA D 1 6   ? -45.790 29.053  -42.826 1.00 61.50 ? 187 ALA D CA 1 
ATOM 389 C CA . HIS D 1 7   ? -48.861 27.034  -41.935 1.00 54.99 ? 188 HIS D CA 1 
ATOM 390 C CA . TRP D 1 8   ? -52.420 27.739  -40.815 1.00 57.80 ? 189 TRP D CA 1 
ATOM 391 C CA . VAL D 1 9   ? -55.160 26.233  -38.710 1.00 72.83 ? 190 VAL D CA 1 
ATOM 392 C CA . GLN D 1 10  ? -58.907 26.339  -39.123 1.00 75.99 ? 191 GLN D CA 1 
ATOM 393 C CA . ALA D 1 11  ? -61.181 26.286  -36.047 1.00 68.79 ? 192 ALA D CA 1 
ATOM 394 C CA . SER D 1 12  ? -64.886 26.764  -35.420 1.00 55.98 ? 193 SER D CA 1 
ATOM 395 C CA . ARG D 1 13  ? -66.253 30.094  -34.271 1.00 57.82 ? 194 ARG D CA 1 
ATOM 396 C CA . GLN D 1 14  ? -68.048 28.152  -31.551 1.00 51.68 ? 195 GLN D CA 1 
ATOM 397 C CA . VAL D 1 15  ? -64.964 26.367  -30.127 1.00 43.77 ? 196 VAL D CA 1 
ATOM 398 C CA . MET D 1 16  ? -63.003 29.602  -30.114 1.00 56.75 ? 197 MET D CA 1 
ATOM 399 C CA . ASP D 1 17  ? -65.786 31.408  -28.193 1.00 56.03 ? 198 ASP D CA 1 
ATOM 400 C CA . ASP D 1 18  ? -66.498 28.614  -25.696 1.00 64.11 ? 199 ASP D CA 1 
ATOM 401 C CA . ALA D 1 19  ? -62.841 28.132  -24.712 1.00 62.76 ? 200 ALA D CA 1 
ATOM 402 C CA . PRO D 1 20  ? -61.171 31.587  -24.416 1.00 70.39 ? 201 PRO D CA 1 
ATOM 403 C CA . MET D 1 21  ? -57.639 30.408  -23.691 1.00 71.38 ? 202 MET D CA 1 
ATOM 404 C CA . LEU D 1 22  ? -57.744 28.133  -26.773 1.00 59.83 ? 203 LEU D CA 1 
ATOM 405 C CA . GLN D 1 23  ? -56.657 30.986  -29.039 1.00 53.12 ? 204 GLN D CA 1 
ATOM 406 C CA . SER D 1 24  ? -53.598 31.835  -26.935 1.00 53.22 ? 205 SER D CA 1 
ATOM 407 C CA . TYR D 1 25  ? -52.562 28.160  -26.952 1.00 50.48 ? 206 TYR D CA 1 
ATOM 408 C CA . ILE D 1 26  ? -52.995 27.782  -30.727 1.00 48.98 ? 207 ILE D CA 1 
ATOM 409 C CA . ASN D 1 27  ? -50.776 30.803  -31.325 1.00 50.65 ? 208 ASN D CA 1 
ATOM 410 C CA . ASN D 1 28  ? -47.865 29.649  -29.123 1.00 61.13 ? 209 ASN D CA 1 
ATOM 411 C CA . ARG D 1 29  ? -48.203 26.340  -30.885 1.00 47.49 ? 210 ARG D CA 1 
ATOM 412 C CA . LEU D 1 30  ? -48.132 27.528  -34.501 1.00 48.70 ? 211 LEU D CA 1 
ATOM 413 C CA . MET D 1 31  ? -45.205 29.785  -33.609 1.00 53.39 ? 212 MET D CA 1 
ATOM 414 C CA . TYR D 1 32  ? -43.248 26.904  -32.145 1.00 48.23 ? 213 TYR D CA 1 
ATOM 415 C CA . GLY D 1 33  ? -44.175 24.397  -34.818 1.00 43.71 ? 214 GLY D CA 1 
ATOM 416 C CA . LEU D 1 34  ? -43.073 26.941  -37.382 1.00 48.90 ? 215 LEU D CA 1 
ATOM 417 C CA . ALA D 1 35  ? -39.732 27.595  -35.718 1.00 44.52 ? 216 ALA D CA 1 
ATOM 418 C CA . LEU D 1 36  ? -39.336 23.829  -35.474 1.00 48.82 ? 217 LEU D CA 1 
ATOM 419 C CA . LYS D 1 37  ? -39.518 23.379  -39.239 1.00 50.28 ? 218 LYS D CA 1 
ATOM 420 C CA . GLU D 1 38  ? -37.414 26.538  -39.585 1.00 40.27 ? 219 GLU D CA 1 
ATOM 421 C CA . GLU D 1 39  ? -34.594 24.755  -37.791 1.00 49.39 ? 220 GLU D CA 1 
ATOM 422 C CA . GLY D 1 40  ? -35.277 21.870  -40.153 1.00 54.34 ? 221 GLY D CA 1 
ATOM 423 C CA . GLN D 1 41  ? -34.348 24.053  -43.116 1.00 52.45 ? 222 GLN D CA 1 
ATOM 424 C CA . LEU D 1 42  ? -31.373 25.821  -41.586 1.00 57.58 ? 223 LEU D CA 1 
ATOM 425 C CA . LEU D 1 43  ? -29.721 22.448  -41.057 1.00 50.38 ? 224 LEU D CA 1 
ATOM 426 C CA . ASN D 1 44  ? -30.907 19.842  -43.560 1.00 61.75 ? 225 ASN D CA 1 
ATOM 427 C CA . ALA D 1 74  ? -14.871 10.125  -31.274 1.00 47.19 ? 255 ALA D CA 1 
ATOM 428 C CA . ASP D 1 75  ? -11.666 10.009  -33.289 1.00 34.77 ? 256 ASP D CA 1 
ATOM 429 C CA . ILE D 1 76  ? -13.670 10.894  -36.379 1.00 28.45 ? 257 ILE D CA 1 
ATOM 430 C CA . ILE D 1 77  ? -15.300 14.032  -34.979 1.00 36.11 ? 258 ILE D CA 1 
ATOM 431 C CA . ALA D 1 78  ? -11.771 14.835  -33.895 1.00 20.72 ? 259 ALA D CA 1 
ATOM 432 C CA . HIS D 1 79  ? -10.461 14.463  -37.456 1.00 41.68 ? 260 HIS D CA 1 
ATOM 433 C CA . ALA D 1 80  ? -13.461 16.542  -38.537 1.00 42.99 ? 261 ALA D CA 1 
ATOM 434 C CA . ILE D 1 81  ? -12.663 19.310  -36.089 1.00 52.95 ? 262 ILE D CA 1 
ATOM 435 C CA . TYR D 1 82  ? -9.312  19.330  -37.837 1.00 45.46 ? 263 TYR D CA 1 
ATOM 436 C CA . GLN D 1 83  ? -10.600 19.467  -41.422 1.00 57.65 ? 264 GLN D CA 1 
ATOM 437 C CA . VAL D 1 84  ? -12.072 22.820  -40.424 1.00 56.02 ? 265 VAL D CA 1 
ATOM 438 C CA . THR D 1 85  ? -8.535  24.017  -39.844 1.00 59.48 ? 266 THR D CA 1 
ATOM 439 C CA . GLU D 1 86  ? -7.608  23.402  -43.469 1.00 72.96 ? 267 GLU D CA 1 
ATOM 440 C CA . SER D 1 87  ? -9.957  26.349  -44.157 1.00 68.89 ? 268 SER D CA 1 
ATOM 441 C CA . GLU D 1 88  ? -7.969  28.414  -41.649 1.00 60.14 ? 269 GLU D CA 1 
ATOM 442 C CA . GLY D 1 93  ? -19.216 23.330  -32.251 1.00 66.38 ? 274 GLY D CA 1 
ATOM 443 C CA . ILE D 1 94  ? -20.276 19.769  -33.009 1.00 66.12 ? 275 ILE D CA 1 
ATOM 444 C CA . VAL D 1 95  ? -23.795 18.980  -34.191 1.00 59.61 ? 276 VAL D CA 1 
ATOM 445 C CA . LEU D 1 96  ? -24.608 15.326  -33.612 1.00 74.73 ? 277 LEU D CA 1 
ATOM 446 C CA . ASN D 1 97  ? -27.832 13.415  -33.353 1.00 60.45 ? 278 ASN D CA 1 
ATOM 447 C CA . PRO D 1 98  ? -29.001 12.995  -29.723 1.00 58.78 ? 279 PRO D CA 1 
ATOM 448 C CA . ARG D 1 99  ? -28.757 9.222   -30.097 1.00 55.58 ? 280 ARG D CA 1 
ATOM 449 C CA . ASP D 1 100 ? -25.312 9.232   -31.642 1.00 54.39 ? 281 ASP D CA 1 
ATOM 450 C CA . TRP D 1 101 ? -24.130 11.615  -28.870 1.00 51.72 ? 282 TRP D CA 1 
ATOM 451 C CA . HIS D 1 102 ? -25.279 9.087   -26.289 1.00 45.29 ? 283 HIS D CA 1 
ATOM 452 C CA . ASN D 1 103 ? -23.608 6.098   -27.986 1.00 62.97 ? 284 ASN D CA 1 
ATOM 453 C CA . ILE D 1 104 ? -20.438 8.156   -28.048 1.00 52.46 ? 285 ILE D CA 1 
ATOM 454 C CA . ALA D 1 105 ? -20.416 9.044   -24.390 1.00 57.72 ? 286 ALA D CA 1 
ATOM 455 C CA . LEU D 1 106 ? -20.873 5.433   -23.441 1.00 72.79 ? 287 LEU D CA 1 
ATOM 456 C CA . ILE D 1 126 ? -18.145 18.848  -24.494 1.00 67.33 ? 307 ILE D CA 1 
ATOM 457 C CA . MET D 1 127 ? -16.021 16.809  -26.849 1.00 63.14 ? 308 MET D CA 1 
ATOM 458 C CA . TRP D 1 128 ? -12.526 17.752  -28.070 1.00 46.32 ? 309 TRP D CA 1 
ATOM 459 C CA . GLY D 1 129 ? -12.741 21.216  -26.492 1.00 59.92 ? 310 GLY D CA 1 
ATOM 460 C CA . LEU D 1 130 ? -15.832 22.186  -28.422 1.00 63.28 ? 311 LEU D CA 1 
ATOM 461 C CA . PRO D 1 131 ? -19.437 22.251  -27.240 1.00 61.02 ? 312 PRO D CA 1 
ATOM 462 C CA . VAL D 1 132 ? -21.859 19.636  -28.479 1.00 52.93 ? 313 VAL D CA 1 
ATOM 463 C CA . VAL D 1 133 ? -25.224 20.387  -29.917 1.00 62.88 ? 314 VAL D CA 1 
ATOM 464 C CA . PRO D 1 134 ? -27.636 17.444  -29.890 1.00 62.72 ? 315 PRO D CA 1 
ATOM 465 C CA . THR D 1 142 ? -25.038 12.218  -39.882 1.00 74.83 ? 323 THR D CA 1 
ATOM 466 C CA . PHE D 1 143 ? -22.636 14.659  -38.170 1.00 67.46 ? 324 PHE D CA 1 
ATOM 467 C CA . THR D 1 144 ? -21.829 18.301  -38.734 1.00 60.20 ? 325 THR D CA 1 
ATOM 468 C CA . VAL D 1 145 ? -18.821 20.297  -37.613 1.00 66.31 ? 326 VAL D CA 1 
ATOM 469 C CA . GLY D 1 146 ? -17.827 23.817  -38.502 1.00 61.91 ? 327 GLY D CA 1 
ATOM 470 C CA . GLY D 1 147 ? -17.305 27.414  -37.438 1.00 64.17 ? 328 GLY D CA 1 
ATOM 471 C CA . PHE D 1 148 ? -20.947 28.326  -37.767 1.00 67.40 ? 329 PHE D CA 1 
ATOM 472 C CA . ASP D 1 149 ? -20.658 31.637  -35.901 1.00 74.17 ? 330 ASP D CA 1 
ATOM 473 C CA . MET D 1 150 ? -19.082 33.064  -39.062 1.00 72.46 ? 331 MET D CA 1 
ATOM 474 C CA . ALA D 1 151 ? -19.533 30.807  -42.030 1.00 69.04 ? 332 ALA D CA 1 
ATOM 475 C CA . SER D 1 152 ? -23.216 31.424  -42.566 1.00 67.03 ? 333 SER D CA 1 
ATOM 476 C CA . GLN D 1 153 ? -25.746 34.049  -41.591 1.00 58.57 ? 334 GLN D CA 1 
ATOM 477 C CA . VAL D 1 154 ? -29.493 34.038  -41.277 1.00 62.42 ? 335 VAL D CA 1 
ATOM 478 C CA . TRP D 1 155 ? -31.319 36.947  -42.832 1.00 62.91 ? 336 TRP D CA 1 
ATOM 479 C CA . ASP D 1 156 ? -34.801 37.637  -41.516 1.00 70.02 ? 337 ASP D CA 1 
ATOM 480 C CA . ARG D 1 157 ? -37.180 39.454  -43.868 1.00 74.40 ? 338 ARG D CA 1 
ATOM 481 C CA . MET D 1 158 ? -40.308 39.027  -41.799 1.00 77.17 ? 339 MET D CA 1 
ATOM 482 C CA . ASP D 1 159 ? -40.388 38.017  -38.138 1.00 79.62 ? 340 ASP D CA 1 
ATOM 483 C CA . ALA D 1 160 ? -42.673 35.072  -37.493 1.00 71.01 ? 341 ALA D CA 1 
ATOM 484 C CA . THR D 1 161 ? -46.198 36.405  -37.060 1.00 68.73 ? 342 THR D CA 1 
ATOM 485 C CA . VAL D 1 162 ? -49.754 35.351  -36.498 1.00 67.87 ? 343 VAL D CA 1 
ATOM 486 C CA . GLU D 1 163 ? -52.867 36.855  -38.038 1.00 72.35 ? 344 GLU D CA 1 
ATOM 487 C CA . VAL D 1 164 ? -56.525 35.840  -37.994 1.00 70.73 ? 345 VAL D CA 1 
ATOM 488 C CA . SER D 1 165 ? -59.252 36.051  -40.583 1.00 73.04 ? 346 SER D CA 1 
ATOM 489 C CA . MET D 1 176 ? -65.179 29.401  -38.989 1.00 68.23 ? 357 MET D CA 1 
ATOM 490 C CA . LEU D 1 177 ? -61.926 31.132  -38.227 1.00 74.57 ? 358 LEU D CA 1 
ATOM 491 C CA . THR D 1 178 ? -58.544 30.806  -39.836 1.00 68.68 ? 359 THR D CA 1 
ATOM 492 C CA . ILE D 1 179 ? -55.338 31.265  -37.889 1.00 72.55 ? 360 ILE D CA 1 
ATOM 493 C CA . LEU D 1 180 ? -52.269 31.934  -39.979 1.00 68.74 ? 361 LEU D CA 1 
ATOM 494 C CA . CYS D 1 181 ? -48.624 31.829  -39.021 1.00 59.52 ? 362 CYS D CA 1 
ATOM 495 C CA . GLU D 1 182 ? -45.840 32.731  -41.461 1.00 63.50 ? 363 GLU D CA 1 
ATOM 496 C CA . GLU D 1 183 ? -42.188 33.829  -41.540 1.00 66.18 ? 364 GLU D CA 1 
ATOM 497 C CA . ARG D 1 184 ? -39.643 35.021  -44.185 1.00 66.21 ? 365 ARG D CA 1 
ATOM 498 C CA . LEU D 1 185 ? -36.027 33.751  -44.129 1.00 65.27 ? 366 LEU D CA 1 
ATOM 499 C CA . ALA D 1 186 ? -32.891 33.630  -46.142 1.00 65.87 ? 367 ALA D CA 1 
ATOM 500 C CA . LEU D 1 187 ? -29.826 31.588  -45.425 1.00 69.26 ? 368 LEU D CA 1 
ATOM 501 C CA . ALA D 1 188 ? -26.523 32.949  -46.590 1.00 65.36 ? 369 ALA D CA 1 
ATOM 502 C CA . HIS D 1 189 ? -23.411 30.820  -46.828 1.00 67.97 ? 370 HIS D CA 1 
ATOM 503 C CA . TYR D 1 190 ? -20.177 32.795  -46.926 1.00 73.42 ? 371 TYR D CA 1 
ATOM 504 C CA . ARG D 1 191 ? -17.462 30.241  -46.193 1.00 77.09 ? 372 ARG D CA 1 
ATOM 505 C CA . PRO D 1 192 ? -18.409 26.594  -46.965 1.00 66.49 ? 373 PRO D CA 1 
ATOM 506 C CA . THR D 1 193 ? -14.876 25.435  -46.379 1.00 74.44 ? 374 THR D CA 1 
ATOM 507 C CA . ALA D 1 194 ? -15.709 26.086  -42.758 1.00 74.72 ? 375 ALA D CA 1 
ATOM 508 C CA . ILE D 1 195 ? -18.367 23.441  -42.446 1.00 66.57 ? 376 ILE D CA 1 
ATOM 509 C CA . ILE D 1 196 ? -18.116 19.681  -42.673 1.00 64.97 ? 377 ILE D CA 1 
ATOM 510 C CA . LYS D 1 197 ? -20.654 16.865  -43.100 1.00 71.87 ? 378 LYS D CA 1 
ATOM 511 C CA . GLY D 1 198 ? -19.882 13.175  -42.715 1.00 81.48 ? 379 GLY D CA 1 
ATOM 512 C CA . THR D 1 199 ? -21.152 9.675   -42.014 1.00 83.50 ? 380 THR D CA 1 
ATOM 513 C CA . LYS E 1 3   ? -59.836 4.254   -4.677  1.00 76.54 ? 184 LYS E CA 1 
ATOM 514 C CA . THR E 1 4   ? -59.994 2.988   -1.087  1.00 73.07 ? 185 THR E CA 1 
ATOM 515 C CA . ILE E 1 5   ? -57.448 0.864   0.758   1.00 68.52 ? 186 ILE E CA 1 
ATOM 516 C CA . ALA E 1 6   ? -57.999 -0.624  4.180   1.00 61.17 ? 187 ALA E CA 1 
ATOM 517 C CA . HIS E 1 7   ? -58.073 -3.559  6.546   1.00 58.79 ? 188 HIS E CA 1 
ATOM 518 C CA . TRP E 1 8   ? -59.320 -4.160  10.091  1.00 57.98 ? 189 TRP E CA 1 
ATOM 519 C CA . VAL E 1 9   ? -58.378 -6.407  12.966  1.00 68.57 ? 190 VAL E CA 1 
ATOM 520 C CA . GLN E 1 10  ? -60.468 -7.511  15.888  1.00 74.66 ? 191 GLN E CA 1 
ATOM 521 C CA . ALA E 1 11  ? -59.155 -8.450  19.327  1.00 70.46 ? 192 ALA E CA 1 
ATOM 522 C CA . SER E 1 12  ? -60.787 -9.276  22.649  1.00 58.75 ? 193 SER E CA 1 
ATOM 523 C CA . ARG E 1 13  ? -61.624 -6.590  25.165  1.00 61.50 ? 194 ARG E CA 1 
ATOM 524 C CA . GLN E 1 14  ? -59.688 -8.587  27.739  1.00 54.84 ? 195 GLN E CA 1 
ATOM 525 C CA . VAL E 1 15  ? -56.412 -8.890  25.758  1.00 49.55 ? 196 VAL E CA 1 
ATOM 526 C CA . MET E 1 16  ? -56.522 -5.176  24.969  1.00 61.14 ? 197 MET E CA 1 
ATOM 527 C CA . ASP E 1 17  ? -57.014 -4.160  28.627  1.00 58.83 ? 198 ASP E CA 1 
ATOM 528 C CA . ASP E 1 18  ? -54.463 -6.653  29.996  1.00 63.71 ? 199 ASP E CA 1 
ATOM 529 C CA . ALA E 1 19  ? -51.620 -5.701  27.629  1.00 64.13 ? 200 ALA E CA 1 
ATOM 530 C CA . PRO E 1 20  ? -51.533 -1.850  27.608  1.00 68.48 ? 201 PRO E CA 1 
ATOM 531 C CA . MET E 1 21  ? -49.119 -1.238  24.736  1.00 68.79 ? 202 MET E CA 1 
ATOM 532 C CA . LEU E 1 22  ? -50.855 -3.797  22.494  1.00 59.02 ? 203 LEU E CA 1 
ATOM 533 C CA . GLN E 1 23  ? -53.226 -0.978  21.485  1.00 51.75 ? 204 GLN E CA 1 
ATOM 534 C CA . SER E 1 24  ? -50.535 1.316   20.075  1.00 47.57 ? 205 SER E CA 1 
ATOM 535 C CA . TYR E 1 25  ? -48.563 -1.620  18.585  1.00 46.97 ? 206 TYR E CA 1 
ATOM 536 C CA . ILE E 1 26  ? -51.599 -2.823  16.602  1.00 48.48 ? 207 ILE E CA 1 
ATOM 537 C CA . ASN E 1 27  ? -52.039 0.706   15.277  1.00 49.91 ? 208 ASN E CA 1 
ATOM 538 C CA . ASN E 1 28  ? -48.484 1.211   14.007  1.00 55.99 ? 209 ASN E CA 1 
ATOM 539 C CA . ARG E 1 29  ? -48.799 -2.178  12.361  1.00 47.96 ? 210 ARG E CA 1 
ATOM 540 C CA . LEU E 1 30  ? -52.037 -1.636  10.466  1.00 52.53 ? 211 LEU E CA 1 
ATOM 541 C CA . MET E 1 31  ? -50.685 1.789   9.469   1.00 53.79 ? 212 MET E CA 1 
ATOM 542 C CA . TYR E 1 32  ? -47.437 0.431   8.062   1.00 50.23 ? 213 TYR E CA 1 
ATOM 543 C CA . GLY E 1 33  ? -49.197 -2.546  6.545   1.00 41.96 ? 214 GLY E CA 1 
ATOM 544 C CA . LEU E 1 34  ? -51.610 -0.267  4.746   1.00 47.98 ? 215 LEU E CA 1 
ATOM 545 C CA . ALA E 1 35  ? -48.813 1.990   3.546   1.00 46.57 ? 216 ALA E CA 1 
ATOM 546 C CA . LEU E 1 36  ? -47.034 -1.112  2.310   1.00 50.22 ? 217 LEU E CA 1 
ATOM 547 C CA . LYS E 1 37  ? -49.823 -2.298  0.008   1.00 57.60 ? 218 LYS E CA 1 
ATOM 548 C CA . GLU E 1 38  ? -50.197 1.389   -0.888  1.00 43.45 ? 219 GLU E CA 1 
ATOM 549 C CA . GLU E 1 39  ? -46.683 1.461   -2.275  1.00 52.40 ? 220 GLU E CA 1 
ATOM 550 C CA . GLY E 1 40  ? -47.648 -1.757  -4.037  1.00 51.50 ? 221 GLY E CA 1 
ATOM 551 C CA . GLN E 1 41  ? -50.372 -0.005  -5.994  1.00 50.95 ? 222 GLN E CA 1 
ATOM 552 C CA . LEU E 1 42  ? -48.323 3.091   -6.778  1.00 54.39 ? 223 LEU E CA 1 
ATOM 553 C CA . LEU E 1 43  ? -45.650 1.026   -8.534  1.00 46.25 ? 224 LEU E CA 1 
ATOM 554 C CA . ASN E 1 44  ? -47.218 -2.171  -9.876  1.00 57.98 ? 225 ASN E CA 1 
ATOM 555 C CA . ALA E 1 74  ? -25.384 -0.430  -16.282 1.00 48.70 ? 255 ALA E CA 1 
ATOM 556 C CA . ASP E 1 75  ? -25.075 0.512   -19.945 1.00 42.72 ? 256 ASP E CA 1 
ATOM 557 C CA . ILE E 1 76  ? -28.757 -0.350  -20.297 1.00 39.78 ? 257 ILE E CA 1 
ATOM 558 C CA . ILE E 1 77  ? -29.997 1.809   -17.429 1.00 42.90 ? 258 ILE E CA 1 
ATOM 559 C CA . ALA E 1 78  ? -27.989 4.525   -19.113 1.00 28.95 ? 259 ALA E CA 1 
ATOM 560 C CA . HIS E 1 79  ? -29.743 3.955   -22.442 1.00 45.20 ? 260 HIS E CA 1 
ATOM 561 C CA . ALA E 1 80  ? -32.875 4.087   -20.285 1.00 43.95 ? 261 ALA E CA 1 
ATOM 562 C CA . ILE E 1 81  ? -32.131 7.473   -18.764 1.00 51.80 ? 262 ILE E CA 1 
ATOM 563 C CA . TYR E 1 82  ? -31.662 8.677   -22.311 1.00 42.79 ? 263 TYR E CA 1 
ATOM 564 C CA . GLN E 1 83  ? -35.007 7.375   -23.602 1.00 56.49 ? 264 GLN E CA 1 
ATOM 565 C CA . VAL E 1 84  ? -36.591 9.661   -21.023 1.00 49.20 ? 265 VAL E CA 1 
ATOM 566 C CA . THR E 1 85  ? -34.977 12.522  -22.909 1.00 52.73 ? 266 THR E CA 1 
ATOM 567 C CA . GLU E 1 86  ? -36.770 11.637  -26.148 1.00 70.98 ? 267 GLU E CA 1 
ATOM 568 C CA . SER E 1 87  ? -39.784 13.111  -24.314 1.00 68.30 ? 268 SER E CA 1 
ATOM 569 C CA . GLU E 1 88  ? -37.798 16.286  -23.698 1.00 65.46 ? 269 GLU E CA 1 
ATOM 570 C CA . GLY E 1 93  ? -34.263 8.561   -10.452 1.00 64.06 ? 274 GLY E CA 1 
ATOM 571 C CA . ILE E 1 94  ? -33.731 4.859   -11.005 1.00 64.61 ? 275 ILE E CA 1 
ATOM 572 C CA . VAL E 1 95  ? -35.981 2.248   -9.411  1.00 56.16 ? 276 VAL E CA 1 
ATOM 573 C CA . LEU E 1 96  ? -34.277 -1.141  -9.374  1.00 69.87 ? 277 LEU E CA 1 
ATOM 574 C CA . ASN E 1 97  ? -34.756 -4.286  -7.373  1.00 57.32 ? 278 ASN E CA 1 
ATOM 575 C CA . PRO E 1 98  ? -32.341 -4.533  -4.398  1.00 55.81 ? 279 PRO E CA 1 
ATOM 576 C CA . ARG E 1 99  ? -30.944 -7.712  -5.938  1.00 57.85 ? 280 ARG E CA 1 
ATOM 577 C CA . ASP E 1 100 ? -30.279 -6.230  -9.365  1.00 56.96 ? 281 ASP E CA 1 
ATOM 578 C CA . TRP E 1 101 ? -28.736 -3.065  -7.835  1.00 54.09 ? 282 TRP E CA 1 
ATOM 579 C CA . HIS E 1 102 ? -26.280 -5.331  -6.034  1.00 48.21 ? 283 HIS E CA 1 
ATOM 580 C CA . ASN E 1 103 ? -25.220 -7.222  -9.179  1.00 65.54 ? 284 ASN E CA 1 
ATOM 581 C CA . ILE E 1 104 ? -24.679 -3.877  -10.866 1.00 54.51 ? 285 ILE E CA 1 
ATOM 582 C CA . ALA E 1 105 ? -22.416 -2.466  -8.186  1.00 59.20 ? 286 ALA E CA 1 
ATOM 583 C CA . LEU E 1 106 ? -20.199 -5.509  -8.303  1.00 70.31 ? 287 LEU E CA 1 
ATOM 584 C CA . ILE E 1 126 ? -25.925 6.865   -7.405  1.00 68.59 ? 307 ILE E CA 1 
ATOM 585 C CA . MET E 1 127 ? -25.704 5.729   -10.999 1.00 66.02 ? 308 MET E CA 1 
ATOM 586 C CA . TRP E 1 128 ? -25.290 7.984   -14.063 1.00 51.29 ? 309 TRP E CA 1 
ATOM 587 C CA . GLY E 1 129 ? -25.869 11.154  -12.039 1.00 60.21 ? 310 GLY E CA 1 
ATOM 588 C CA . LEU E 1 130 ? -29.221 9.999   -10.726 1.00 63.73 ? 311 LEU E CA 1 
ATOM 589 C CA . PRO E 1 131 ? -30.150 8.612   -7.329  1.00 62.24 ? 312 PRO E CA 1 
ATOM 590 C CA . VAL E 1 132 ? -31.049 4.955   -7.058  1.00 51.80 ? 313 VAL E CA 1 
ATOM 591 C CA . VAL E 1 133 ? -34.091 3.658   -5.320  1.00 60.32 ? 314 VAL E CA 1 
ATOM 592 C CA . PRO E 1 134 ? -33.792 -0.022  -4.386  1.00 63.21 ? 315 PRO E CA 1 
ATOM 593 C CA . THR E 1 142 ? -37.652 -5.295  -13.822 1.00 70.18 ? 323 THR E CA 1 
ATOM 594 C CA . PHE E 1 143 ? -36.380 -1.676  -13.826 1.00 65.55 ? 324 PHE E CA 1 
ATOM 595 C CA . THR E 1 144 ? -38.044 1.724   -13.879 1.00 58.20 ? 325 THR E CA 1 
ATOM 596 C CA . VAL E 1 145 ? -36.522 5.035   -14.905 1.00 66.06 ? 326 VAL E CA 1 
ATOM 597 C CA . GLY E 1 146 ? -38.440 8.268   -15.198 1.00 61.69 ? 327 GLY E CA 1 
ATOM 598 C CA . GLY E 1 147 ? -38.999 11.863  -14.158 1.00 66.20 ? 328 GLY E CA 1 
ATOM 599 C CA . PHE E 1 148 ? -41.417 10.924  -11.411 1.00 67.93 ? 329 PHE E CA 1 
ATOM 600 C CA . ASP E 1 149 ? -41.706 14.314  -9.699  1.00 73.70 ? 330 ASP E CA 1 
ATOM 601 C CA . MET E 1 150 ? -43.145 15.640  -12.975 1.00 79.13 ? 331 MET E CA 1 
ATOM 602 C CA . ALA E 1 151 ? -44.959 12.739  -14.523 1.00 75.81 ? 332 ALA E CA 1 
ATOM 603 C CA . SER E 1 152 ? -47.452 11.513  -11.982 1.00 69.80 ? 333 SER E CA 1 
ATOM 604 C CA . GLN E 1 153 ? -49.141 12.856  -8.905  1.00 57.06 ? 334 GLN E CA 1 
ATOM 605 C CA . VAL E 1 154 ? -50.657 11.266  -5.863  1.00 61.13 ? 335 VAL E CA 1 
ATOM 606 C CA . TRP E 1 155 ? -53.970 12.691  -4.770  1.00 63.89 ? 336 TRP E CA 1 
ATOM 607 C CA . ASP E 1 156 ? -54.872 12.010  -1.156  1.00 71.14 ? 337 ASP E CA 1 
ATOM 608 C CA . ARG E 1 157 ? -58.598 12.152  -0.396  1.00 72.47 ? 338 ARG E CA 1 
ATOM 609 C CA . MET E 1 158 ? -58.328 10.757  3.102   1.00 76.20 ? 339 MET E CA 1 
ATOM 610 C CA . ASP E 1 159 ? -55.136 10.365  5.133   1.00 78.44 ? 340 ASP E CA 1 
ATOM 611 C CA . ALA E 1 160 ? -54.521 6.954   6.587   1.00 73.80 ? 341 ALA E CA 1 
ATOM 612 C CA . THR E 1 161 ? -56.496 6.779   9.823   1.00 69.54 ? 342 THR E CA 1 
ATOM 613 C CA . VAL E 1 162 ? -57.262 4.383   12.626  1.00 70.37 ? 343 VAL E CA 1 
ATOM 614 C CA . GLU E 1 163 ? -60.650 4.108   14.310  1.00 69.47 ? 344 GLU E CA 1 
ATOM 615 C CA . VAL E 1 164 ? -61.979 1.760   16.973  1.00 65.21 ? 345 VAL E CA 1 
ATOM 616 C CA . SER E 1 165 ? -65.480 0.426   17.628  1.00 68.37 ? 346 SER E CA 1 
ATOM 617 C CA . MET E 1 176 ? -64.724 -7.693  21.710  1.00 68.41 ? 357 MET E CA 1 
ATOM 618 C CA . LEU E 1 177 ? -63.136 -4.737  19.916  1.00 73.33 ? 358 LEU E CA 1 
ATOM 619 C CA . THR E 1 178 ? -62.647 -3.895  16.254  1.00 64.56 ? 359 THR E CA 1 
ATOM 620 C CA . ILE E 1 179 ? -59.710 -1.846  15.015  1.00 69.68 ? 360 ILE E CA 1 
ATOM 621 C CA . LEU E 1 180 ? -59.991 -0.329  11.561  1.00 66.08 ? 361 LEU E CA 1 
ATOM 622 C CA . CYS E 1 181 ? -57.479 1.292   9.265   1.00 64.04 ? 362 CYS E CA 1 
ATOM 623 C CA . GLU E 1 182 ? -58.284 2.830   5.901   1.00 64.96 ? 363 GLU E CA 1 
ATOM 624 C CA . GLU E 1 183 ? -57.066 5.430   3.405   1.00 62.68 ? 364 GLU E CA 1 
ATOM 625 C CA . ARG E 1 184 ? -58.275 7.057   0.125   1.00 63.90 ? 365 ARG E CA 1 
ATOM 626 C CA . LEU E 1 185 ? -55.948 7.590   -2.870  1.00 68.13 ? 366 LEU E CA 1 
ATOM 627 C CA . ALA E 1 186 ? -55.900 8.516   -6.488  1.00 71.93 ? 367 ALA E CA 1 
ATOM 628 C CA . LEU E 1 187 ? -52.964 8.195   -8.803  1.00 68.69 ? 368 LEU E CA 1 
ATOM 629 C CA . ALA E 1 188 ? -52.699 10.476  -11.776 1.00 66.77 ? 369 ALA E CA 1 
ATOM 630 C CA . HIS E 1 189 ? -50.404 10.003  -14.732 1.00 68.43 ? 370 HIS E CA 1 
ATOM 631 C CA . TYR E 1 190 ? -49.812 13.225  -16.639 1.00 67.35 ? 371 TYR E CA 1 
ATOM 632 C CA . ARG E 1 191 ? -46.834 12.472  -18.889 1.00 74.82 ? 372 ARG E CA 1 
ATOM 633 C CA . PRO E 1 192 ? -46.280 8.726   -19.537 1.00 64.59 ? 373 PRO E CA 1 
ATOM 634 C CA . THR E 1 193 ? -43.456 9.293   -21.972 1.00 74.61 ? 374 THR E CA 1 
ATOM 635 C CA . ALA E 1 194 ? -41.572 10.355  -18.892 1.00 78.25 ? 375 ALA E CA 1 
ATOM 636 C CA . ILE E 1 195 ? -41.493 6.904   -17.395 1.00 67.91 ? 376 ILE E CA 1 
ATOM 637 C CA . ILE E 1 196 ? -39.786 3.798   -18.686 1.00 64.08 ? 377 ILE E CA 1 
ATOM 638 C CA . LYS E 1 197 ? -40.040 0.105   -17.802 1.00 74.54 ? 378 LYS E CA 1 
ATOM 639 C CA . GLY E 1 198 ? -37.540 -2.520  -18.933 1.00 77.80 ? 379 GLY E CA 1 
ATOM 640 C CA . THR E 1 199 ? -36.274 -6.074  -18.500 1.00 86.50 ? 380 THR E CA 1 
ATOM 641 C CA . LYS F 1 3   ? -25.897 -22.754 31.013  1.00 75.34 ? 184 LYS F CA 1 
ATOM 642 C CA . THR F 1 4   ? -22.769 -23.651 33.009  1.00 77.81 ? 185 THR F CA 1 
ATOM 643 C CA . ILE F 1 5   ? -19.285 -23.951 31.523  1.00 72.19 ? 186 ILE F CA 1 
ATOM 644 C CA . ALA F 1 6   ? -16.359 -25.245 33.513  1.00 66.63 ? 187 ALA F CA 1 
ATOM 645 C CA . HIS F 1 7   ? -13.472 -27.604 34.059  1.00 65.10 ? 188 HIS F CA 1 
ATOM 646 C CA . TRP F 1 8   ? -11.076 -28.465 36.871  1.00 58.38 ? 189 TRP F CA 1 
ATOM 647 C CA . VAL F 1 9   ? -7.538  -29.718 37.302  1.00 71.14 ? 190 VAL F CA 1 
ATOM 648 C CA . GLN F 1 10  ? -5.986  -31.531 40.216  1.00 72.71 ? 191 GLN F CA 1 
ATOM 649 C CA . ALA F 1 11  ? -2.287  -31.327 41.099  1.00 60.11 ? 192 ALA F CA 1 
ATOM 650 C CA . SER F 1 12  ? -0.207  -32.809 43.911  1.00 53.40 ? 193 SER F CA 1 
ATOM 651 C CA . ARG F 1 13  ? 0.311   -30.844 47.108  1.00 54.45 ? 194 ARG F CA 1 
ATOM 652 C CA . GLN F 1 14  ? 4.034   -31.312 46.423  1.00 48.64 ? 195 GLN F CA 1 
ATOM 653 C CA . VAL F 1 15  ? 4.201   -29.889 42.872  1.00 49.06 ? 196 VAL F CA 1 
ATOM 654 C CA . MET F 1 16  ? 2.168   -26.965 44.161  1.00 56.31 ? 197 MET F CA 1 
ATOM 655 C CA . ASP F 1 17  ? 4.385   -26.314 47.219  1.00 55.55 ? 198 ASP F CA 1 
ATOM 656 C CA . ASP F 1 18  ? 7.654   -26.898 45.337  1.00 63.13 ? 199 ASP F CA 1 
ATOM 657 C CA . ALA F 1 19  ? 6.887   -24.526 42.452  1.00 67.15 ? 200 ALA F CA 1 
ATOM 658 C CA . PRO F 1 20  ? 5.279   -21.359 43.946  1.00 74.69 ? 201 PRO F CA 1 
ATOM 659 C CA . MET F 1 21  ? 4.017   -19.748 40.744  1.00 78.40 ? 202 MET F CA 1 
ATOM 660 C CA . LEU F 1 22  ? 2.508   -22.948 39.315  1.00 69.77 ? 203 LEU F CA 1 
ATOM 661 C CA . GLN F 1 23  ? -0.548  -21.825 41.283  1.00 61.74 ? 204 GLN F CA 1 
ATOM 662 C CA . SER F 1 24  ? -1.138  -18.527 39.464  1.00 55.75 ? 205 SER F CA 1 
ATOM 663 C CA . TYR F 1 25  ? -0.256  -20.130 36.103  1.00 44.55 ? 206 TYR F CA 1 
ATOM 664 C CA . ILE F 1 26  ? -2.951  -22.842 36.332  1.00 56.12 ? 207 ILE F CA 1 
ATOM 665 C CA . ASN F 1 27  ? -5.364  -19.984 37.020  1.00 50.09 ? 208 ASN F CA 1 
ATOM 666 C CA . ASN F 1 28  ? -4.534  -17.928 33.909  1.00 54.90 ? 209 ASN F CA 1 
ATOM 667 C CA . ARG F 1 29  ? -4.749  -21.120 31.904  1.00 47.43 ? 210 ARG F CA 1 
ATOM 668 C CA . LEU F 1 30  ? -8.040  -22.492 33.156  1.00 51.62 ? 211 LEU F CA 1 
ATOM 669 C CA . MET F 1 31  ? -9.313  -18.930 32.708  1.00 52.62 ? 212 MET F CA 1 
ATOM 670 C CA . TYR F 1 32  ? -8.208  -18.582 29.097  1.00 46.01 ? 213 TYR F CA 1 
ATOM 671 C CA . GLY F 1 33  ? -9.175  -22.150 28.359  1.00 45.06 ? 214 GLY F CA 1 
ATOM 672 C CA . LEU F 1 34  ? -12.674 -21.555 29.627  1.00 50.48 ? 215 LEU F CA 1 
ATOM 673 C CA . ALA F 1 35  ? -12.980 -18.350 27.637  1.00 49.65 ? 216 ALA F CA 1 
ATOM 674 C CA . LEU F 1 36  ? -11.767 -20.266 24.597  1.00 47.62 ? 217 LEU F CA 1 
ATOM 675 C CA . LYS F 1 37  ? -14.500 -22.906 24.699  1.00 54.44 ? 218 LYS F CA 1 
ATOM 676 C CA . GLU F 1 38  ? -16.892 -20.029 25.420  1.00 48.36 ? 219 GLU F CA 1 
ATOM 677 C CA . GLU F 1 39  ? -16.063 -18.641 21.964  1.00 52.05 ? 220 GLU F CA 1 
ATOM 678 C CA . GLY F 1 40  ? -16.635 -22.187 20.802  1.00 55.75 ? 221 GLY F CA 1 
ATOM 679 C CA . GLN F 1 41  ? -20.271 -22.210 21.833  1.00 54.07 ? 222 GLN F CA 1 
ATOM 680 C CA . LEU F 1 42  ? -21.013 -18.601 20.888  1.00 55.16 ? 223 LEU F CA 1 
ATOM 681 C CA . LEU F 1 43  ? -19.950 -19.274 17.298  1.00 45.93 ? 224 LEU F CA 1 
ATOM 682 C CA . ASN F 1 44  ? -20.210 -22.956 16.370  1.00 59.08 ? 225 ASN F CA 1 
ATOM 683 C CA . ALA F 1 74  ? -14.583 -11.437 -2.048  1.00 49.00 ? 255 ALA F CA 1 
ATOM 684 C CA . ASP F 1 75  ? -17.465 -11.219 -4.494  1.00 43.73 ? 256 ASP F CA 1 
ATOM 685 C CA . ILE F 1 76  ? -19.177 -13.836 -2.331  1.00 35.37 ? 257 ILE F CA 1 
ATOM 686 C CA . ILE F 1 77  ? -18.821 -12.185 1.073   1.00 43.55 ? 258 ILE F CA 1 
ATOM 687 C CA . ALA F 1 78  ? -20.215 -9.226  -0.813  1.00 26.35 ? 259 ALA F CA 1 
ATOM 688 C CA . HIS F 1 79  ? -23.303 -11.161 -1.905  1.00 44.30 ? 260 HIS F CA 1 
ATOM 689 C CA . ALA F 1 80  ? -23.419 -12.308 1.730   1.00 44.54 ? 261 ALA F CA 1 
ATOM 690 C CA . ILE F 1 81  ? -23.465 -8.775  3.065   1.00 48.48 ? 262 ILE F CA 1 
ATOM 691 C CA . TYR F 1 82  ? -26.449 -8.236  0.808   1.00 45.21 ? 263 TYR F CA 1 
ATOM 692 C CA . GLN F 1 83  ? -28.389 -11.303 1.939   1.00 63.38 ? 264 GLN F CA 1 
ATOM 693 C CA . VAL F 1 84  ? -28.362 -9.613  5.336   1.00 56.11 ? 265 VAL F CA 1 
ATOM 694 C CA . THR F 1 85  ? -30.341 -6.775  3.785   1.00 57.80 ? 266 THR F CA 1 
ATOM 695 C CA . GLU F 1 86  ? -33.216 -9.084  2.889   1.00 76.77 ? 267 GLU F CA 1 
ATOM 696 C CA . SER F 1 87  ? -33.753 -9.095  6.689   1.00 72.62 ? 268 SER F CA 1 
ATOM 697 C CA . GLU F 1 88  ? -33.889 -5.298  6.655   1.00 66.66 ? 269 GLU F CA 1 
ATOM 698 C CA . GLY F 1 93  ? -18.970 -7.617  10.417  1.00 64.54 ? 274 GLY F CA 1 
ATOM 699 C CA . ILE F 1 94  ? -17.409 -10.521 8.583   1.00 64.83 ? 275 ILE F CA 1 
ATOM 700 C CA . VAL F 1 95  ? -16.175 -13.595 10.461  1.00 56.82 ? 276 VAL F CA 1 
ATOM 701 C CA . LEU F 1 96  ? -13.655 -15.472 8.344   1.00 75.97 ? 277 LEU F CA 1 
ATOM 702 C CA . ASN F 1 97  ? -11.011 -18.069 8.958   1.00 60.34 ? 278 ASN F CA 1 
ATOM 703 C CA . PRO F 1 98  ? -7.482  -16.583 9.281   1.00 60.23 ? 279 PRO F CA 1 
ATOM 704 C CA . ARG F 1 99  ? -6.380  -18.683 6.319   1.00 60.45 ? 280 ARG F CA 1 
ATOM 705 C CA . ASP F 1 100 ? -9.260  -17.682 4.034   1.00 59.32 ? 281 ASP F CA 1 
ATOM 706 C CA . TRP F 1 101 ? -8.735  -14.003 4.977   1.00 53.86 ? 282 TRP F CA 1 
ATOM 707 C CA . HIS F 1 102 ? -5.054  -14.118 4.012   1.00 45.11 ? 283 HIS F CA 1 
ATOM 708 C CA . ASN F 1 103 ? -5.840  -15.748 0.635   1.00 62.39 ? 284 ASN F CA 1 
ATOM 709 C CA . ILE F 1 104 ? -8.394  -13.009 -0.035  1.00 52.23 ? 285 ILE F CA 1 
ATOM 710 C CA . ALA F 1 105 ? -6.174  -10.088 0.872   1.00 56.86 ? 286 ALA F CA 1 
ATOM 711 C CA . LEU F 1 106 ? -3.642  -11.318 -1.634  1.00 69.76 ? 287 LEU F CA 1 
ATOM 712 C CA . ILE F 1 126 ? -11.997 -4.129  6.313   1.00 67.68 ? 307 ILE F CA 1 
ATOM 713 C CA . MET F 1 127 ? -13.947 -5.563  3.414   1.00 68.48 ? 308 MET F CA 1 
ATOM 714 C CA . TRP F 1 128 ? -16.950 -3.980  1.684   1.00 52.43 ? 309 TRP F CA 1 
ATOM 715 C CA . GLY F 1 129 ? -17.124 -1.311  4.389   1.00 58.10 ? 310 GLY F CA 1 
ATOM 716 C CA . LEU F 1 130 ? -17.244 -3.739  7.293   1.00 61.35 ? 311 LEU F CA 1 
ATOM 717 C CA . PRO F 1 131 ? -14.764 -4.849  9.937   1.00 61.19 ? 312 PRO F CA 1 
ATOM 718 C CA . VAL F 1 132 ? -13.269 -8.318  9.565   1.00 53.92 ? 313 VAL F CA 1 
ATOM 719 C CA . VAL F 1 133 ? -12.678 -10.738 12.378  1.00 63.30 ? 314 VAL F CA 1 
ATOM 720 C CA . PRO F 1 134 ? -10.249 -13.558 11.598  1.00 66.30 ? 315 PRO F CA 1 
ATOM 721 C CA . THR F 1 142 ? -16.780 -21.339 6.408   1.00 66.71 ? 323 THR F CA 1 
ATOM 722 C CA . PHE F 1 143 ? -17.897 -17.692 6.649   1.00 63.46 ? 324 PHE F CA 1 
ATOM 723 C CA . THR F 1 144 ? -20.325 -15.742 8.794   1.00 58.47 ? 325 THR F CA 1 
ATOM 724 C CA . VAL F 1 145 ? -21.781 -12.339 7.981   1.00 64.74 ? 326 VAL F CA 1 
ATOM 725 C CA . GLY F 1 146 ? -24.467 -10.688 10.050  1.00 59.52 ? 327 GLY F CA 1 
ATOM 726 C CA . GLY F 1 147 ? -25.620 -7.721  12.091  1.00 62.47 ? 328 GLY F CA 1 
ATOM 727 C CA . PHE F 1 148 ? -24.210 -9.155  15.289  1.00 66.86 ? 329 PHE F CA 1 
ATOM 728 C CA . ASP F 1 149 ? -24.450 -5.945  17.349  1.00 74.69 ? 330 ASP F CA 1 
ATOM 729 C CA . MET F 1 150 ? -28.240 -6.414  17.508  1.00 75.58 ? 331 MET F CA 1 
ATOM 730 C CA . ALA F 1 151 ? -29.238 -9.863  16.384  1.00 73.74 ? 332 ALA F CA 1 
ATOM 731 C CA . SER F 1 152 ? -28.033 -11.795 19.403  1.00 69.72 ? 333 SER F CA 1 
ATOM 732 C CA . GLN F 1 153 ? -27.113 -10.970 22.957  1.00 55.71 ? 334 GLN F CA 1 
ATOM 733 C CA . VAL F 1 154 ? -24.891 -12.560 25.545  1.00 62.65 ? 335 VAL F CA 1 
ATOM 734 C CA . TRP F 1 155 ? -26.254 -12.723 29.070  1.00 63.17 ? 336 TRP F CA 1 
ATOM 735 C CA . ASP F 1 156 ? -23.750 -13.190 31.885  1.00 76.03 ? 337 ASP F CA 1 
ATOM 736 C CA . ARG F 1 157 ? -24.988 -14.779 35.112  1.00 80.82 ? 338 ARG F CA 1 
ATOM 737 C CA . MET F 1 158 ? -21.622 -15.403 36.695  1.00 83.58 ? 339 MET F CA 1 
ATOM 738 C CA . ASP F 1 159 ? -18.205 -14.123 35.646  1.00 83.33 ? 340 ASP F CA 1 
ATOM 739 C CA . ALA F 1 160 ? -15.423 -16.655 35.209  1.00 71.80 ? 341 ALA F CA 1 
ATOM 740 C CA . THR F 1 161 ? -14.027 -17.629 38.614  1.00 72.09 ? 342 THR F CA 1 
ATOM 741 C CA . VAL F 1 162 ? -11.242 -19.770 39.989  1.00 69.71 ? 343 VAL F CA 1 
ATOM 742 C CA . GLU F 1 163 ? -11.489 -21.616 43.297  1.00 74.87 ? 344 GLU F CA 1 
ATOM 743 C CA . VAL F 1 164 ? -9.293  -24.135 45.120  1.00 73.75 ? 345 VAL F CA 1 
ATOM 744 C CA . SER F 1 165 ? -10.113 -27.104 47.386  1.00 73.56 ? 346 SER F CA 1 
ATOM 745 C CA . MET F 1 176 ? -3.697  -33.437 46.279  1.00 65.36 ? 357 MET F CA 1 
ATOM 746 C CA . LEU F 1 177 ? -5.344  -30.134 45.360  1.00 71.05 ? 358 LEU F CA 1 
ATOM 747 C CA . THR F 1 178 ? -8.241  -29.413 43.040  1.00 63.14 ? 359 THR F CA 1 
ATOM 748 C CA . ILE F 1 179 ? -8.398  -26.189 41.059  1.00 67.09 ? 360 ILE F CA 1 
ATOM 749 C CA . LEU F 1 180 ? -11.767 -25.257 39.601  1.00 69.44 ? 361 LEU F CA 1 
ATOM 750 C CA . CYS F 1 181 ? -12.846 -22.729 37.014  1.00 61.61 ? 362 CYS F CA 1 
ATOM 751 C CA . GLU F 1 182 ? -16.470 -22.113 36.022  1.00 70.11 ? 363 GLU F CA 1 
ATOM 752 C CA . GLU F 1 183 ? -18.680 -19.507 34.339  1.00 69.24 ? 364 GLU F CA 1 
ATOM 753 C CA . ARG F 1 184 ? -22.450 -19.069 33.660  1.00 68.95 ? 365 ARG F CA 1 
ATOM 754 C CA . LEU F 1 185 ? -23.882 -17.856 30.329  1.00 67.63 ? 366 LEU F CA 1 
ATOM 755 C CA . ALA F 1 186 ? -26.952 -17.560 28.235  1.00 69.51 ? 367 ALA F CA 1 
ATOM 756 C CA . LEU F 1 187 ? -27.090 -16.854 24.543  1.00 71.39 ? 368 LEU F CA 1 
ATOM 757 C CA . ALA F 1 188 ? -30.103 -15.131 23.084  1.00 67.97 ? 369 ALA F CA 1 
ATOM 758 C CA . HIS F 1 189 ? -30.946 -14.980 19.396  1.00 71.34 ? 370 HIS F CA 1 
ATOM 759 C CA . TYR F 1 190 ? -33.406 -12.184 18.654  1.00 73.77 ? 371 TYR F CA 1 
ATOM 760 C CA . ARG F 1 191 ? -33.139 -11.959 14.850  1.00 73.01 ? 372 ARG F CA 1 
ATOM 761 C CA . PRO F 1 192 ? -31.754 -15.001 13.010  1.00 67.81 ? 373 PRO F CA 1 
ATOM 762 C CA . THR F 1 193 ? -32.583 -13.571 9.614   1.00 76.61 ? 374 THR F CA 1 
ATOM 763 C CA . ALA F 1 194 ? -29.746 -11.248 10.493  1.00 73.41 ? 375 ALA F CA 1 
ATOM 764 C CA . ILE F 1 195 ? -26.963 -13.765 10.248  1.00 68.34 ? 376 ILE F CA 1 
ATOM 765 C CA . ILE F 1 196 ? -25.578 -15.779 7.362   1.00 64.88 ? 377 ILE F CA 1 
ATOM 766 C CA . LYS F 1 197 ? -23.445 -18.935 7.203   1.00 71.57 ? 378 LYS F CA 1 
ATOM 767 C CA . GLY F 1 198 ? -21.931 -20.012 3.912   1.00 78.03 ? 379 GLY F CA 1 
ATOM 768 C CA . THR F 1 199 ? -19.242 -22.048 2.217   1.00 81.61 ? 380 THR F CA 1 
ATOM 769 C CA . ASN G 1 1   ? 25.888  -39.685 47.638  1.00 74.00 ? 182 ASN G CA 1 
ATOM 770 C CA . VAL G 1 2   ? 23.423  -38.740 50.362  1.00 66.69 ? 183 VAL G CA 1 
ATOM 771 C CA . LYS G 1 3   ? 20.849  -41.293 51.336  1.00 77.41 ? 184 LYS G CA 1 
ATOM 772 C CA . THR G 1 4   ? 17.674  -41.407 53.432  1.00 74.78 ? 185 THR G CA 1 
ATOM 773 C CA . ILE G 1 5   ? 16.850  -43.381 56.581  1.00 68.80 ? 186 ILE G CA 1 
ATOM 774 C CA . ALA G 1 6   ? 13.357  -43.356 58.033  1.00 63.42 ? 187 ALA G CA 1 
ATOM 775 C CA . HIS G 1 7   ? 10.326  -45.111 59.460  1.00 59.55 ? 188 HIS G CA 1 
ATOM 776 C CA . TRP G 1 8   ? 6.880   -44.095 60.657  1.00 58.22 ? 189 TRP G CA 1 
ATOM 777 C CA . VAL G 1 9   ? 4.238   -45.150 63.130  1.00 70.39 ? 190 VAL G CA 1 
ATOM 778 C CA . GLN G 1 10  ? 0.490   -45.021 62.816  1.00 79.59 ? 191 GLN G CA 1 
ATOM 779 C CA . ALA G 1 11  ? -1.331  -44.219 66.050  1.00 74.77 ? 192 ALA G CA 1 
ATOM 780 C CA . SER G 1 12  ? -4.857  -43.493 67.195  1.00 60.79 ? 193 SER G CA 1 
ATOM 781 C CA . ARG G 1 13  ? -5.789  -39.829 67.416  1.00 59.78 ? 194 ARG G CA 1 
ATOM 782 C CA . GLN G 1 14  ? -7.729  -40.701 70.558  1.00 52.59 ? 195 GLN G CA 1 
ATOM 783 C CA . VAL G 1 15  ? -4.681  -42.401 72.170  1.00 46.84 ? 196 VAL G CA 1 
ATOM 784 C CA . MET G 1 16  ? -2.441  -39.491 71.217  1.00 56.05 ? 197 MET G CA 1 
ATOM 785 C CA . ASP G 1 17  ? -4.754  -36.958 72.873  1.00 54.84 ? 198 ASP G CA 1 
ATOM 786 C CA . ASP G 1 18  ? -5.567  -38.961 76.019  1.00 67.01 ? 199 ASP G CA 1 
ATOM 787 C CA . ALA G 1 19  ? -1.930  -39.760 76.852  1.00 75.34 ? 200 ALA G CA 1 
ATOM 788 C CA . PRO G 1 20  ? 0.106   -36.553 76.453  1.00 84.93 ? 201 PRO G CA 1 
ATOM 789 C CA . MET G 1 21  ? 3.396   -38.052 77.552  1.00 87.88 ? 202 MET G CA 1 
ATOM 790 C CA . LEU G 1 22  ? 2.900   -40.766 74.899  1.00 68.96 ? 203 LEU G CA 1 
ATOM 791 C CA . GLN G 1 23  ? 3.818   -38.678 71.856  1.00 61.93 ? 204 GLN G CA 1 
ATOM 792 C CA . SER G 1 24  ? 6.934   -37.369 73.590  1.00 62.28 ? 205 SER G CA 1 
ATOM 793 C CA . TYR G 1 25  ? 8.110   -41.014 73.971  1.00 57.30 ? 206 TYR G CA 1 
ATOM 794 C CA . ILE G 1 26  ? 7.267   -42.278 70.477  1.00 57.04 ? 207 ILE G CA 1 
ATOM 795 C CA . ASN G 1 27  ? 9.351   -39.340 69.231  1.00 54.78 ? 208 ASN G CA 1 
ATOM 796 C CA . ASN G 1 28  ? 12.499  -40.147 71.205  1.00 55.90 ? 209 ASN G CA 1 
ATOM 797 C CA . ARG G 1 29  ? 12.007  -43.887 70.715  1.00 48.27 ? 210 ARG G CA 1 
ATOM 798 C CA . LEU G 1 30  ? 11.598  -43.573 66.937  1.00 47.26 ? 211 LEU G CA 1 
ATOM 799 C CA . MET G 1 31  ? 14.755  -41.479 66.846  1.00 50.91 ? 212 MET G CA 1 
ATOM 800 C CA . TYR G 1 32  ? 16.758  -43.875 68.973  1.00 55.48 ? 213 TYR G CA 1 
ATOM 801 C CA . GLY G 1 33  ? 15.704  -46.666 66.655  1.00 47.75 ? 214 GLY G CA 1 
ATOM 802 C CA . LEU G 1 34  ? 16.700  -44.554 63.706  1.00 52.08 ? 215 LEU G CA 1 
ATOM 803 C CA . ALA G 1 35  ? 20.157  -43.951 65.151  1.00 50.38 ? 216 ALA G CA 1 
ATOM 804 C CA . LEU G 1 36  ? 20.692  -47.708 65.448  1.00 55.02 ? 217 LEU G CA 1 
ATOM 805 C CA . LYS G 1 37  ? 20.129  -48.437 61.789  1.00 57.09 ? 218 LYS G CA 1 
ATOM 806 C CA . GLU G 1 38  ? 22.218  -45.332 61.141  1.00 49.67 ? 219 GLU G CA 1 
ATOM 807 C CA . GLU G 1 39  ? 25.167  -46.956 62.901  1.00 49.76 ? 220 GLU G CA 1 
ATOM 808 C CA . GLY G 1 40  ? 24.397  -49.994 60.755  1.00 49.88 ? 221 GLY G CA 1 
ATOM 809 C CA . GLN G 1 41  ? 24.893  -48.198 57.452  1.00 51.84 ? 222 GLN G CA 1 
ATOM 810 C CA . LEU G 1 42  ? 27.900  -46.272 58.732  1.00 58.88 ? 223 LEU G CA 1 
ATOM 811 C CA . LEU G 1 43  ? 29.570  -49.632 59.308  1.00 49.95 ? 224 LEU G CA 1 
ATOM 812 C CA . ASN G 1 44  ? 28.350  -52.524 57.147  1.00 65.66 ? 225 ASN G CA 1 
ATOM 813 C CA . GLY G 1 45  ? 27.151  -50.164 54.437  1.00 57.67 ? 226 GLY G CA 1 
ATOM 814 C CA . GLY G 1 54  ? 30.220  -47.952 54.881  1.00 55.21 ? 235 GLY G CA 1 
ATOM 815 C CA . LEU G 1 55  ? 33.467  -48.192 56.832  1.00 70.85 ? 236 LEU G CA 1 
ATOM 816 C CA . ASN G 1 56  ? 33.806  -51.937 56.250  1.00 72.08 ? 237 ASN G CA 1 
ATOM 817 C CA . LYS G 1 57  ? 33.274  -51.780 52.469  1.00 80.97 ? 238 LYS G CA 1 
ATOM 818 C CA . VAL G 1 58  ? 36.204  -49.436 52.100  1.00 81.56 ? 239 VAL G CA 1 
ATOM 819 C CA . ALA G 1 59  ? 38.703  -50.792 54.596  1.00 73.98 ? 240 ALA G CA 1 
ATOM 820 C CA . THR G 1 60  ? 41.976  -52.332 53.507  1.00 78.98 ? 241 THR G CA 1 
ATOM 821 C CA . ALA G 1 61  ? 42.138  -55.943 54.675  1.00 80.55 ? 242 ALA G CA 1 
ATOM 822 C CA . ALA G 1 74  ? 44.106  -58.799 71.715  1.00 52.81 ? 255 ALA G CA 1 
ATOM 823 C CA . ASP G 1 75  ? 47.499  -58.922 70.023  1.00 40.92 ? 256 ASP G CA 1 
ATOM 824 C CA . ILE G 1 76  ? 45.723  -58.832 66.664  1.00 37.94 ? 257 ILE G CA 1 
ATOM 825 C CA . ILE G 1 77  ? 43.744  -55.658 67.277  1.00 35.79 ? 258 ILE G CA 1 
ATOM 826 C CA . ALA G 1 78  ? 47.050  -54.194 68.439  1.00 27.00 ? 259 ALA G CA 1 
ATOM 827 C CA . HIS G 1 79  ? 48.689  -55.293 65.197  1.00 40.29 ? 260 HIS G CA 1 
ATOM 828 C CA . ALA G 1 80  ? 45.785  -53.661 63.347  1.00 39.61 ? 261 ALA G CA 1 
ATOM 829 C CA . ILE G 1 81  ? 46.350  -50.454 65.280  1.00 47.36 ? 262 ILE G CA 1 
ATOM 830 C CA . TYR G 1 82  ? 49.862  -50.576 63.835  1.00 41.56 ? 263 TYR G CA 1 
ATOM 831 C CA . GLN G 1 83  ? 48.814  -51.487 60.266  1.00 59.52 ? 264 GLN G CA 1 
ATOM 832 C CA . VAL G 1 84  ? 46.973  -48.165 60.216  1.00 50.54 ? 265 VAL G CA 1 
ATOM 833 C CA . THR G 1 85  ? 50.264  -46.269 60.432  1.00 53.20 ? 266 THR G CA 1 
ATOM 834 C CA . GLU G 1 86  ? 51.161  -47.163 56.844  1.00 76.09 ? 267 GLU G CA 1 
ATOM 835 C CA . SER G 1 87  ? 48.466  -44.691 55.789  1.00 62.70 ? 268 SER G CA 1 
ATOM 836 C CA . GLU G 1 88  ? 50.166  -41.855 57.684  1.00 69.33 ? 269 GLU G CA 1 
ATOM 837 C CA . GLY G 1 93  ? 39.202  -46.390 67.696  1.00 60.75 ? 274 GLY G CA 1 
ATOM 838 C CA . ILE G 1 94  ? 38.123  -50.007 67.751  1.00 62.79 ? 275 ILE G CA 1 
ATOM 839 C CA . VAL G 1 95  ? 34.774  -51.452 66.662  1.00 55.79 ? 276 VAL G CA 1 
ATOM 840 C CA . LEU G 1 96  ? 34.038  -54.984 67.910  1.00 69.01 ? 277 LEU G CA 1 
ATOM 841 C CA . ASN G 1 97  ? 30.909  -57.035 68.378  1.00 56.10 ? 278 ASN G CA 1 
ATOM 842 C CA . PRO G 1 98  ? 29.502  -56.905 71.959  1.00 58.61 ? 279 PRO G CA 1 
ATOM 843 C CA . ARG G 1 99  ? 29.930  -60.644 72.587  1.00 57.47 ? 280 ARG G CA 1 
ATOM 844 C CA . ASP G 1 100 ? 33.476  -60.557 71.181  1.00 53.83 ? 281 ASP G CA 1 
ATOM 845 C CA . TRP G 1 101 ? 34.414  -57.482 73.235  1.00 47.84 ? 282 TRP G CA 1 
ATOM 846 C CA . HIS G 1 102 ? 32.971  -59.111 76.393  1.00 47.83 ? 283 HIS G CA 1 
ATOM 847 C CA . ASN G 1 103 ? 35.289  -62.073 75.854  1.00 56.30 ? 284 ASN G CA 1 
ATOM 848 C CA . ILE G 1 104 ? 38.402  -60.179 74.722  1.00 56.47 ? 285 ILE G CA 1 
ATOM 849 C CA . ALA G 1 105 ? 38.091  -58.316 78.001  1.00 58.41 ? 286 ALA G CA 1 
ATOM 850 C CA . LEU G 1 106 ? 38.092  -61.393 80.199  1.00 70.38 ? 287 LEU G CA 1 
ATOM 851 C CA . LEU G 1 130 ? 41.695  -46.363 72.273  1.00 53.33 ? 311 LEU G CA 1 
ATOM 852 C CA . PRO G 1 131 ? 37.935  -46.035 72.523  1.00 61.09 ? 312 PRO G CA 1 
ATOM 853 C CA . VAL G 1 132 ? 35.772  -49.036 71.768  1.00 50.56 ? 313 VAL G CA 1 
ATOM 854 C CA . VAL G 1 133 ? 32.405  -49.247 70.157  1.00 62.37 ? 314 VAL G CA 1 
ATOM 855 C CA . PRO G 1 134 ? 30.574  -52.471 70.993  1.00 59.13 ? 315 PRO G CA 1 
ATOM 856 C CA . THR G 1 142 ? 34.691  -59.327 62.629  1.00 71.91 ? 323 THR G CA 1 
ATOM 857 C CA . PHE G 1 143 ? 36.745  -56.330 63.774  1.00 65.92 ? 324 PHE G CA 1 
ATOM 858 C CA . THR G 1 144 ? 37.287  -52.793 62.514  1.00 58.16 ? 325 THR G CA 1 
ATOM 859 C CA . VAL G 1 145 ? 40.178  -50.543 63.483  1.00 63.31 ? 326 VAL G CA 1 
ATOM 860 C CA . GLY G 1 146 ? 41.111  -47.307 61.778  1.00 63.14 ? 327 GLY G CA 1 
ATOM 861 C CA . GLY G 1 147 ? 41.745  -43.592 62.213  1.00 62.92 ? 328 GLY G CA 1 
ATOM 862 C CA . PHE G 1 148 ? 38.094  -42.625 62.217  1.00 64.77 ? 329 PHE G CA 1 
ATOM 863 C CA . ASP G 1 149 ? 38.422  -39.131 63.686  1.00 66.50 ? 330 ASP G CA 1 
ATOM 864 C CA . MET G 1 150 ? 40.054  -37.943 60.457  1.00 70.54 ? 331 MET G CA 1 
ATOM 865 C CA . ALA G 1 151 ? 40.083  -40.502 57.676  1.00 75.20 ? 332 ALA G CA 1 
ATOM 866 C CA . SER G 1 152 ? 36.345  -40.379 57.120  1.00 65.70 ? 333 SER G CA 1 
ATOM 867 C CA . GLN G 1 153 ? 33.521  -38.076 58.107  1.00 62.31 ? 334 GLN G CA 1 
ATOM 868 C CA . VAL G 1 154 ? 29.750  -38.066 58.235  1.00 63.52 ? 335 VAL G CA 1 
ATOM 869 C CA . TRP G 1 155 ? 27.904  -35.357 56.356  1.00 64.26 ? 336 TRP G CA 1 
ATOM 870 C CA . ASP G 1 156 ? 24.402  -34.533 57.574  1.00 75.25 ? 337 ASP G CA 1 
ATOM 871 C CA . ARG G 1 157 ? 21.836  -33.088 55.183  1.00 73.48 ? 338 ARG G CA 1 
ATOM 872 C CA . MET G 1 158 ? 18.975  -33.357 57.606  1.00 74.74 ? 339 MET G CA 1 
ATOM 873 C CA . ASP G 1 159 ? 19.148  -33.942 61.342  1.00 77.24 ? 340 ASP G CA 1 
ATOM 874 C CA . ALA G 1 160 ? 16.765  -36.556 62.694  1.00 70.23 ? 341 ALA G CA 1 
ATOM 875 C CA . THR G 1 161 ? 13.294  -35.051 62.700  1.00 68.41 ? 342 THR G CA 1 
ATOM 876 C CA . VAL G 1 162 ? 9.784   -36.004 63.605  1.00 68.62 ? 343 VAL G CA 1 
ATOM 877 C CA . GLU G 1 163 ? 6.709   -34.741 61.806  1.00 71.43 ? 344 GLU G CA 1 
ATOM 878 C CA . VAL G 1 164 ? 3.036   -35.604 62.122  1.00 68.83 ? 345 VAL G CA 1 
ATOM 879 C CA . SER G 1 165 ? 0.141   -35.770 59.678  1.00 68.64 ? 346 SER G CA 1 
ATOM 880 C CA . MET G 1 176 ? -5.620  -41.563 62.937  1.00 73.25 ? 357 MET G CA 1 
ATOM 881 C CA . LEU G 1 177 ? -2.276  -39.897 63.199  1.00 72.22 ? 358 LEU G CA 1 
ATOM 882 C CA . THR G 1 178 ? 0.877   -40.731 61.299  1.00 64.23 ? 359 THR G CA 1 
ATOM 883 C CA . ILE G 1 179 ? 4.165   -40.055 63.060  1.00 68.13 ? 360 ILE G CA 1 
ATOM 884 C CA . LEU G 1 180 ? 7.083   -39.942 60.659  1.00 66.91 ? 361 LEU G CA 1 
ATOM 885 C CA . CYS G 1 181 ? 10.728  -39.932 61.602  1.00 63.65 ? 362 CYS G CA 1 
ATOM 886 C CA . GLU G 1 182 ? 13.426  -39.504 59.007  1.00 63.01 ? 363 GLU G CA 1 
ATOM 887 C CA . GLU G 1 183 ? 17.043  -38.417 58.663  1.00 66.71 ? 364 GLU G CA 1 
ATOM 888 C CA . ARG G 1 184 ? 19.290  -38.045 55.625  1.00 66.77 ? 365 ARG G CA 1 
ATOM 889 C CA . LEU G 1 185 ? 23.091  -38.157 55.543  1.00 69.40 ? 366 LEU G CA 1 
ATOM 890 C CA . ALA G 1 186 ? 26.085  -39.287 53.555  1.00 68.13 ? 367 ALA G CA 1 
ATOM 891 C CA . LEU G 1 187 ? 29.478  -40.677 54.392  1.00 67.93 ? 368 LEU G CA 1 
ATOM 892 C CA . ALA G 1 188 ? 32.837  -39.873 52.868  1.00 60.62 ? 369 ALA G CA 1 
ATOM 893 C CA . HIS G 1 189 ? 36.143  -41.709 53.204  1.00 61.51 ? 370 HIS G CA 1 
ATOM 894 C CA . ILE G 1 195 ? 40.645  -48.087 58.047  1.00 67.43 ? 376 ILE G CA 1 
ATOM 895 C CA . ILE G 1 196 ? 41.257  -51.783 58.619  1.00 65.02 ? 377 ILE G CA 1 
ATOM 896 C CA . LYS G 1 197 ? 38.931  -54.780 58.886  1.00 77.84 ? 378 LYS G CA 1 
ATOM 897 C CA . GLY G 1 198 ? 39.908  -58.337 59.710  1.00 86.21 ? 379 GLY G CA 1 
ATOM 898 C CA . THR G 1 199 ? 38.606  -61.643 61.018  1.00 87.74 ? 380 THR G CA 1 
# 
